data_7LR6
#
_entry.id   7LR6
#
_cell.length_a   105.257
_cell.length_b   142.989
_cell.length_c   157.444
_cell.angle_alpha   90.000
_cell.angle_beta   90.000
_cell.angle_gamma   90.000
#
_symmetry.space_group_name_H-M   'P 21 21 21'
#
loop_
_entity.id
_entity.type
_entity.pdbx_description
1 polymer 'Glycosyl hydrolase BlGH5_18'
2 branched beta-D-mannopyranose-(1-4)-2-acetamido-2-deoxy-beta-D-glucopyranose
3 non-polymer 'PHOSPHATE ION'
4 water water
#
_entity_poly.entity_id   1
_entity_poly.type   'polypeptide(L)'
_entity_poly.pdbx_seq_one_letter_code
;MGSSHHHHHHSSGLVPRGSHMKFGVNYTPSHGWFHAWLDPDWDGIDNDLKQISELGMDHVRIFPIWPYLQPNRTWINKKG
VADVRRMVHIAGEHGLDAYVDVFQGHLSSFDFLPSWLVTWHAGNMFTDADAVAAERELVKTMTDELSKEPAFKGLTLGNA
VNQLSDRPHPTKMSATDRQIDAWLDALLPTAAGEGHNALYSVNDGTWFIDGHPFTPVQSATKGDMTVIHSWVFNGIAQGY
GATSEECSSYALYLAELAKAFGKDSERPVWLQEVGAPENVLETDYTPEFCRKTVERAMDCRNLWGVTWWCSHDVPASMED
FPFFEHSLGLFDEQGQLKPIGRTFGELAAQYRSALPAQPKTVAVVIDVDEAGNPVNRSALGPGGSVCDLWMKLQVAGQRP
TIITSQVAANQEALAQRGILELHADEHPYAARYYTAVSDPSFETAD
;
_entity_poly.pdbx_strand_id   A,B,C,D
#
# COMPACT_ATOMS: atom_id res chain seq x y z
N HIS A 20 7.27 36.54 -13.44
CA HIS A 20 6.80 36.16 -14.77
C HIS A 20 7.41 34.85 -15.23
N MET A 21 6.55 33.96 -15.69
CA MET A 21 6.91 32.64 -16.15
C MET A 21 6.74 32.60 -17.66
N LYS A 22 7.77 32.15 -18.36
CA LYS A 22 7.74 32.19 -19.83
C LYS A 22 7.12 30.92 -20.40
N PHE A 23 6.35 31.08 -21.46
CA PHE A 23 5.73 29.96 -22.15
C PHE A 23 5.95 30.10 -23.63
N GLY A 24 6.51 29.07 -24.25
CA GLY A 24 6.75 29.12 -25.67
C GLY A 24 6.77 27.76 -26.33
N VAL A 25 7.19 27.69 -27.59
CA VAL A 25 7.23 26.43 -28.32
C VAL A 25 8.51 26.31 -29.10
N ASN A 26 8.92 25.07 -29.30
CA ASN A 26 9.94 24.75 -30.26
C ASN A 26 9.29 24.74 -31.63
N TYR A 27 9.76 25.62 -32.52
CA TYR A 27 9.07 25.90 -33.78
C TYR A 27 9.52 24.92 -34.85
N THR A 28 8.61 24.04 -35.25
CA THR A 28 8.83 23.12 -36.36
C THR A 28 8.02 23.62 -37.56
N PRO A 29 8.65 24.16 -38.61
CA PRO A 29 7.89 24.74 -39.72
C PRO A 29 6.91 23.74 -40.32
N SER A 30 5.66 24.17 -40.51
CA SER A 30 4.61 23.22 -40.86
C SER A 30 4.68 22.78 -42.32
N HIS A 31 5.17 23.63 -43.22
CA HIS A 31 5.49 23.21 -44.58
C HIS A 31 6.99 22.99 -44.61
N GLY A 32 7.41 21.74 -44.75
CA GLY A 32 8.80 21.41 -44.99
C GLY A 32 9.64 21.05 -43.78
N TRP A 33 9.13 21.24 -42.58
CA TRP A 33 9.91 20.91 -41.37
C TRP A 33 11.21 21.72 -41.47
N PHE A 34 12.33 21.21 -40.97
CA PHE A 34 13.58 21.96 -41.08
C PHE A 34 14.23 21.77 -42.43
N HIS A 35 13.60 21.03 -43.32
CA HIS A 35 14.02 21.14 -44.71
C HIS A 35 13.51 22.41 -45.34
N ALA A 36 12.73 23.21 -44.59
CA ALA A 36 12.24 24.47 -45.13
C ALA A 36 13.39 25.43 -45.40
N TRP A 37 14.47 25.35 -44.62
CA TRP A 37 15.63 26.20 -44.87
C TRP A 37 16.13 26.08 -46.31
N LEU A 38 15.90 24.93 -46.95
CA LEU A 38 16.30 24.72 -48.33
C LEU A 38 15.38 25.39 -49.34
N ASP A 39 14.14 25.71 -48.96
CA ASP A 39 13.17 26.34 -49.86
C ASP A 39 12.07 26.93 -49.00
N PRO A 40 12.33 28.03 -48.31
CA PRO A 40 11.40 28.48 -47.26
C PRO A 40 10.14 29.06 -47.87
N ASP A 41 8.99 28.60 -47.37
CA ASP A 41 7.68 29.18 -47.69
C ASP A 41 7.40 30.28 -46.66
N TRP A 42 7.80 31.51 -47.01
CA TRP A 42 7.81 32.58 -46.01
C TRP A 42 6.40 32.96 -45.60
N ASP A 43 5.45 32.97 -46.54
CA ASP A 43 4.05 33.19 -46.15
C ASP A 43 3.59 32.11 -45.18
N GLY A 44 4.01 30.86 -45.39
CA GLY A 44 3.61 29.79 -44.50
C GLY A 44 4.32 29.89 -43.15
N ILE A 45 5.54 30.40 -43.14
CA ILE A 45 6.23 30.56 -41.88
C ILE A 45 5.58 31.66 -41.07
N ASP A 46 5.09 32.70 -41.77
CA ASP A 46 4.37 33.78 -41.10
C ASP A 46 3.06 33.28 -40.49
N ASN A 47 2.34 32.43 -41.22
CA ASN A 47 1.12 31.85 -40.66
C ASN A 47 1.42 31.02 -39.42
N ASP A 48 2.46 30.18 -39.48
CA ASP A 48 2.89 29.41 -38.33
C ASP A 48 3.09 30.31 -37.10
N LEU A 49 3.85 31.40 -37.28
CA LEU A 49 4.27 32.20 -36.13
C LEU A 49 3.14 33.09 -35.62
N LYS A 50 2.25 33.55 -36.52
CA LYS A 50 1.02 34.21 -36.10
C LYS A 50 0.16 33.29 -35.22
N GLN A 51 -0.12 32.06 -35.69
CA GLN A 51 -0.87 31.08 -34.89
C GLN A 51 -0.27 30.90 -33.50
N ILE A 52 1.03 30.64 -33.46
CA ILE A 52 1.73 30.45 -32.20
C ILE A 52 1.51 31.64 -31.29
N SER A 53 1.62 32.84 -31.84
CA SER A 53 1.44 34.05 -31.06
C SER A 53 -0.01 34.17 -30.59
N GLU A 54 -0.98 33.83 -31.46
CA GLU A 54 -2.38 33.92 -31.08
C GLU A 54 -2.76 32.91 -30.02
N LEU A 55 -1.95 31.88 -29.82
CA LEU A 55 -2.17 30.93 -28.75
C LEU A 55 -1.74 31.49 -27.39
N GLY A 56 -1.05 32.63 -27.35
CA GLY A 56 -0.57 33.19 -26.10
C GLY A 56 0.87 32.84 -25.76
N MET A 57 1.61 32.25 -26.69
CA MET A 57 3.03 32.00 -26.49
C MET A 57 3.78 33.33 -26.45
N ASP A 58 4.86 33.37 -25.68
CA ASP A 58 5.70 34.55 -25.68
C ASP A 58 7.06 34.31 -26.33
N HIS A 59 7.38 33.08 -26.73
CA HIS A 59 8.68 32.87 -27.37
C HIS A 59 8.65 31.64 -28.25
N VAL A 60 9.60 31.58 -29.20
CA VAL A 60 9.86 30.38 -29.97
C VAL A 60 11.34 30.06 -29.90
N ARG A 61 11.63 28.78 -29.98
CA ARG A 61 12.96 28.27 -30.20
C ARG A 61 13.07 27.88 -31.67
N ILE A 62 14.19 28.24 -32.30
CA ILE A 62 14.37 28.14 -33.75
C ILE A 62 15.65 27.36 -34.03
N PHE A 63 15.62 26.51 -35.06
CA PHE A 63 16.70 25.54 -35.32
C PHE A 63 17.20 25.61 -36.76
N PRO A 64 18.23 26.43 -37.02
CA PRO A 64 18.94 26.33 -38.30
C PRO A 64 19.71 25.02 -38.39
N ILE A 65 20.18 24.74 -39.60
CA ILE A 65 20.92 23.51 -39.90
C ILE A 65 22.38 23.87 -40.15
N TRP A 66 23.26 23.30 -39.32
CA TRP A 66 24.69 23.61 -39.33
C TRP A 66 25.34 23.44 -40.71
N PRO A 67 25.23 22.29 -41.37
CA PRO A 67 25.86 22.18 -42.69
C PRO A 67 25.31 23.15 -43.73
N TYR A 68 24.18 23.84 -43.48
CA TYR A 68 23.74 24.85 -44.46
C TYR A 68 24.32 26.21 -44.14
N LEU A 69 24.58 26.49 -42.87
CA LEU A 69 25.23 27.72 -42.46
C LEU A 69 26.73 27.71 -42.75
N GLN A 70 27.38 26.55 -42.65
CA GLN A 70 28.84 26.46 -42.65
C GLN A 70 29.23 25.22 -43.47
N PRO A 71 28.98 25.26 -44.79
CA PRO A 71 29.28 24.06 -45.59
C PRO A 71 30.77 23.79 -45.69
N ASN A 72 31.60 24.79 -45.47
CA ASN A 72 33.04 24.59 -45.40
C ASN A 72 33.51 25.17 -44.07
N ARG A 73 34.61 24.61 -43.54
CA ARG A 73 35.08 25.05 -42.23
C ARG A 73 35.38 26.55 -42.19
N THR A 74 35.83 27.15 -43.30
CA THR A 74 36.14 28.58 -43.32
C THR A 74 35.23 29.35 -44.27
N TRP A 75 34.04 28.86 -44.57
CA TRP A 75 33.14 29.56 -45.47
C TRP A 75 31.74 29.50 -44.92
N ILE A 76 31.18 30.66 -44.57
CA ILE A 76 29.84 30.71 -43.98
C ILE A 76 28.86 31.15 -45.06
N ASN A 77 27.70 30.49 -45.08
CA ASN A 77 26.65 30.80 -46.04
C ASN A 77 25.90 32.04 -45.54
N LYS A 78 26.23 33.20 -46.11
CA LYS A 78 25.65 34.45 -45.63
C LYS A 78 24.15 34.50 -45.84
N LYS A 79 23.66 33.94 -46.95
CA LYS A 79 22.22 33.87 -47.19
C LYS A 79 21.53 33.03 -46.11
N GLY A 80 22.16 31.92 -45.72
CA GLY A 80 21.60 31.09 -44.66
C GLY A 80 21.44 31.87 -43.37
N VAL A 81 22.46 32.63 -43.01
CA VAL A 81 22.39 33.49 -41.83
C VAL A 81 21.24 34.49 -41.98
N ALA A 82 21.10 35.11 -43.16
CA ALA A 82 20.03 36.08 -43.35
C ALA A 82 18.66 35.43 -43.22
N ASP A 83 18.52 34.19 -43.68
CA ASP A 83 17.26 33.46 -43.50
C ASP A 83 16.94 33.25 -42.02
N VAL A 84 17.94 32.96 -41.20
CA VAL A 84 17.66 32.86 -39.77
C VAL A 84 17.24 34.21 -39.23
N ARG A 85 17.89 35.29 -39.69
CA ARG A 85 17.51 36.61 -39.21
C ARG A 85 16.08 36.94 -39.60
N ARG A 86 15.70 36.59 -40.83
CA ARG A 86 14.35 36.84 -41.30
C ARG A 86 13.33 36.11 -40.43
N MET A 87 13.64 34.87 -40.05
CA MET A 87 12.69 34.10 -39.25
C MET A 87 12.54 34.70 -37.87
N VAL A 88 13.65 35.12 -37.28
CA VAL A 88 13.60 35.86 -36.03
C VAL A 88 12.78 37.12 -36.19
N HIS A 89 12.98 37.84 -37.30
CA HIS A 89 12.24 39.08 -37.50
C HIS A 89 10.74 38.82 -37.61
N ILE A 90 10.35 37.79 -38.38
CA ILE A 90 8.94 37.48 -38.52
C ILE A 90 8.32 37.17 -37.16
N ALA A 91 9.04 36.42 -36.34
CA ALA A 91 8.52 36.09 -35.02
C ALA A 91 8.33 37.36 -34.19
N GLY A 92 9.27 38.30 -34.32
CA GLY A 92 9.16 39.57 -33.61
C GLY A 92 7.98 40.39 -34.08
N GLU A 93 7.59 40.23 -35.36
CA GLU A 93 6.42 40.95 -35.86
C GLU A 93 5.19 40.58 -35.05
N HIS A 94 5.10 39.32 -34.65
CA HIS A 94 3.95 38.78 -33.96
C HIS A 94 4.15 38.76 -32.45
N GLY A 95 5.08 39.57 -31.93
CA GLY A 95 5.25 39.69 -30.49
C GLY A 95 5.97 38.54 -29.83
N LEU A 96 6.65 37.68 -30.59
CA LEU A 96 7.38 36.56 -30.00
C LEU A 96 8.84 36.93 -29.82
N ASP A 97 9.39 36.54 -28.68
CA ASP A 97 10.84 36.51 -28.54
C ASP A 97 11.37 35.25 -29.19
N ALA A 98 12.59 35.33 -29.71
CA ALA A 98 13.19 34.25 -30.49
C ALA A 98 14.48 33.77 -29.83
N TYR A 99 14.61 32.46 -29.69
CA TYR A 99 15.83 31.84 -29.19
C TYR A 99 16.33 30.91 -30.27
N VAL A 100 17.64 30.94 -30.52
CA VAL A 100 18.20 30.28 -31.69
C VAL A 100 19.26 29.28 -31.25
N ASP A 101 19.12 28.05 -31.69
CA ASP A 101 20.12 27.00 -31.49
C ASP A 101 21.02 26.95 -32.72
N VAL A 102 22.34 26.84 -32.52
CA VAL A 102 23.21 26.90 -33.69
C VAL A 102 23.57 25.53 -34.25
N PHE A 103 24.15 24.65 -33.44
CA PHE A 103 24.80 23.46 -33.99
C PHE A 103 23.83 22.27 -34.05
N GLN A 104 22.96 22.29 -35.07
CA GLN A 104 22.19 21.10 -35.48
C GLN A 104 22.84 20.59 -36.77
N GLY A 105 23.53 19.45 -36.68
CA GLY A 105 23.60 18.68 -35.46
C GLY A 105 22.41 17.73 -35.44
N HIS A 106 21.86 17.50 -34.25
CA HIS A 106 20.88 16.44 -34.06
C HIS A 106 19.45 17.01 -33.98
N LEU A 107 18.54 16.44 -34.78
CA LEU A 107 17.13 16.83 -34.77
C LEU A 107 16.27 15.60 -35.02
N SER A 108 15.48 15.19 -34.03
CA SER A 108 14.45 14.15 -34.18
C SER A 108 15.03 12.89 -34.84
N SER A 109 16.20 12.47 -34.33
CA SER A 109 16.93 11.25 -34.69
C SER A 109 17.81 11.41 -35.94
N PHE A 110 17.91 12.59 -36.54
CA PHE A 110 18.76 12.81 -37.70
C PHE A 110 19.95 13.67 -37.34
N ASP A 111 21.12 13.30 -37.84
CA ASP A 111 22.34 14.08 -37.66
C ASP A 111 22.63 14.86 -38.94
N PHE A 112 22.77 16.17 -38.80
CA PHE A 112 23.16 17.04 -39.91
C PHE A 112 24.59 17.50 -39.63
N LEU A 113 25.55 16.88 -40.30
CA LEU A 113 26.93 17.24 -40.04
C LEU A 113 27.62 17.74 -41.29
N PRO A 114 28.40 18.81 -41.17
CA PRO A 114 29.18 19.31 -42.31
C PRO A 114 30.14 18.25 -42.83
N SER A 115 30.28 18.21 -44.15
CA SER A 115 31.15 17.22 -44.78
C SER A 115 32.59 17.31 -44.28
N TRP A 116 33.01 18.45 -43.73
CA TRP A 116 34.38 18.59 -43.26
C TRP A 116 34.58 18.01 -41.86
N LEU A 117 33.59 17.32 -41.31
CA LEU A 117 33.76 16.55 -40.08
C LEU A 117 33.42 15.07 -40.24
N VAL A 118 33.04 14.61 -41.43
CA VAL A 118 32.64 13.22 -41.64
C VAL A 118 33.53 12.58 -42.70
N THR A 119 33.40 11.24 -42.80
CA THR A 119 34.13 10.30 -43.65
C THR A 119 35.60 10.66 -43.84
N TRP A 120 36.01 10.97 -45.08
CA TRP A 120 37.41 11.30 -45.35
C TRP A 120 37.93 12.39 -44.43
N HIS A 121 37.04 13.25 -43.93
CA HIS A 121 37.39 14.36 -43.06
C HIS A 121 36.90 14.15 -41.63
N ALA A 122 36.73 12.89 -41.23
CA ALA A 122 36.25 12.57 -39.89
C ALA A 122 37.06 13.32 -38.86
N GLY A 123 36.38 14.11 -38.05
CA GLY A 123 37.05 14.90 -37.03
C GLY A 123 36.26 14.92 -35.75
N ASN A 124 36.66 15.75 -34.79
CA ASN A 124 36.02 15.81 -33.49
C ASN A 124 35.67 17.27 -33.20
N MET A 125 34.38 17.58 -33.23
CA MET A 125 33.88 18.94 -33.04
C MET A 125 34.09 19.47 -31.63
N PHE A 126 34.55 18.65 -30.69
CA PHE A 126 34.78 19.10 -29.33
C PHE A 126 36.26 19.31 -29.01
N THR A 127 37.17 18.56 -29.64
CA THR A 127 38.58 18.60 -29.29
C THR A 127 39.49 19.06 -30.44
N ASP A 128 39.02 19.11 -31.68
CA ASP A 128 39.86 19.58 -32.78
C ASP A 128 39.95 21.11 -32.70
N ALA A 129 41.18 21.63 -32.59
CA ALA A 129 41.39 23.07 -32.44
C ALA A 129 40.75 23.85 -33.59
N ASP A 130 40.93 23.42 -34.83
CA ASP A 130 40.32 24.21 -35.90
C ASP A 130 38.83 23.96 -36.04
N ALA A 131 38.31 22.86 -35.51
CA ALA A 131 36.85 22.73 -35.46
C ALA A 131 36.26 23.73 -34.47
N VAL A 132 36.85 23.81 -33.28
CA VAL A 132 36.39 24.75 -32.27
C VAL A 132 36.51 26.19 -32.78
N ALA A 133 37.60 26.49 -33.50
CA ALA A 133 37.77 27.85 -34.01
C ALA A 133 36.67 28.19 -35.00
N ALA A 134 36.33 27.24 -35.88
CA ALA A 134 35.28 27.49 -36.85
C ALA A 134 33.92 27.60 -36.18
N GLU A 135 33.67 26.75 -35.19
CA GLU A 135 32.46 26.87 -34.39
C GLU A 135 32.37 28.27 -33.77
N ARG A 136 33.47 28.71 -33.14
CA ARG A 136 33.53 30.03 -32.53
C ARG A 136 33.16 31.10 -33.54
N GLU A 137 33.67 30.98 -34.75
CA GLU A 137 33.41 31.97 -35.79
C GLU A 137 31.94 31.99 -36.19
N LEU A 138 31.30 30.82 -36.29
CA LEU A 138 29.88 30.80 -36.66
C LEU A 138 29.02 31.41 -35.56
N VAL A 139 29.30 31.05 -34.30
CA VAL A 139 28.57 31.63 -33.18
C VAL A 139 28.68 33.14 -33.21
N LYS A 140 29.91 33.65 -33.45
CA LYS A 140 30.14 35.09 -33.48
C LYS A 140 29.41 35.74 -34.64
N THR A 141 29.47 35.11 -35.82
CA THR A 141 28.72 35.61 -36.97
C THR A 141 27.23 35.65 -36.66
N MET A 142 26.71 34.58 -36.06
CA MET A 142 25.28 34.49 -35.76
C MET A 142 24.87 35.52 -34.73
N THR A 143 25.64 35.62 -33.63
CA THR A 143 25.31 36.58 -32.58
C THR A 143 25.36 38.02 -33.11
N ASP A 144 26.40 38.35 -33.89
CA ASP A 144 26.50 39.70 -34.44
C ASP A 144 25.31 40.04 -35.33
N GLU A 145 24.89 39.10 -36.19
CA GLU A 145 23.81 39.44 -37.10
C GLU A 145 22.44 39.43 -36.41
N LEU A 146 22.17 38.43 -35.55
CA LEU A 146 20.85 38.32 -34.94
C LEU A 146 20.60 39.41 -33.89
N SER A 147 21.67 39.91 -33.26
CA SER A 147 21.58 41.05 -32.36
C SER A 147 21.01 42.30 -33.01
N LYS A 148 20.90 42.35 -34.34
CA LYS A 148 20.24 43.46 -35.01
C LYS A 148 18.71 43.38 -34.92
N GLU A 149 18.17 42.22 -34.50
CA GLU A 149 16.74 42.06 -34.29
C GLU A 149 16.40 42.20 -32.82
N PRO A 150 15.54 43.15 -32.42
CA PRO A 150 15.10 43.22 -31.01
C PRO A 150 14.49 41.94 -30.48
N ALA A 151 13.87 41.13 -31.35
CA ALA A 151 13.24 39.91 -30.86
C ALA A 151 14.25 38.81 -30.52
N PHE A 152 15.53 38.97 -30.83
CA PHE A 152 16.53 37.96 -30.54
C PHE A 152 16.90 38.05 -29.06
N LYS A 153 16.58 37.00 -28.28
CA LYS A 153 16.75 37.06 -26.83
C LYS A 153 17.76 36.06 -26.28
N GLY A 154 18.20 35.08 -27.06
CA GLY A 154 19.24 34.19 -26.57
C GLY A 154 19.72 33.26 -27.66
N LEU A 155 20.92 32.72 -27.42
CA LEU A 155 21.57 31.80 -28.34
C LEU A 155 21.92 30.52 -27.59
N THR A 156 21.52 29.38 -28.14
CA THR A 156 21.85 28.07 -27.57
C THR A 156 22.90 27.42 -28.45
N LEU A 157 23.97 26.90 -27.84
CA LEU A 157 25.05 26.35 -28.66
C LEU A 157 24.50 25.35 -29.66
N GLY A 158 23.62 24.47 -29.22
CA GLY A 158 22.93 23.59 -30.15
C GLY A 158 22.00 22.66 -29.41
N ASN A 159 21.27 21.87 -30.19
CA ASN A 159 20.23 21.01 -29.63
C ASN A 159 20.88 19.71 -29.19
N ALA A 160 20.86 19.44 -27.88
CA ALA A 160 21.43 18.22 -27.32
C ALA A 160 22.82 17.93 -27.91
N VAL A 161 23.71 18.92 -27.81
CA VAL A 161 25.04 18.79 -28.38
C VAL A 161 25.80 17.63 -27.76
N ASN A 162 25.40 17.19 -26.57
CA ASN A 162 26.13 16.10 -25.92
C ASN A 162 25.94 14.75 -26.61
N GLN A 163 24.89 14.58 -27.42
CA GLN A 163 24.58 13.22 -27.90
C GLN A 163 25.67 12.66 -28.81
N LEU A 164 26.50 13.52 -29.40
CA LEU A 164 27.59 13.11 -30.27
C LEU A 164 28.82 12.62 -29.52
N SER A 165 28.89 12.87 -28.21
CA SER A 165 30.12 12.76 -27.45
C SER A 165 30.33 11.40 -26.81
N ASP A 166 29.41 10.45 -26.97
CA ASP A 166 29.47 9.26 -26.15
C ASP A 166 28.56 8.20 -26.76
N ARG A 167 28.77 6.95 -26.37
CA ARG A 167 27.78 5.96 -26.76
C ARG A 167 26.45 6.35 -26.11
N PRO A 168 25.31 5.94 -26.68
CA PRO A 168 25.05 4.99 -27.76
C PRO A 168 25.29 5.51 -29.19
N HIS A 169 25.82 6.71 -29.36
CA HIS A 169 25.91 7.28 -30.69
C HIS A 169 26.84 6.45 -31.57
N PRO A 170 26.42 6.07 -32.78
CA PRO A 170 27.22 5.11 -33.58
C PRO A 170 28.49 5.68 -34.20
N THR A 171 28.69 7.00 -34.23
CA THR A 171 29.94 7.59 -34.74
C THR A 171 30.38 8.69 -33.77
N LYS A 172 30.71 8.29 -32.54
CA LYS A 172 30.86 9.29 -31.50
C LYS A 172 32.14 10.09 -31.68
N MET A 173 32.10 11.32 -31.16
CA MET A 173 33.25 12.21 -31.08
C MET A 173 33.60 12.32 -29.61
N SER A 174 34.37 11.36 -29.12
CA SER A 174 34.52 11.21 -27.68
C SER A 174 35.36 12.34 -27.10
N ALA A 175 35.21 12.54 -25.80
CA ALA A 175 35.91 13.60 -25.09
C ALA A 175 35.90 13.24 -23.62
N THR A 176 36.87 13.80 -22.90
CA THR A 176 36.80 13.81 -21.45
C THR A 176 35.92 14.96 -20.99
N ASP A 177 35.54 14.92 -19.71
CA ASP A 177 34.79 16.04 -19.16
C ASP A 177 35.64 17.31 -19.14
N ARG A 178 36.95 17.17 -18.90
CA ARG A 178 37.84 18.34 -18.91
C ARG A 178 37.88 18.98 -20.30
N GLN A 179 37.83 18.18 -21.35
CA GLN A 179 37.79 18.69 -22.70
C GLN A 179 36.47 19.39 -22.98
N ILE A 180 35.38 18.84 -22.45
CA ILE A 180 34.07 19.48 -22.62
C ILE A 180 34.02 20.78 -21.83
N ASP A 181 34.64 20.82 -20.65
CA ASP A 181 34.83 22.09 -19.94
C ASP A 181 35.50 23.12 -20.85
N ALA A 182 36.59 22.73 -21.53
CA ALA A 182 37.30 23.66 -22.40
C ALA A 182 36.48 24.03 -23.62
N TRP A 183 35.75 23.05 -24.18
CA TRP A 183 34.86 23.35 -25.31
C TRP A 183 33.82 24.41 -24.93
N LEU A 184 33.12 24.20 -23.81
CA LEU A 184 32.13 25.17 -23.33
C LEU A 184 32.77 26.52 -23.06
N ASP A 185 33.93 26.54 -22.41
CA ASP A 185 34.58 27.80 -22.09
C ASP A 185 35.06 28.52 -23.35
N ALA A 186 35.21 27.80 -24.47
CA ALA A 186 35.69 28.44 -25.70
C ALA A 186 34.56 29.02 -26.54
N LEU A 187 33.34 28.50 -26.40
CA LEU A 187 32.25 28.96 -27.26
C LEU A 187 31.27 29.89 -26.56
N LEU A 188 31.00 29.68 -25.29
CA LEU A 188 29.92 30.42 -24.64
C LEU A 188 30.22 31.91 -24.52
N PRO A 189 31.45 32.34 -24.18
CA PRO A 189 31.72 33.79 -24.15
C PRO A 189 31.47 34.48 -25.48
N THR A 190 31.71 33.78 -26.60
CA THR A 190 31.45 34.35 -27.91
C THR A 190 29.96 34.56 -28.17
N ALA A 191 29.09 33.75 -27.55
CA ALA A 191 27.65 33.96 -27.70
C ALA A 191 27.13 35.08 -26.83
N ALA A 192 27.92 35.58 -25.89
CA ALA A 192 27.45 36.58 -24.94
C ALA A 192 27.42 37.97 -25.55
N GLY A 193 26.57 38.82 -24.98
CA GLY A 193 26.33 40.18 -25.42
C GLY A 193 25.10 40.72 -24.75
N GLU A 194 25.00 42.04 -24.61
CA GLU A 194 23.86 42.62 -23.92
C GLU A 194 22.60 42.47 -24.77
N GLY A 195 21.49 42.20 -24.11
CA GLY A 195 20.24 41.97 -24.78
C GLY A 195 19.88 40.51 -24.98
N HIS A 196 20.78 39.57 -24.70
CA HIS A 196 20.47 38.18 -24.97
C HIS A 196 21.33 37.25 -24.14
N ASN A 197 20.81 36.05 -23.93
CA ASN A 197 21.39 34.96 -23.14
C ASN A 197 22.31 34.08 -23.97
N ALA A 198 23.17 33.35 -23.27
CA ALA A 198 24.07 32.38 -23.90
C ALA A 198 23.90 31.07 -23.14
N LEU A 199 23.57 30.01 -23.87
CA LEU A 199 23.17 28.75 -23.28
C LEU A 199 23.65 27.60 -24.15
N TYR A 200 23.56 26.40 -23.58
CA TYR A 200 23.62 25.19 -24.37
C TYR A 200 22.60 24.21 -23.79
N SER A 201 22.28 23.16 -24.56
CA SER A 201 21.39 22.10 -24.11
C SER A 201 22.00 20.72 -24.29
N VAL A 202 21.54 19.80 -23.46
CA VAL A 202 21.97 18.42 -23.46
C VAL A 202 20.73 17.53 -23.34
N ASN A 203 20.86 16.28 -23.75
CA ASN A 203 19.80 15.34 -23.44
C ASN A 203 20.06 14.74 -22.05
N ASP A 204 19.14 13.89 -21.58
CA ASP A 204 19.19 13.48 -20.17
C ASP A 204 20.38 12.57 -19.84
N GLY A 205 21.16 12.12 -20.84
CA GLY A 205 22.37 11.35 -20.59
C GLY A 205 23.35 12.05 -19.69
N THR A 206 23.23 13.38 -19.62
CA THR A 206 24.11 14.19 -18.77
C THR A 206 23.96 13.82 -17.30
N TRP A 207 22.74 13.57 -16.84
CA TRP A 207 22.52 13.17 -15.46
C TRP A 207 22.45 11.65 -15.27
N PHE A 208 22.18 10.88 -16.34
CA PHE A 208 21.81 9.48 -16.18
C PHE A 208 22.83 8.47 -16.65
N ILE A 209 23.86 8.89 -17.40
CA ILE A 209 24.85 7.96 -17.95
C ILE A 209 26.20 8.19 -17.25
N ASP A 210 26.74 7.14 -16.65
CA ASP A 210 28.02 7.26 -15.96
C ASP A 210 29.17 7.41 -16.95
N GLY A 211 30.16 8.20 -16.56
CA GLY A 211 31.26 8.49 -17.44
C GLY A 211 30.91 9.36 -18.62
N HIS A 212 29.73 9.99 -18.63
CA HIS A 212 29.34 10.87 -19.72
C HIS A 212 30.12 12.18 -19.61
N PRO A 213 30.76 12.64 -20.70
CA PRO A 213 31.67 13.79 -20.58
C PRO A 213 30.95 15.12 -20.37
N PHE A 214 29.67 15.25 -20.74
CA PHE A 214 28.87 16.39 -20.31
C PHE A 214 28.34 16.10 -18.91
N THR A 215 28.54 17.03 -17.99
CA THR A 215 28.36 16.72 -16.58
C THR A 215 27.28 17.59 -15.97
N PRO A 216 26.64 17.11 -14.90
CA PRO A 216 25.64 17.94 -14.22
C PRO A 216 26.20 19.25 -13.70
N VAL A 217 27.46 19.29 -13.28
CA VAL A 217 28.01 20.55 -12.79
C VAL A 217 28.13 21.56 -13.92
N GLN A 218 28.55 21.10 -15.11
CA GLN A 218 28.61 22.02 -16.25
C GLN A 218 27.24 22.61 -16.55
N SER A 219 26.22 21.74 -16.64
CA SER A 219 24.88 22.20 -16.96
C SER A 219 24.38 23.26 -15.98
N ALA A 220 24.80 23.17 -14.72
CA ALA A 220 24.28 24.07 -13.70
C ALA A 220 25.25 25.19 -13.37
N THR A 221 26.33 25.37 -14.17
CA THR A 221 27.28 26.46 -13.94
C THR A 221 27.65 27.23 -15.20
N LYS A 222 27.61 26.64 -16.37
CA LYS A 222 28.08 27.28 -17.59
C LYS A 222 26.90 27.71 -18.45
N GLY A 223 27.03 28.89 -19.06
CA GLY A 223 25.88 29.53 -19.66
C GLY A 223 25.04 30.21 -18.60
N ASP A 224 23.97 30.86 -19.05
CA ASP A 224 23.20 31.74 -18.18
C ASP A 224 22.14 31.04 -17.36
N MET A 225 21.58 29.91 -17.84
CA MET A 225 20.56 29.19 -17.11
C MET A 225 20.79 27.69 -17.25
N THR A 226 20.22 26.93 -16.33
CA THR A 226 20.28 25.48 -16.38
C THR A 226 19.17 24.97 -17.31
N VAL A 227 19.56 24.18 -18.31
CA VAL A 227 18.68 23.83 -19.42
C VAL A 227 18.42 22.34 -19.38
N ILE A 228 17.15 21.94 -19.51
CA ILE A 228 16.77 20.53 -19.43
C ILE A 228 15.75 20.21 -20.51
N HIS A 229 15.77 18.96 -20.96
CA HIS A 229 14.81 18.42 -21.93
C HIS A 229 14.14 17.23 -21.27
N SER A 230 12.81 17.23 -21.21
CA SER A 230 12.06 16.28 -20.39
C SER A 230 11.26 15.34 -21.30
N TRP A 231 11.68 14.07 -21.35
CA TRP A 231 11.07 13.15 -22.31
C TRP A 231 10.80 11.83 -21.61
N VAL A 232 9.51 11.50 -21.42
CA VAL A 232 9.15 10.31 -20.65
C VAL A 232 9.28 9.02 -21.44
N PHE A 233 9.66 9.07 -22.72
CA PHE A 233 9.90 7.79 -23.39
C PHE A 233 11.24 7.19 -23.00
N ASN A 234 11.98 7.83 -22.10
CA ASN A 234 13.27 7.33 -21.63
C ASN A 234 13.14 6.21 -20.62
N GLY A 235 11.93 5.68 -20.42
CA GLY A 235 11.68 4.68 -19.40
C GLY A 235 10.73 5.14 -18.31
N ILE A 236 10.42 6.44 -18.20
CA ILE A 236 9.53 6.90 -17.15
C ILE A 236 8.10 6.39 -17.38
N ALA A 237 7.55 6.64 -18.56
CA ALA A 237 6.23 6.13 -18.88
C ALA A 237 6.22 4.60 -18.86
N GLN A 238 7.28 3.97 -19.36
CA GLN A 238 7.27 2.52 -19.49
C GLN A 238 7.27 1.83 -18.11
N GLY A 239 8.08 2.31 -17.17
CA GLY A 239 8.22 1.60 -15.92
C GLY A 239 7.23 2.01 -14.84
N TYR A 240 7.01 3.31 -14.67
CA TYR A 240 6.09 3.79 -13.66
C TYR A 240 4.64 3.75 -14.12
N GLY A 241 4.40 3.77 -15.42
CA GLY A 241 3.05 3.86 -15.91
C GLY A 241 2.78 5.20 -16.57
N ALA A 242 2.24 5.14 -17.80
CA ALA A 242 1.99 6.34 -18.59
C ALA A 242 1.17 7.37 -17.82
N THR A 243 0.17 6.92 -17.06
CA THR A 243 -0.75 7.82 -16.39
C THR A 243 -0.42 7.98 -14.92
N SER A 244 0.68 7.41 -14.46
CA SER A 244 1.04 7.47 -13.05
C SER A 244 1.36 8.91 -12.65
N GLU A 245 1.28 9.18 -11.35
CA GLU A 245 1.72 10.48 -10.88
C GLU A 245 3.22 10.63 -11.08
N GLU A 246 3.98 9.53 -10.94
CA GLU A 246 5.42 9.61 -11.16
C GLU A 246 5.73 10.14 -12.55
N CYS A 247 4.99 9.68 -13.56
CA CYS A 247 5.30 10.04 -14.94
C CYS A 247 5.02 11.52 -15.22
N SER A 248 3.99 12.08 -14.60
CA SER A 248 3.69 13.49 -14.82
C SER A 248 4.41 14.40 -13.85
N SER A 249 5.11 13.84 -12.87
CA SER A 249 6.01 14.57 -12.00
C SER A 249 7.45 14.55 -12.50
N TYR A 250 7.70 13.94 -13.67
CA TYR A 250 9.07 13.69 -14.11
C TYR A 250 9.78 14.99 -14.52
N ALA A 251 9.09 15.91 -15.20
CA ALA A 251 9.70 17.20 -15.49
C ALA A 251 10.09 17.94 -14.20
N LEU A 252 9.24 17.87 -13.18
CA LEU A 252 9.59 18.45 -11.88
C LEU A 252 10.86 17.80 -11.32
N TYR A 253 10.95 16.47 -11.39
CA TYR A 253 12.14 15.78 -10.89
C TYR A 253 13.40 16.23 -11.62
N LEU A 254 13.33 16.34 -12.95
CA LEU A 254 14.48 16.81 -13.70
C LEU A 254 14.90 18.21 -13.27
N ALA A 255 13.94 19.13 -13.10
CA ALA A 255 14.28 20.50 -12.73
C ALA A 255 14.93 20.53 -11.35
N GLU A 256 14.35 19.83 -10.38
CA GLU A 256 14.95 19.77 -9.06
C GLU A 256 16.31 19.08 -9.11
N LEU A 257 16.44 18.05 -9.94
CA LEU A 257 17.72 17.34 -10.05
C LEU A 257 18.80 18.22 -10.66
N ALA A 258 18.47 18.93 -11.76
CA ALA A 258 19.51 19.67 -12.46
C ALA A 258 20.04 20.82 -11.61
N LYS A 259 19.14 21.54 -10.95
CA LYS A 259 19.58 22.70 -10.18
C LYS A 259 20.35 22.30 -8.93
N ALA A 260 20.28 21.03 -8.54
CA ALA A 260 20.96 20.60 -7.32
C ALA A 260 22.46 20.77 -7.42
N PHE A 261 23.02 20.70 -8.62
CA PHE A 261 24.46 20.61 -8.81
C PHE A 261 25.14 21.95 -9.10
N GLY A 262 24.46 23.08 -8.91
CA GLY A 262 25.05 24.38 -9.15
C GLY A 262 25.62 25.03 -7.90
N LYS A 263 26.63 25.87 -8.09
CA LYS A 263 27.12 26.70 -6.98
C LYS A 263 26.01 27.61 -6.49
N ASP A 264 25.16 28.11 -7.40
CA ASP A 264 24.20 29.17 -7.15
C ASP A 264 22.80 28.56 -7.01
N SER A 265 22.31 28.49 -5.77
CA SER A 265 21.01 27.89 -5.52
C SER A 265 19.85 28.66 -6.14
N GLU A 266 20.07 29.87 -6.63
CA GLU A 266 19.04 30.66 -7.30
C GLU A 266 19.14 30.65 -8.82
N ARG A 267 20.11 29.94 -9.40
CA ARG A 267 20.26 29.90 -10.84
C ARG A 267 18.97 29.39 -11.49
N PRO A 268 18.43 30.08 -12.50
CA PRO A 268 17.17 29.65 -13.09
C PRO A 268 17.31 28.37 -13.89
N VAL A 269 16.21 27.62 -13.97
CA VAL A 269 16.11 26.40 -14.77
C VAL A 269 15.16 26.67 -15.93
N TRP A 270 15.59 26.33 -17.13
CA TRP A 270 14.74 26.43 -18.32
C TRP A 270 14.34 25.03 -18.78
N LEU A 271 13.05 24.70 -18.69
CA LEU A 271 12.51 23.48 -19.27
C LEU A 271 12.33 23.77 -20.77
N GLN A 272 13.44 23.63 -21.49
CA GLN A 272 13.53 24.06 -22.87
C GLN A 272 12.87 23.07 -23.84
N GLU A 273 12.61 21.85 -23.38
CA GLU A 273 11.90 20.86 -24.19
C GLU A 273 11.06 20.00 -23.27
N VAL A 274 9.80 19.79 -23.66
CA VAL A 274 8.91 18.83 -23.01
C VAL A 274 7.76 18.51 -23.96
N GLY A 275 7.53 17.22 -24.20
CA GLY A 275 6.54 16.81 -25.17
C GLY A 275 5.70 15.68 -24.61
N ALA A 276 4.61 15.37 -25.33
CA ALA A 276 3.74 14.26 -24.94
C ALA A 276 3.88 13.13 -25.95
N PRO A 277 4.93 12.32 -25.87
CA PRO A 277 5.23 11.38 -26.96
C PRO A 277 4.27 10.21 -26.99
N GLU A 278 3.62 10.00 -28.13
CA GLU A 278 2.59 8.99 -28.24
C GLU A 278 3.15 7.61 -28.61
N ASN A 279 4.45 7.40 -28.47
CA ASN A 279 4.97 6.04 -28.43
C ASN A 279 4.85 5.45 -27.03
N VAL A 280 4.62 6.29 -26.02
CA VAL A 280 4.39 5.80 -24.66
C VAL A 280 3.13 6.37 -24.03
N LEU A 281 2.57 7.48 -24.49
CA LEU A 281 1.30 7.97 -23.97
C LEU A 281 0.19 7.72 -24.97
N GLU A 282 -1.02 7.56 -24.45
CA GLU A 282 -2.20 7.46 -25.28
C GLU A 282 -2.54 8.83 -25.84
N THR A 283 -3.05 8.84 -27.07
CA THR A 283 -3.33 10.11 -27.73
C THR A 283 -4.36 10.93 -26.96
N ASP A 284 -5.43 10.28 -26.48
CA ASP A 284 -6.49 10.94 -25.72
C ASP A 284 -5.99 11.47 -24.39
N TYR A 285 -4.85 11.00 -23.92
CA TYR A 285 -4.36 11.40 -22.62
C TYR A 285 -3.44 12.62 -22.68
N THR A 286 -2.94 12.98 -23.86
CA THR A 286 -1.88 14.00 -23.89
C THR A 286 -2.31 15.34 -23.32
N PRO A 287 -3.54 15.86 -23.52
CA PRO A 287 -3.92 17.15 -22.89
C PRO A 287 -3.74 17.13 -21.38
N GLU A 288 -4.23 16.07 -20.71
CA GLU A 288 -4.08 15.95 -19.27
C GLU A 288 -2.62 15.83 -18.88
N PHE A 289 -1.86 14.99 -19.58
CA PHE A 289 -0.43 14.86 -19.33
C PHE A 289 0.27 16.21 -19.39
N CYS A 290 -0.08 17.01 -20.41
CA CYS A 290 0.50 18.34 -20.55
C CYS A 290 0.17 19.22 -19.36
N ARG A 291 -1.12 19.28 -19.00
CA ARG A 291 -1.55 20.11 -17.87
C ARG A 291 -0.82 19.71 -16.59
N LYS A 292 -0.83 18.40 -16.28
CA LYS A 292 -0.26 17.94 -15.02
C LYS A 292 1.24 18.12 -15.00
N THR A 293 1.92 17.83 -16.11
CA THR A 293 3.37 17.99 -16.18
C THR A 293 3.77 19.44 -15.94
N VAL A 294 3.10 20.37 -16.61
CA VAL A 294 3.48 21.76 -16.49
C VAL A 294 3.23 22.25 -15.08
N GLU A 295 2.04 21.95 -14.53
CA GLU A 295 1.69 22.39 -13.20
C GLU A 295 2.70 21.90 -12.17
N ARG A 296 3.07 20.62 -12.27
CA ARG A 296 4.04 20.09 -11.32
C ARG A 296 5.43 20.66 -11.56
N ALA A 297 5.79 20.91 -12.82
CA ALA A 297 7.09 21.53 -13.05
C ALA A 297 7.14 22.90 -12.41
N MET A 298 6.01 23.59 -12.34
CA MET A 298 6.00 24.94 -11.77
C MET A 298 6.13 24.95 -10.26
N ASP A 299 6.20 23.79 -9.61
CA ASP A 299 6.48 23.73 -8.18
C ASP A 299 7.96 23.81 -7.88
N CYS A 300 8.81 23.86 -8.90
CA CYS A 300 10.21 24.22 -8.74
C CYS A 300 10.34 25.74 -8.82
N ARG A 301 10.76 26.39 -7.74
CA ARG A 301 10.76 27.86 -7.73
C ARG A 301 11.85 28.47 -8.61
N ASN A 302 12.84 27.69 -9.05
CA ASN A 302 13.84 28.20 -9.98
C ASN A 302 13.36 28.19 -11.42
N LEU A 303 12.15 27.69 -11.69
CA LEU A 303 11.76 27.46 -13.07
C LEU A 303 11.50 28.79 -13.77
N TRP A 304 12.19 29.00 -14.89
CA TRP A 304 12.10 30.24 -15.63
C TRP A 304 11.09 30.19 -16.76
N GLY A 305 10.83 29.02 -17.33
CA GLY A 305 9.90 28.94 -18.45
C GLY A 305 9.78 27.53 -18.95
N VAL A 306 8.78 27.32 -19.81
CA VAL A 306 8.47 26.02 -20.40
C VAL A 306 8.32 26.21 -21.89
N THR A 307 8.98 25.36 -22.66
CA THR A 307 8.96 25.45 -24.12
C THR A 307 8.51 24.09 -24.66
N TRP A 308 7.27 24.03 -25.13
CA TRP A 308 6.69 22.75 -25.52
C TRP A 308 7.33 22.23 -26.80
N TRP A 309 7.52 20.91 -26.88
CA TRP A 309 7.89 20.27 -28.15
C TRP A 309 6.70 19.51 -28.70
N CYS A 310 6.16 19.95 -29.85
CA CYS A 310 6.65 21.09 -30.62
C CYS A 310 5.44 21.80 -31.22
N SER A 311 5.68 22.76 -32.11
CA SER A 311 4.59 23.64 -32.55
C SER A 311 3.69 22.98 -33.57
N HIS A 312 4.26 22.26 -34.54
CA HIS A 312 3.52 21.75 -35.68
C HIS A 312 3.93 20.31 -35.95
N ASP A 313 2.94 19.49 -36.29
CA ASP A 313 3.20 18.10 -36.66
C ASP A 313 4.22 18.01 -37.81
N VAL A 314 5.11 17.04 -37.71
CA VAL A 314 6.04 16.76 -38.82
C VAL A 314 5.23 16.26 -40.01
N PRO A 315 5.40 16.84 -41.19
CA PRO A 315 4.62 16.42 -42.37
C PRO A 315 4.62 14.90 -42.55
N ALA A 316 3.43 14.35 -42.81
CA ALA A 316 3.31 12.90 -42.98
C ALA A 316 4.06 12.40 -44.21
N SER A 317 4.29 13.25 -45.20
CA SER A 317 5.00 12.84 -46.40
C SER A 317 6.46 12.48 -46.16
N MET A 318 7.01 12.77 -44.98
CA MET A 318 8.41 12.53 -44.67
C MET A 318 8.56 11.24 -43.87
N GLU A 319 9.58 10.47 -44.21
CA GLU A 319 9.72 9.13 -43.65
C GLU A 319 11.01 8.98 -42.85
N ASP A 320 11.12 7.83 -42.19
CA ASP A 320 12.22 7.41 -41.33
C ASP A 320 12.24 8.12 -39.99
N PHE A 321 11.27 8.99 -39.70
CA PHE A 321 11.04 9.43 -38.33
C PHE A 321 10.47 8.27 -37.52
N PRO A 322 10.87 8.11 -36.27
CA PRO A 322 10.06 7.32 -35.33
C PRO A 322 8.63 7.87 -35.36
N PHE A 323 7.66 6.97 -35.37
CA PHE A 323 6.32 7.38 -35.80
C PHE A 323 5.75 8.49 -34.92
N PHE A 324 5.96 8.41 -33.60
CA PHE A 324 5.39 9.38 -32.68
C PHE A 324 5.81 10.82 -32.96
N GLU A 325 6.96 11.02 -33.64
CA GLU A 325 7.42 12.38 -33.93
C GLU A 325 6.40 13.14 -34.76
N HIS A 326 5.61 12.43 -35.56
CA HIS A 326 4.69 13.12 -36.44
C HIS A 326 3.54 13.81 -35.69
N SER A 327 3.25 13.42 -34.45
CA SER A 327 2.11 14.01 -33.77
C SER A 327 2.52 14.75 -32.49
N LEU A 328 3.79 15.14 -32.36
CA LEU A 328 4.19 15.94 -31.22
C LEU A 328 3.69 17.39 -31.29
N GLY A 329 2.97 17.77 -32.35
CA GLY A 329 2.62 19.17 -32.53
C GLY A 329 1.48 19.63 -31.63
N LEU A 330 1.45 20.95 -31.39
CA LEU A 330 0.29 21.64 -30.83
C LEU A 330 -0.72 22.00 -31.90
N PHE A 331 -0.25 22.20 -33.13
CA PHE A 331 -1.11 22.26 -34.31
C PHE A 331 -0.86 21.04 -35.20
N ASP A 332 -1.84 20.70 -36.03
CA ASP A 332 -1.64 19.61 -36.95
C ASP A 332 -0.98 20.12 -38.23
N GLU A 333 -0.93 19.26 -39.25
CA GLU A 333 -0.23 19.63 -40.48
C GLU A 333 -1.00 20.69 -41.26
N GLN A 334 -2.32 20.67 -41.17
CA GLN A 334 -3.17 21.65 -41.82
C GLN A 334 -3.24 22.97 -41.06
N GLY A 335 -2.46 23.14 -39.99
CA GLY A 335 -2.55 24.34 -39.18
C GLY A 335 -3.74 24.41 -38.27
N GLN A 336 -4.31 23.28 -37.89
CA GLN A 336 -5.47 23.27 -36.99
C GLN A 336 -4.98 23.07 -35.57
N LEU A 337 -5.58 23.80 -34.64
CA LEU A 337 -5.17 23.70 -33.24
C LEU A 337 -5.65 22.37 -32.65
N LYS A 338 -4.71 21.59 -32.07
CA LYS A 338 -5.03 20.30 -31.43
C LYS A 338 -5.43 20.50 -29.98
N PRO A 339 -6.10 19.52 -29.37
CA PRO A 339 -6.51 19.67 -27.97
C PRO A 339 -5.35 19.92 -27.00
N ILE A 340 -4.21 19.25 -27.19
CA ILE A 340 -3.04 19.60 -26.37
C ILE A 340 -2.67 21.06 -26.59
N GLY A 341 -2.85 21.58 -27.81
CA GLY A 341 -2.50 22.95 -28.07
C GLY A 341 -3.37 23.91 -27.27
N ARG A 342 -4.67 23.65 -27.27
CA ARG A 342 -5.58 24.46 -26.48
C ARG A 342 -5.20 24.41 -25.01
N THR A 343 -4.87 23.23 -24.50
CA THR A 343 -4.46 23.09 -23.09
C THR A 343 -3.22 23.93 -22.79
N PHE A 344 -2.20 23.83 -23.63
CA PHE A 344 -0.96 24.56 -23.35
C PHE A 344 -1.19 26.08 -23.41
N GLY A 345 -2.02 26.55 -24.34
CA GLY A 345 -2.37 27.96 -24.33
C GLY A 345 -3.14 28.38 -23.08
N GLU A 346 -3.95 27.47 -22.52
CA GLU A 346 -4.68 27.77 -21.27
C GLU A 346 -3.71 27.82 -20.09
N LEU A 347 -2.74 26.92 -20.06
CA LEU A 347 -1.68 26.99 -19.04
C LEU A 347 -0.94 28.32 -19.10
N ALA A 348 -0.61 28.80 -20.31
CA ALA A 348 0.12 30.06 -20.39
C ALA A 348 -0.70 31.20 -19.81
N ALA A 349 -1.96 31.35 -20.26
CA ALA A 349 -2.80 32.47 -19.81
C ALA A 349 -3.00 32.45 -18.29
N GLN A 350 -3.12 31.26 -17.71
CA GLN A 350 -3.43 31.14 -16.28
C GLN A 350 -2.19 31.39 -15.43
N TYR A 351 -1.01 30.98 -15.91
CA TYR A 351 0.16 30.84 -15.07
C TYR A 351 1.32 31.77 -15.43
N ARG A 352 1.31 32.43 -16.60
CA ARG A 352 2.43 33.30 -16.92
C ARG A 352 2.60 34.41 -15.90
N SER A 353 1.54 34.72 -15.17
CA SER A 353 1.51 35.78 -14.17
C SER A 353 1.61 35.24 -12.75
N ALA A 354 2.03 34.00 -12.57
CA ALA A 354 1.96 33.40 -11.24
C ALA A 354 3.22 33.68 -10.43
N LEU A 355 3.09 33.49 -9.15
CA LEU A 355 4.17 33.74 -8.21
C LEU A 355 5.06 32.52 -8.07
N PRO A 356 6.33 32.71 -7.73
CA PRO A 356 7.23 31.55 -7.64
C PRO A 356 6.78 30.61 -6.54
N ALA A 357 7.10 29.33 -6.71
CA ALA A 357 6.64 28.30 -5.79
C ALA A 357 7.28 28.51 -4.42
N GLN A 358 6.58 28.07 -3.38
CA GLN A 358 7.15 28.08 -2.04
C GLN A 358 8.43 27.24 -1.99
N PRO A 359 9.37 27.58 -1.12
CA PRO A 359 10.55 26.71 -0.94
C PRO A 359 10.16 25.36 -0.33
N LYS A 360 11.11 24.42 -0.37
CA LYS A 360 10.90 23.05 0.08
C LYS A 360 11.81 22.74 1.24
N THR A 361 11.31 21.95 2.20
CA THR A 361 12.04 21.68 3.44
C THR A 361 12.46 20.23 3.57
N VAL A 362 12.16 19.39 2.58
CA VAL A 362 12.55 17.99 2.56
C VAL A 362 13.44 17.81 1.33
N ALA A 363 14.62 17.22 1.53
CA ALA A 363 15.54 17.03 0.42
C ALA A 363 16.06 15.59 0.35
N VAL A 364 16.13 15.08 -0.87
CA VAL A 364 16.92 13.89 -1.19
C VAL A 364 18.37 14.32 -1.39
N VAL A 365 19.30 13.55 -0.82
CA VAL A 365 20.71 13.87 -0.89
C VAL A 365 21.40 12.95 -1.90
N ILE A 366 22.24 13.54 -2.75
CA ILE A 366 23.02 12.80 -3.74
C ILE A 366 24.50 12.97 -3.45
N ASP A 367 25.22 11.86 -3.31
CA ASP A 367 26.65 11.88 -3.04
C ASP A 367 27.42 12.36 -4.27
N VAL A 368 28.33 13.31 -4.08
CA VAL A 368 29.10 13.86 -5.19
C VAL A 368 30.60 13.68 -4.93
N ASP A 369 31.38 13.76 -6.00
CA ASP A 369 32.83 13.77 -5.86
C ASP A 369 33.26 15.18 -5.46
N GLU A 370 34.58 15.41 -5.46
CA GLU A 370 35.10 16.71 -5.06
C GLU A 370 34.69 17.80 -6.05
N ALA A 371 34.57 17.45 -7.33
CA ALA A 371 34.15 18.43 -8.33
C ALA A 371 32.70 18.83 -8.19
N GLY A 372 31.88 18.04 -7.49
CA GLY A 372 30.48 18.35 -7.30
C GLY A 372 29.49 17.57 -8.15
N ASN A 373 29.97 16.54 -8.95
CA ASN A 373 29.19 15.69 -9.85
C ASN A 373 28.80 14.39 -9.15
N PRO A 374 27.66 13.79 -9.52
CA PRO A 374 27.24 12.55 -8.85
C PRO A 374 28.28 11.47 -9.08
N VAL A 375 28.64 10.78 -8.00
CA VAL A 375 29.55 9.64 -8.17
C VAL A 375 28.84 8.50 -8.87
N ASN A 376 27.54 8.37 -8.67
CA ASN A 376 26.74 7.29 -9.26
C ASN A 376 25.59 7.86 -10.09
N ARG A 377 25.85 8.09 -11.38
CA ARG A 377 24.83 8.72 -12.20
C ARG A 377 23.71 7.75 -12.59
N SER A 378 24.02 6.45 -12.71
CA SER A 378 23.00 5.49 -13.10
CA SER A 378 22.99 5.49 -13.11
C SER A 378 21.85 5.44 -12.10
N ALA A 379 22.12 5.79 -10.84
CA ALA A 379 21.06 5.75 -9.86
C ALA A 379 20.05 6.87 -10.02
N LEU A 380 20.35 7.87 -10.88
CA LEU A 380 19.51 9.04 -11.05
C LEU A 380 18.39 8.87 -12.07
N GLY A 381 18.52 7.91 -12.99
CA GLY A 381 17.58 7.78 -14.09
C GLY A 381 16.32 7.01 -13.71
N PRO A 382 15.44 6.85 -14.69
CA PRO A 382 14.15 6.15 -14.46
C PRO A 382 14.32 4.75 -13.89
N GLY A 383 13.75 4.53 -12.71
CA GLY A 383 13.85 3.26 -12.02
C GLY A 383 15.12 3.03 -11.24
N GLY A 384 15.96 4.07 -11.10
CA GLY A 384 17.11 4.00 -10.21
C GLY A 384 16.75 4.34 -8.78
N SER A 385 17.69 4.05 -7.87
CA SER A 385 17.39 4.23 -6.45
C SER A 385 17.08 5.68 -6.11
N VAL A 386 17.80 6.63 -6.70
CA VAL A 386 17.56 8.03 -6.36
C VAL A 386 16.22 8.50 -6.91
N CYS A 387 15.95 8.18 -8.17
CA CYS A 387 14.67 8.52 -8.77
C CYS A 387 13.52 7.86 -8.01
N ASP A 388 13.64 6.56 -7.72
CA ASP A 388 12.62 5.87 -6.95
C ASP A 388 12.38 6.54 -5.60
N LEU A 389 13.45 7.00 -4.97
CA LEU A 389 13.34 7.67 -3.67
C LEU A 389 12.63 9.01 -3.79
N TRP A 390 13.00 9.81 -4.79
CA TRP A 390 12.34 11.11 -4.95
C TRP A 390 10.86 10.92 -5.29
N MET A 391 10.55 9.93 -6.12
CA MET A 391 9.16 9.72 -6.53
C MET A 391 8.31 9.32 -5.34
N LYS A 392 8.79 8.34 -4.57
CA LYS A 392 8.11 7.91 -3.35
C LYS A 392 7.74 9.10 -2.47
N LEU A 393 8.71 10.01 -2.27
CA LEU A 393 8.50 11.18 -1.43
C LEU A 393 7.54 12.17 -2.09
N GLN A 394 7.74 12.42 -3.39
CA GLN A 394 6.83 13.32 -4.10
C GLN A 394 5.38 12.81 -4.04
N VAL A 395 5.17 11.52 -4.31
CA VAL A 395 3.80 11.04 -4.40
C VAL A 395 3.16 10.91 -3.02
N ALA A 396 3.95 10.91 -1.95
CA ALA A 396 3.41 10.98 -0.60
C ALA A 396 3.22 12.41 -0.09
N GLY A 397 3.39 13.42 -0.95
CA GLY A 397 3.13 14.79 -0.54
C GLY A 397 4.21 15.43 0.29
N GLN A 398 5.41 14.85 0.32
CA GLN A 398 6.51 15.45 1.06
C GLN A 398 7.20 16.59 0.30
N ARG A 399 6.89 16.79 -0.98
CA ARG A 399 7.41 17.91 -1.75
C ARG A 399 8.94 18.00 -1.69
N PRO A 400 9.66 16.94 -2.06
CA PRO A 400 11.11 16.93 -1.87
C PRO A 400 11.87 17.77 -2.91
N THR A 401 12.88 18.49 -2.43
CA THR A 401 13.91 19.04 -3.31
C THR A 401 15.12 18.10 -3.28
N ILE A 402 16.17 18.47 -4.00
CA ILE A 402 17.35 17.64 -4.16
C ILE A 402 18.57 18.49 -3.84
N ILE A 403 19.52 17.91 -3.09
CA ILE A 403 20.78 18.59 -2.77
C ILE A 403 21.91 17.57 -2.86
N THR A 404 23.13 18.10 -3.00
CA THR A 404 24.31 17.26 -3.00
C THR A 404 24.76 16.99 -1.58
N SER A 405 25.66 16.01 -1.43
CA SER A 405 26.24 15.69 -0.14
C SER A 405 27.11 16.83 0.39
N GLN A 406 27.65 17.68 -0.51
CA GLN A 406 28.41 18.84 -0.09
C GLN A 406 27.53 19.84 0.65
N VAL A 407 26.33 20.10 0.13
CA VAL A 407 25.42 20.99 0.83
C VAL A 407 24.89 20.33 2.11
N ALA A 408 24.59 19.04 2.04
CA ALA A 408 24.05 18.34 3.20
C ALA A 408 25.03 18.33 4.35
N ALA A 409 26.33 18.41 4.06
CA ALA A 409 27.33 18.44 5.13
C ALA A 409 27.48 19.81 5.74
N ASN A 410 26.90 20.84 5.14
CA ASN A 410 27.01 22.22 5.60
C ASN A 410 25.76 22.54 6.41
N GLN A 411 25.90 22.48 7.74
CA GLN A 411 24.76 22.73 8.62
C GLN A 411 24.22 24.15 8.46
N GLU A 412 25.11 25.11 8.22
CA GLU A 412 24.67 26.49 8.01
C GLU A 412 23.85 26.63 6.73
N ALA A 413 24.30 26.00 5.64
CA ALA A 413 23.55 26.08 4.39
C ALA A 413 22.16 25.46 4.56
N LEU A 414 22.11 24.32 5.25
CA LEU A 414 20.83 23.65 5.45
C LEU A 414 19.84 24.54 6.18
N ALA A 415 20.28 25.18 7.27
CA ALA A 415 19.40 26.06 8.02
C ALA A 415 19.02 27.29 7.21
N GLN A 416 19.95 27.79 6.40
CA GLN A 416 19.65 28.91 5.52
C GLN A 416 18.58 28.55 4.50
N ARG A 417 18.79 27.44 3.77
CA ARG A 417 17.84 26.97 2.77
C ARG A 417 16.52 26.51 3.39
N GLY A 418 16.44 26.43 4.72
CA GLY A 418 15.24 26.02 5.40
C GLY A 418 15.01 24.52 5.49
N ILE A 419 15.99 23.72 5.08
CA ILE A 419 15.78 22.28 4.96
C ILE A 419 15.78 21.64 6.33
N LEU A 420 14.76 20.83 6.61
CA LEU A 420 14.62 20.17 7.90
C LEU A 420 14.77 18.66 7.85
N GLU A 421 14.59 18.03 6.70
CA GLU A 421 14.57 16.59 6.63
C GLU A 421 15.39 16.14 5.44
N LEU A 422 16.36 15.25 5.69
CA LEU A 422 17.23 14.73 4.65
C LEU A 422 16.95 13.24 4.46
N HIS A 423 16.95 12.81 3.21
CA HIS A 423 16.81 11.41 2.83
C HIS A 423 17.93 11.06 1.88
N ALA A 424 18.71 10.05 2.24
CA ALA A 424 19.86 9.63 1.45
C ALA A 424 19.54 8.30 0.78
N ASP A 425 20.27 8.04 -0.31
CA ASP A 425 20.17 6.78 -1.05
C ASP A 425 20.97 5.73 -0.27
N GLU A 426 20.28 4.96 0.57
CA GLU A 426 20.99 4.11 1.52
C GLU A 426 21.61 2.91 0.83
N HIS A 427 20.90 2.30 -0.12
CA HIS A 427 21.42 1.15 -0.86
C HIS A 427 21.17 1.39 -2.34
N PRO A 428 22.15 1.96 -3.05
CA PRO A 428 21.89 2.43 -4.41
C PRO A 428 21.75 1.30 -5.41
N TYR A 429 21.00 1.57 -6.49
CA TYR A 429 20.95 0.62 -7.60
C TYR A 429 20.76 1.38 -8.90
N ALA A 430 21.13 0.73 -9.99
CA ALA A 430 21.12 1.38 -11.29
C ALA A 430 19.71 1.48 -11.85
N ALA A 431 19.54 2.39 -12.83
CA ALA A 431 18.22 2.69 -13.38
C ALA A 431 17.62 1.48 -14.07
N ARG A 432 16.53 0.94 -13.49
CA ARG A 432 15.91 -0.25 -14.06
C ARG A 432 15.23 0.03 -15.40
N TYR A 433 14.69 1.23 -15.59
CA TYR A 433 13.82 1.47 -16.74
C TYR A 433 14.52 2.22 -17.87
N TYR A 434 15.74 2.70 -17.66
CA TYR A 434 16.29 3.76 -18.51
C TYR A 434 16.65 3.23 -19.89
N THR A 435 16.26 3.99 -20.92
CA THR A 435 16.78 3.82 -22.27
C THR A 435 17.16 5.19 -22.83
N ALA A 436 18.35 5.28 -23.43
CA ALA A 436 18.87 6.54 -23.94
C ALA A 436 18.38 6.90 -25.34
N VAL A 437 17.63 6.03 -25.99
CA VAL A 437 17.17 6.29 -27.36
C VAL A 437 15.65 6.43 -27.36
N SER A 438 15.12 7.03 -28.43
CA SER A 438 13.71 7.33 -28.53
C SER A 438 12.89 6.24 -29.19
N ASP A 439 13.53 5.25 -29.82
CA ASP A 439 12.87 4.25 -30.63
C ASP A 439 13.64 2.95 -30.45
N PRO A 440 12.95 1.81 -30.34
CA PRO A 440 13.67 0.54 -30.16
C PRO A 440 14.60 0.21 -31.31
N SER A 441 14.34 0.73 -32.52
CA SER A 441 15.21 0.45 -33.67
C SER A 441 16.55 1.17 -33.59
N PHE A 442 16.75 2.07 -32.64
CA PHE A 442 18.05 2.69 -32.40
C PHE A 442 18.85 1.94 -31.34
N GLU A 443 18.24 0.95 -30.68
CA GLU A 443 18.92 0.06 -29.74
C GLU A 443 19.26 -1.25 -30.46
N HIS B 20 -19.20 1.92 -16.69
CA HIS B 20 -20.46 1.30 -16.29
C HIS B 20 -21.62 2.32 -16.33
N MET B 21 -22.20 2.51 -17.50
CA MET B 21 -23.27 3.47 -17.69
C MET B 21 -24.62 2.76 -17.80
N LYS B 22 -25.58 3.23 -17.02
CA LYS B 22 -26.88 2.58 -16.94
C LYS B 22 -27.86 3.18 -17.95
N PHE B 23 -28.68 2.31 -18.53
CA PHE B 23 -29.65 2.71 -19.54
C PHE B 23 -30.99 2.08 -19.18
N GLY B 24 -32.04 2.89 -19.14
CA GLY B 24 -33.33 2.38 -18.76
C GLY B 24 -34.44 3.28 -19.26
N VAL B 25 -35.66 2.97 -18.82
CA VAL B 25 -36.85 3.70 -19.23
C VAL B 25 -37.75 3.94 -18.03
N ASN B 26 -38.45 5.06 -18.07
CA ASN B 26 -39.60 5.25 -17.20
C ASN B 26 -40.74 4.41 -17.72
N TYR B 27 -41.29 3.53 -16.87
CA TYR B 27 -42.21 2.50 -17.33
C TYR B 27 -43.64 3.05 -17.27
N THR B 28 -44.23 3.28 -18.44
CA THR B 28 -45.64 3.64 -18.58
C THR B 28 -46.41 2.41 -19.07
N PRO B 29 -47.25 1.77 -18.26
CA PRO B 29 -47.90 0.52 -18.70
C PRO B 29 -48.70 0.70 -19.98
N SER B 30 -48.50 -0.21 -20.92
CA SER B 30 -49.06 -0.04 -22.26
C SER B 30 -50.58 -0.18 -22.25
N HIS B 31 -51.11 -1.00 -21.35
CA HIS B 31 -52.55 -1.15 -21.19
C HIS B 31 -52.91 -0.46 -19.89
N GLY B 32 -53.69 0.61 -19.98
CA GLY B 32 -54.16 1.32 -18.80
C GLY B 32 -53.32 2.50 -18.33
N TRP B 33 -52.08 2.68 -18.83
CA TRP B 33 -51.22 3.73 -18.30
C TRP B 33 -51.10 3.56 -16.79
N PHE B 34 -51.10 4.64 -16.02
CA PHE B 34 -51.00 4.46 -14.57
C PHE B 34 -52.36 4.20 -13.92
N HIS B 35 -53.44 4.28 -14.67
CA HIS B 35 -54.68 3.74 -14.15
C HIS B 35 -54.69 2.23 -14.12
N ALA B 36 -53.61 1.59 -14.60
CA ALA B 36 -53.50 0.13 -14.50
C ALA B 36 -53.49 -0.34 -13.05
N TRP B 37 -53.08 0.52 -12.11
CA TRP B 37 -53.07 0.13 -10.71
C TRP B 37 -54.48 -0.23 -10.22
N LEU B 38 -55.51 0.38 -10.82
CA LEU B 38 -56.89 0.10 -10.41
C LEU B 38 -57.39 -1.23 -10.95
N ASP B 39 -56.69 -1.83 -11.92
CA ASP B 39 -57.07 -3.14 -12.46
C ASP B 39 -55.89 -3.76 -13.21
N PRO B 40 -54.84 -4.16 -12.51
CA PRO B 40 -53.59 -4.51 -13.20
C PRO B 40 -53.77 -5.70 -14.14
N ASP B 41 -53.26 -5.55 -15.38
CA ASP B 41 -53.18 -6.64 -16.36
C ASP B 41 -51.76 -7.19 -16.25
N TRP B 42 -51.59 -8.15 -15.34
CA TRP B 42 -50.25 -8.62 -15.01
C TRP B 42 -49.59 -9.30 -16.20
N ASP B 43 -50.37 -9.99 -17.03
N ASP B 43 -50.37 -10.02 -17.00
CA ASP B 43 -49.81 -10.59 -18.23
CA ASP B 43 -49.85 -10.59 -18.23
C ASP B 43 -49.27 -9.53 -19.17
C ASP B 43 -49.24 -9.50 -19.11
N GLY B 44 -49.98 -8.40 -19.29
CA GLY B 44 -49.51 -7.33 -20.15
C GLY B 44 -48.34 -6.57 -19.56
N ILE B 45 -48.37 -6.34 -18.25
CA ILE B 45 -47.21 -5.77 -17.58
C ILE B 45 -46.00 -6.66 -17.76
N ASP B 46 -46.20 -7.97 -17.67
CA ASP B 46 -45.08 -8.87 -17.88
C ASP B 46 -44.58 -8.74 -19.31
N ASN B 47 -45.50 -8.63 -20.28
CA ASN B 47 -45.08 -8.46 -21.66
C ASN B 47 -44.34 -7.16 -21.85
N ASP B 48 -44.86 -6.09 -21.24
CA ASP B 48 -44.20 -4.79 -21.27
C ASP B 48 -42.75 -4.91 -20.83
N LEU B 49 -42.54 -5.44 -19.62
CA LEU B 49 -41.20 -5.45 -19.05
C LEU B 49 -40.26 -6.38 -19.83
N LYS B 50 -40.79 -7.47 -20.40
CA LYS B 50 -39.99 -8.33 -21.25
C LYS B 50 -39.45 -7.56 -22.46
N GLN B 51 -40.34 -6.86 -23.18
CA GLN B 51 -39.93 -5.99 -24.29
C GLN B 51 -38.80 -5.06 -23.88
N ILE B 52 -39.01 -4.31 -22.81
CA ILE B 52 -38.02 -3.40 -22.30
C ILE B 52 -36.70 -4.13 -22.07
N SER B 53 -36.76 -5.33 -21.50
CA SER B 53 -35.53 -6.06 -21.20
C SER B 53 -34.82 -6.47 -22.48
N GLU B 54 -35.56 -6.97 -23.47
CA GLU B 54 -34.99 -7.44 -24.72
C GLU B 54 -34.41 -6.31 -25.56
N LEU B 55 -34.82 -5.06 -25.32
CA LEU B 55 -34.18 -3.91 -25.95
C LEU B 55 -32.80 -3.62 -25.37
N GLY B 56 -32.43 -4.25 -24.25
CA GLY B 56 -31.15 -4.02 -23.63
C GLY B 56 -31.14 -3.01 -22.49
N MET B 57 -32.31 -2.55 -22.05
CA MET B 57 -32.39 -1.72 -20.84
C MET B 57 -31.92 -2.52 -19.63
N ASP B 58 -31.30 -1.83 -18.69
CA ASP B 58 -30.92 -2.50 -17.45
C ASP B 58 -31.74 -2.07 -16.26
N HIS B 59 -32.61 -1.06 -16.37
CA HIS B 59 -33.46 -0.68 -15.24
C HIS B 59 -34.80 -0.08 -15.70
N VAL B 60 -35.76 -0.02 -14.76
CA VAL B 60 -36.99 0.74 -14.96
C VAL B 60 -37.20 1.65 -13.75
N ARG B 61 -37.89 2.75 -14.01
CA ARG B 61 -38.45 3.62 -12.99
C ARG B 61 -39.96 3.46 -13.05
N ILE B 62 -40.59 3.17 -11.90
CA ILE B 62 -42.02 2.85 -11.88
C ILE B 62 -42.74 3.83 -10.95
N PHE B 63 -44.04 4.02 -11.20
CA PHE B 63 -44.77 5.11 -10.55
C PHE B 63 -46.10 4.64 -9.98
N PRO B 64 -46.16 4.31 -8.69
CA PRO B 64 -47.45 4.13 -8.03
C PRO B 64 -48.16 5.46 -7.84
N ILE B 65 -49.45 5.39 -7.54
CA ILE B 65 -50.29 6.56 -7.30
C ILE B 65 -50.48 6.73 -5.80
N TRP B 66 -50.09 7.90 -5.28
CA TRP B 66 -50.18 8.14 -3.84
C TRP B 66 -51.58 7.97 -3.24
N PRO B 67 -52.65 8.57 -3.79
CA PRO B 67 -53.97 8.36 -3.18
C PRO B 67 -54.47 6.92 -3.23
N TYR B 68 -53.86 6.03 -4.03
CA TYR B 68 -54.25 4.62 -3.94
C TYR B 68 -53.50 3.91 -2.83
N LEU B 69 -52.28 4.36 -2.53
CA LEU B 69 -51.48 3.76 -1.47
C LEU B 69 -51.93 4.22 -0.10
N GLN B 70 -52.38 5.48 0.00
CA GLN B 70 -52.67 6.11 1.28
C GLN B 70 -53.93 6.95 1.17
N PRO B 71 -55.10 6.30 1.04
CA PRO B 71 -56.34 7.07 0.86
C PRO B 71 -56.77 7.84 2.10
N ASN B 72 -56.27 7.45 3.27
CA ASN B 72 -56.51 8.17 4.52
C ASN B 72 -55.15 8.42 5.14
N ARG B 73 -55.01 9.57 5.81
CA ARG B 73 -53.71 9.93 6.35
C ARG B 73 -53.09 8.83 7.20
N THR B 74 -53.90 8.05 7.92
CA THR B 74 -53.38 6.99 8.80
C THR B 74 -53.86 5.60 8.36
N TRP B 75 -54.04 5.37 7.07
CA TRP B 75 -54.50 4.07 6.63
C TRP B 75 -53.86 3.74 5.28
N ILE B 76 -52.93 2.81 5.27
CA ILE B 76 -52.18 2.46 4.08
C ILE B 76 -52.83 1.24 3.44
N ASN B 77 -53.02 1.29 2.12
CA ASN B 77 -53.64 0.22 1.35
C ASN B 77 -52.58 -0.85 1.10
N LYS B 78 -52.68 -1.96 1.84
CA LYS B 78 -51.66 -3.00 1.77
C LYS B 78 -51.68 -3.72 0.43
N LYS B 79 -52.86 -3.87 -0.18
CA LYS B 79 -52.90 -4.49 -1.50
C LYS B 79 -52.17 -3.64 -2.53
N GLY B 80 -52.28 -2.31 -2.42
CA GLY B 80 -51.60 -1.44 -3.37
C GLY B 80 -50.08 -1.54 -3.23
N VAL B 81 -49.60 -1.57 -1.98
CA VAL B 81 -48.18 -1.79 -1.71
C VAL B 81 -47.74 -3.12 -2.29
N ALA B 82 -48.54 -4.17 -2.08
CA ALA B 82 -48.18 -5.47 -2.60
C ALA B 82 -48.13 -5.48 -4.12
N ASP B 83 -48.99 -4.70 -4.77
CA ASP B 83 -48.95 -4.59 -6.22
C ASP B 83 -47.66 -3.93 -6.70
N VAL B 84 -47.14 -2.95 -5.96
CA VAL B 84 -45.87 -2.35 -6.36
C VAL B 84 -44.77 -3.39 -6.24
N ARG B 85 -44.80 -4.16 -5.16
CA ARG B 85 -43.87 -5.26 -5.00
C ARG B 85 -43.98 -6.25 -6.14
N ARG B 86 -45.20 -6.55 -6.58
CA ARG B 86 -45.32 -7.50 -7.68
C ARG B 86 -44.73 -6.94 -8.96
N MET B 87 -44.91 -5.64 -9.21
CA MET B 87 -44.32 -5.06 -10.41
C MET B 87 -42.79 -5.14 -10.35
N VAL B 88 -42.21 -4.77 -9.21
CA VAL B 88 -40.77 -4.87 -9.02
C VAL B 88 -40.30 -6.30 -9.24
N HIS B 89 -41.05 -7.27 -8.69
CA HIS B 89 -40.65 -8.67 -8.83
C HIS B 89 -40.68 -9.09 -10.29
N ILE B 90 -41.71 -8.69 -11.04
CA ILE B 90 -41.73 -9.00 -12.46
C ILE B 90 -40.53 -8.37 -13.18
N ALA B 91 -40.20 -7.11 -12.85
CA ALA B 91 -39.05 -6.50 -13.50
C ALA B 91 -37.79 -7.33 -13.26
N GLY B 92 -37.63 -7.82 -12.03
CA GLY B 92 -36.46 -8.61 -11.72
C GLY B 92 -36.43 -9.94 -12.44
N GLU B 93 -37.60 -10.53 -12.72
CA GLU B 93 -37.64 -11.77 -13.49
C GLU B 93 -36.89 -11.61 -14.81
N HIS B 94 -36.96 -10.42 -15.40
CA HIS B 94 -36.35 -10.14 -16.67
C HIS B 94 -35.03 -9.40 -16.54
N GLY B 95 -34.39 -9.49 -15.38
CA GLY B 95 -33.08 -8.90 -15.26
C GLY B 95 -33.06 -7.38 -15.21
N LEU B 96 -34.20 -6.73 -14.97
CA LEU B 96 -34.23 -5.28 -14.80
C LEU B 96 -34.11 -4.90 -13.34
N ASP B 97 -33.33 -3.85 -13.06
CA ASP B 97 -33.37 -3.18 -11.77
C ASP B 97 -34.57 -2.24 -11.73
N ALA B 98 -35.16 -2.10 -10.55
CA ALA B 98 -36.39 -1.34 -10.36
C ALA B 98 -36.12 -0.18 -9.41
N TYR B 99 -36.42 1.04 -9.86
CA TYR B 99 -36.43 2.22 -9.00
C TYR B 99 -37.87 2.71 -8.89
N VAL B 100 -38.30 3.02 -7.68
CA VAL B 100 -39.70 3.31 -7.38
C VAL B 100 -39.83 4.74 -6.86
N ASP B 101 -40.75 5.50 -7.43
CA ASP B 101 -41.09 6.82 -6.95
C ASP B 101 -42.38 6.75 -6.13
N VAL B 102 -42.46 7.55 -5.07
CA VAL B 102 -43.56 7.35 -4.13
C VAL B 102 -44.69 8.36 -4.32
N PHE B 103 -44.40 9.65 -4.19
CA PHE B 103 -45.48 10.64 -4.09
C PHE B 103 -45.86 11.19 -5.46
N GLN B 104 -46.63 10.38 -6.19
CA GLN B 104 -47.39 10.87 -7.34
C GLN B 104 -48.83 11.00 -6.89
N GLY B 105 -49.28 12.24 -6.70
CA GLY B 105 -48.49 13.41 -7.07
C GLY B 105 -48.67 13.75 -8.54
N HIS B 106 -47.63 14.27 -9.17
CA HIS B 106 -47.72 14.75 -10.54
C HIS B 106 -47.26 13.73 -11.58
N LEU B 107 -48.10 13.52 -12.60
CA LEU B 107 -47.79 12.65 -13.74
C LEU B 107 -48.40 13.25 -15.01
N SER B 108 -47.56 13.69 -15.94
CA SER B 108 -47.98 14.10 -17.29
C SER B 108 -49.15 15.08 -17.24
N SER B 109 -49.08 16.05 -16.33
CA SER B 109 -49.95 17.22 -16.19
C SER B 109 -51.12 16.92 -15.28
N PHE B 110 -51.31 15.70 -14.80
CA PHE B 110 -52.34 15.38 -13.83
C PHE B 110 -51.75 15.32 -12.44
N ASP B 111 -52.48 15.84 -11.45
CA ASP B 111 -52.11 15.70 -10.04
C ASP B 111 -53.03 14.68 -9.36
N PHE B 112 -52.41 13.71 -8.68
CA PHE B 112 -53.12 12.71 -7.88
C PHE B 112 -52.90 13.04 -6.41
N LEU B 113 -53.87 13.72 -5.80
CA LEU B 113 -53.66 14.08 -4.41
C LEU B 113 -54.63 13.35 -3.51
N PRO B 114 -54.19 12.92 -2.33
CA PRO B 114 -55.12 12.29 -1.39
C PRO B 114 -56.15 13.30 -0.88
N SER B 115 -57.37 12.81 -0.65
CA SER B 115 -58.47 13.70 -0.28
C SER B 115 -58.28 14.32 1.09
N TRP B 116 -57.36 13.80 1.91
CA TRP B 116 -57.06 14.41 3.19
C TRP B 116 -56.06 15.55 3.06
N LEU B 117 -55.84 16.00 1.82
CA LEU B 117 -54.95 17.11 1.55
C LEU B 117 -55.60 18.17 0.66
N VAL B 118 -56.90 18.05 0.36
CA VAL B 118 -57.55 18.90 -0.63
C VAL B 118 -58.92 19.32 -0.13
N THR B 119 -59.43 20.40 -0.75
CA THR B 119 -60.70 21.07 -0.48
C THR B 119 -60.92 21.26 1.02
N TRP B 120 -61.93 20.61 1.57
CA TRP B 120 -62.23 20.77 2.99
C TRP B 120 -61.06 20.37 3.87
N HIS B 121 -60.14 19.54 3.36
CA HIS B 121 -58.96 19.13 4.09
C HIS B 121 -57.69 19.71 3.48
N ALA B 122 -57.80 20.82 2.74
CA ALA B 122 -56.61 21.42 2.13
C ALA B 122 -55.50 21.56 3.15
N GLY B 123 -54.34 21.03 2.82
CA GLY B 123 -53.19 21.15 3.68
C GLY B 123 -51.92 21.37 2.91
N ASN B 124 -50.79 21.23 3.59
CA ASN B 124 -49.48 21.49 3.02
C ASN B 124 -48.64 20.25 3.24
N MET B 125 -48.40 19.48 2.17
CA MET B 125 -47.63 18.25 2.30
C MET B 125 -46.19 18.49 2.69
N PHE B 126 -45.68 19.72 2.60
CA PHE B 126 -44.30 19.98 2.99
C PHE B 126 -44.17 20.50 4.41
N THR B 127 -45.15 21.25 4.91
CA THR B 127 -44.99 21.94 6.18
C THR B 127 -45.93 21.45 7.30
N ASP B 128 -46.98 20.70 7.00
CA ASP B 128 -47.86 20.22 8.06
C ASP B 128 -47.24 19.00 8.72
N ALA B 129 -46.99 19.09 10.02
CA ALA B 129 -46.31 18.01 10.75
C ALA B 129 -46.94 16.63 10.51
N ASP B 130 -48.28 16.56 10.50
CA ASP B 130 -48.87 15.23 10.41
C ASP B 130 -48.94 14.73 8.97
N ALA B 131 -48.98 15.63 7.99
CA ALA B 131 -48.73 15.18 6.63
C ALA B 131 -47.33 14.58 6.51
N VAL B 132 -46.33 15.26 7.06
CA VAL B 132 -44.96 14.76 6.97
C VAL B 132 -44.84 13.41 7.68
N ALA B 133 -45.53 13.26 8.81
CA ALA B 133 -45.46 12.01 9.54
C ALA B 133 -46.11 10.86 8.74
N ALA B 134 -47.25 11.13 8.10
CA ALA B 134 -47.87 10.15 7.21
C ALA B 134 -46.97 9.82 6.03
N GLU B 135 -46.35 10.84 5.43
CA GLU B 135 -45.45 10.60 4.31
C GLU B 135 -44.29 9.71 4.73
N ARG B 136 -43.74 9.94 5.93
CA ARG B 136 -42.66 9.11 6.44
C ARG B 136 -43.14 7.67 6.62
N GLU B 137 -44.34 7.50 7.19
CA GLU B 137 -44.88 6.17 7.39
C GLU B 137 -45.06 5.43 6.06
N LEU B 138 -45.51 6.13 5.02
CA LEU B 138 -45.63 5.46 3.72
C LEU B 138 -44.26 5.07 3.19
N VAL B 139 -43.31 6.01 3.22
CA VAL B 139 -41.96 5.74 2.73
C VAL B 139 -41.36 4.54 3.46
N LYS B 140 -41.47 4.52 4.79
CA LYS B 140 -40.95 3.39 5.55
C LYS B 140 -41.65 2.09 5.18
N THR B 141 -42.98 2.13 5.04
CA THR B 141 -43.73 0.94 4.62
C THR B 141 -43.27 0.43 3.27
N MET B 142 -43.17 1.33 2.29
CA MET B 142 -42.69 0.96 0.96
C MET B 142 -41.28 0.38 1.01
N THR B 143 -40.36 1.09 1.67
CA THR B 143 -38.99 0.63 1.76
C THR B 143 -38.90 -0.78 2.33
N ASP B 144 -39.54 -1.01 3.49
CA ASP B 144 -39.42 -2.32 4.13
C ASP B 144 -40.06 -3.43 3.31
N GLU B 145 -41.06 -3.13 2.47
CA GLU B 145 -41.67 -4.17 1.67
C GLU B 145 -40.90 -4.44 0.39
N LEU B 146 -40.46 -3.38 -0.29
CA LEU B 146 -39.74 -3.53 -1.54
C LEU B 146 -38.32 -4.06 -1.30
N SER B 147 -37.76 -3.78 -0.12
CA SER B 147 -36.46 -4.35 0.19
C SER B 147 -36.43 -5.87 0.12
N LYS B 148 -37.60 -6.52 0.17
CA LYS B 148 -37.62 -7.97 0.04
C LYS B 148 -37.37 -8.44 -1.38
N GLU B 149 -37.38 -7.53 -2.35
CA GLU B 149 -37.06 -7.88 -3.73
C GLU B 149 -35.62 -7.49 -4.02
N PRO B 150 -34.76 -8.42 -4.44
CA PRO B 150 -33.42 -8.04 -4.90
C PRO B 150 -33.44 -7.03 -6.03
N ALA B 151 -34.46 -7.03 -6.88
CA ALA B 151 -34.48 -6.10 -7.99
C ALA B 151 -34.67 -4.66 -7.53
N PHE B 152 -35.23 -4.44 -6.34
CA PHE B 152 -35.46 -3.09 -5.83
C PHE B 152 -34.13 -2.39 -5.58
N LYS B 153 -33.80 -1.38 -6.38
CA LYS B 153 -32.51 -0.69 -6.27
C LYS B 153 -32.59 0.75 -5.77
N GLY B 154 -33.78 1.32 -5.69
CA GLY B 154 -33.87 2.69 -5.20
C GLY B 154 -35.26 3.23 -4.98
N LEU B 155 -35.35 4.15 -4.03
CA LEU B 155 -36.58 4.85 -3.68
C LEU B 155 -36.39 6.32 -4.03
N THR B 156 -37.25 6.84 -4.90
CA THR B 156 -37.32 8.28 -5.17
C THR B 156 -38.56 8.84 -4.45
N LEU B 157 -38.37 9.90 -3.67
CA LEU B 157 -39.48 10.47 -2.92
C LEU B 157 -40.72 10.66 -3.79
N GLY B 158 -40.53 11.12 -5.02
CA GLY B 158 -41.64 11.25 -5.93
C GLY B 158 -41.17 11.98 -7.16
N ASN B 159 -42.07 12.03 -8.15
CA ASN B 159 -41.74 12.60 -9.45
C ASN B 159 -41.97 14.10 -9.42
N ALA B 160 -40.89 14.86 -9.56
CA ALA B 160 -40.97 16.33 -9.66
C ALA B 160 -41.78 16.92 -8.52
N VAL B 161 -41.45 16.52 -7.29
CA VAL B 161 -42.24 16.91 -6.13
C VAL B 161 -42.22 18.41 -5.90
N ASN B 162 -41.31 19.14 -6.55
CA ASN B 162 -41.24 20.57 -6.32
C ASN B 162 -42.38 21.31 -7.02
N GLN B 163 -42.99 20.72 -8.05
CA GLN B 163 -43.95 21.45 -8.88
C GLN B 163 -45.13 21.98 -8.08
N LEU B 164 -45.46 21.33 -6.96
CA LEU B 164 -46.57 21.73 -6.09
C LEU B 164 -46.21 22.85 -5.13
N SER B 165 -44.93 23.18 -5.00
CA SER B 165 -44.47 24.06 -3.93
C SER B 165 -44.41 25.53 -4.33
N ASP B 166 -44.69 25.88 -5.57
CA ASP B 166 -44.50 27.27 -6.00
C ASP B 166 -45.38 27.52 -7.22
N ARG B 167 -45.53 28.79 -7.56
CA ARG B 167 -46.08 29.12 -8.87
C ARG B 167 -45.20 28.51 -9.95
N PRO B 168 -45.76 28.16 -11.14
CA PRO B 168 -47.12 28.44 -11.60
C PRO B 168 -48.20 27.43 -11.16
N HIS B 169 -47.99 26.67 -10.10
CA HIS B 169 -48.99 25.67 -9.72
C HIS B 169 -50.26 26.34 -9.21
N PRO B 170 -51.42 26.02 -9.77
CA PRO B 170 -52.65 26.75 -9.42
C PRO B 170 -53.19 26.51 -8.01
N THR B 171 -52.68 25.53 -7.26
CA THR B 171 -53.08 25.32 -5.84
C THR B 171 -51.83 25.03 -5.01
N LYS B 172 -50.87 25.94 -5.06
CA LYS B 172 -49.54 25.67 -4.52
C LYS B 172 -49.59 25.42 -3.02
N MET B 173 -48.69 24.58 -2.56
CA MET B 173 -48.43 24.33 -1.15
C MET B 173 -47.10 25.01 -0.85
N SER B 174 -47.17 26.27 -0.42
CA SER B 174 -46.00 27.11 -0.29
C SER B 174 -45.09 26.63 0.83
N ALA B 175 -43.80 26.90 0.66
CA ALA B 175 -42.76 26.51 1.60
C ALA B 175 -41.59 27.45 1.39
N THR B 176 -40.77 27.60 2.42
CA THR B 176 -39.48 28.26 2.29
C THR B 176 -38.40 27.25 1.95
N ASP B 177 -37.26 27.77 1.46
CA ASP B 177 -36.06 26.96 1.32
C ASP B 177 -35.76 26.19 2.62
N ARG B 178 -35.80 26.89 3.77
CA ARG B 178 -35.52 26.22 5.04
C ARG B 178 -36.50 25.08 5.31
N GLN B 179 -37.76 25.27 4.97
CA GLN B 179 -38.76 24.24 5.24
C GLN B 179 -38.57 23.03 4.34
N ILE B 180 -38.16 23.27 3.10
CA ILE B 180 -37.94 22.17 2.18
C ILE B 180 -36.73 21.37 2.64
N ASP B 181 -35.69 22.07 3.11
CA ASP B 181 -34.56 21.42 3.78
C ASP B 181 -35.02 20.46 4.86
N ALA B 182 -35.99 20.88 5.69
CA ALA B 182 -36.44 20.04 6.78
C ALA B 182 -37.29 18.89 6.29
N TRP B 183 -38.12 19.14 5.28
CA TRP B 183 -38.90 18.08 4.66
C TRP B 183 -37.99 16.99 4.09
N LEU B 184 -36.98 17.38 3.31
CA LEU B 184 -36.06 16.38 2.77
C LEU B 184 -35.35 15.63 3.89
N ASP B 185 -34.88 16.36 4.90
CA ASP B 185 -34.24 15.70 6.05
C ASP B 185 -35.22 14.83 6.82
N ALA B 186 -36.52 15.14 6.78
CA ALA B 186 -37.49 14.30 7.49
C ALA B 186 -37.71 12.97 6.78
N LEU B 187 -37.62 12.95 5.46
CA LEU B 187 -38.09 11.83 4.67
C LEU B 187 -36.98 10.93 4.13
N LEU B 188 -35.89 11.51 3.61
CA LEU B 188 -34.88 10.68 2.96
C LEU B 188 -34.21 9.66 3.86
N PRO B 189 -33.88 9.93 5.14
CA PRO B 189 -33.33 8.85 5.99
C PRO B 189 -34.26 7.67 6.12
N THR B 190 -35.57 7.91 6.13
CA THR B 190 -36.51 6.80 6.21
C THR B 190 -36.42 5.91 4.99
N ALA B 191 -36.12 6.48 3.82
CA ALA B 191 -35.91 5.68 2.62
C ALA B 191 -34.58 4.96 2.60
N ALA B 192 -33.67 5.25 3.52
CA ALA B 192 -32.37 4.62 3.46
C ALA B 192 -32.48 3.15 3.84
N GLY B 193 -31.49 2.37 3.37
CA GLY B 193 -31.34 0.97 3.69
C GLY B 193 -30.29 0.31 2.83
N GLU B 194 -29.76 -0.83 3.29
CA GLU B 194 -28.72 -1.53 2.54
C GLU B 194 -29.32 -2.11 1.26
N GLY B 195 -28.62 -1.94 0.14
CA GLY B 195 -29.04 -2.54 -1.11
C GLY B 195 -29.84 -1.64 -2.04
N HIS B 196 -30.12 -0.41 -1.63
CA HIS B 196 -30.83 0.54 -2.50
C HIS B 196 -30.46 1.94 -2.08
N ASN B 197 -30.61 2.88 -3.01
CA ASN B 197 -30.36 4.28 -2.69
C ASN B 197 -31.66 5.02 -2.41
N ALA B 198 -31.51 6.21 -1.85
CA ALA B 198 -32.62 7.11 -1.51
C ALA B 198 -32.41 8.42 -2.27
N LEU B 199 -33.42 8.82 -3.04
CA LEU B 199 -33.34 10.00 -3.91
C LEU B 199 -34.63 10.80 -3.84
N TYR B 200 -34.59 11.96 -4.48
CA TYR B 200 -35.82 12.66 -4.86
C TYR B 200 -35.58 13.32 -6.20
N SER B 201 -36.64 13.86 -6.80
CA SER B 201 -36.52 14.43 -8.13
C SER B 201 -37.35 15.70 -8.21
N VAL B 202 -36.91 16.60 -9.10
CA VAL B 202 -37.51 17.93 -9.26
C VAL B 202 -37.56 18.23 -10.75
N ASN B 203 -38.38 19.22 -11.10
CA ASN B 203 -38.36 19.69 -12.46
C ASN B 203 -37.40 20.88 -12.54
N ASP B 204 -37.21 21.44 -13.74
CA ASP B 204 -36.09 22.37 -13.89
C ASP B 204 -36.34 23.74 -13.24
N GLY B 205 -37.52 23.97 -12.62
CA GLY B 205 -37.71 25.21 -11.88
C GLY B 205 -36.72 25.37 -10.74
N THR B 206 -36.21 24.25 -10.22
CA THR B 206 -35.19 24.29 -9.18
C THR B 206 -33.99 25.14 -9.59
N TRP B 207 -33.59 25.07 -10.87
CA TRP B 207 -32.47 25.88 -11.33
C TRP B 207 -32.88 27.18 -12.00
N PHE B 208 -34.10 27.28 -12.52
CA PHE B 208 -34.43 28.39 -13.39
C PHE B 208 -35.41 29.41 -12.82
N ILE B 209 -35.95 29.19 -11.63
CA ILE B 209 -36.95 30.08 -11.05
C ILE B 209 -36.38 30.69 -9.77
N ASP B 210 -36.27 32.02 -9.74
CA ASP B 210 -35.82 32.70 -8.55
C ASP B 210 -36.88 32.59 -7.45
N GLY B 211 -36.42 32.34 -6.22
CA GLY B 211 -37.31 32.20 -5.09
C GLY B 211 -37.92 30.83 -4.93
N HIS B 212 -37.57 29.89 -5.80
CA HIS B 212 -38.14 28.56 -5.72
C HIS B 212 -37.62 27.85 -4.49
N PRO B 213 -38.49 27.23 -3.69
CA PRO B 213 -38.03 26.70 -2.39
C PRO B 213 -37.19 25.44 -2.50
N PHE B 214 -37.26 24.70 -3.61
CA PHE B 214 -36.29 23.66 -3.90
C PHE B 214 -35.10 24.30 -4.60
N THR B 215 -33.90 23.99 -4.14
CA THR B 215 -32.73 24.76 -4.50
C THR B 215 -31.69 23.88 -5.16
N PRO B 216 -30.80 24.45 -5.97
CA PRO B 216 -29.73 23.65 -6.57
C PRO B 216 -28.81 23.01 -5.55
N VAL B 217 -28.61 23.64 -4.39
CA VAL B 217 -27.73 23.06 -3.40
C VAL B 217 -28.36 21.81 -2.79
N GLN B 218 -29.68 21.83 -2.55
CA GLN B 218 -30.39 20.63 -2.10
C GLN B 218 -30.22 19.46 -3.07
N SER B 219 -30.48 19.72 -4.36
CA SER B 219 -30.41 18.66 -5.36
C SER B 219 -29.03 18.02 -5.44
N ALA B 220 -27.98 18.77 -5.15
CA ALA B 220 -26.62 18.26 -5.31
C ALA B 220 -25.99 17.82 -3.99
N THR B 221 -26.76 17.81 -2.89
CA THR B 221 -26.24 17.36 -1.60
C THR B 221 -27.16 16.44 -0.83
N LYS B 222 -28.45 16.40 -1.11
CA LYS B 222 -29.38 15.56 -0.35
C LYS B 222 -29.81 14.38 -1.20
N GLY B 223 -29.96 13.24 -0.54
CA GLY B 223 -30.08 11.99 -1.26
C GLY B 223 -28.75 11.59 -1.86
N ASP B 224 -28.78 10.47 -2.57
CA ASP B 224 -27.56 9.78 -2.92
C ASP B 224 -26.94 10.24 -4.24
N MET B 225 -27.74 10.79 -5.17
CA MET B 225 -27.20 11.31 -6.42
C MET B 225 -28.01 12.52 -6.83
N THR B 226 -27.41 13.34 -7.68
CA THR B 226 -28.08 14.52 -8.20
C THR B 226 -28.99 14.11 -9.35
N VAL B 227 -30.28 14.43 -9.23
CA VAL B 227 -31.29 13.95 -10.15
C VAL B 227 -31.77 15.10 -11.01
N ILE B 228 -31.80 14.90 -12.33
CA ILE B 228 -32.28 15.92 -13.27
C ILE B 228 -33.26 15.29 -14.23
N HIS B 229 -34.19 16.12 -14.69
CA HIS B 229 -35.15 15.82 -15.76
C HIS B 229 -34.96 16.87 -16.86
N SER B 230 -34.72 16.40 -18.09
CA SER B 230 -34.31 17.26 -19.20
C SER B 230 -35.40 17.27 -20.27
N TRP B 231 -36.09 18.41 -20.41
CA TRP B 231 -37.24 18.57 -21.32
C TRP B 231 -37.08 19.82 -22.19
N VAL B 232 -36.81 19.64 -23.49
CA VAL B 232 -36.49 20.79 -24.33
C VAL B 232 -37.70 21.62 -24.69
N PHE B 233 -38.92 21.28 -24.22
CA PHE B 233 -40.06 22.14 -24.50
C PHE B 233 -40.14 23.33 -23.57
N ASN B 234 -39.17 23.50 -22.69
CA ASN B 234 -39.10 24.58 -21.71
C ASN B 234 -38.54 25.87 -22.31
N GLY B 235 -38.48 25.97 -23.63
CA GLY B 235 -37.92 27.13 -24.31
C GLY B 235 -36.67 26.86 -25.11
N ILE B 236 -35.99 25.76 -24.81
CA ILE B 236 -34.75 25.40 -25.48
C ILE B 236 -34.99 25.17 -26.96
N ALA B 237 -35.94 24.27 -27.27
CA ALA B 237 -36.22 23.98 -28.66
C ALA B 237 -36.80 25.20 -29.37
N GLN B 238 -37.73 25.90 -28.72
CA GLN B 238 -38.36 27.06 -29.33
C GLN B 238 -37.36 28.19 -29.52
N GLY B 239 -36.50 28.41 -28.53
CA GLY B 239 -35.60 29.53 -28.57
C GLY B 239 -34.37 29.28 -29.44
N TYR B 240 -33.72 28.13 -29.27
CA TYR B 240 -32.49 27.89 -30.03
C TYR B 240 -32.73 27.17 -31.34
N GLY B 241 -33.84 26.45 -31.48
CA GLY B 241 -34.11 25.71 -32.70
C GLY B 241 -34.12 24.24 -32.40
N ALA B 242 -35.12 23.52 -32.93
CA ALA B 242 -35.31 22.11 -32.60
C ALA B 242 -34.09 21.28 -32.99
N THR B 243 -33.53 21.53 -34.17
CA THR B 243 -32.44 20.73 -34.67
C THR B 243 -31.07 21.35 -34.40
N SER B 244 -31.00 22.34 -33.51
CA SER B 244 -29.77 23.06 -33.24
C SER B 244 -28.84 22.28 -32.30
N GLU B 245 -27.57 22.68 -32.31
CA GLU B 245 -26.59 22.09 -31.40
C GLU B 245 -26.93 22.45 -29.95
N GLU B 246 -27.44 23.66 -29.73
CA GLU B 246 -27.88 24.04 -28.40
C GLU B 246 -28.95 23.09 -27.89
N CYS B 247 -29.91 22.77 -28.76
CA CYS B 247 -31.00 21.92 -28.33
C CYS B 247 -30.51 20.52 -27.98
N SER B 248 -29.61 19.96 -28.80
CA SER B 248 -29.17 18.60 -28.49
C SER B 248 -28.10 18.57 -27.40
N SER B 249 -27.58 19.72 -27.00
CA SER B 249 -26.61 19.77 -25.93
C SER B 249 -27.23 20.12 -24.58
N TYR B 250 -28.56 20.30 -24.52
CA TYR B 250 -29.17 20.84 -23.30
C TYR B 250 -29.12 19.84 -22.14
N ALA B 251 -29.36 18.56 -22.41
CA ALA B 251 -29.26 17.58 -21.32
C ALA B 251 -27.86 17.60 -20.71
N LEU B 252 -26.83 17.74 -21.54
CA LEU B 252 -25.48 17.90 -21.02
C LEU B 252 -25.36 19.17 -20.19
N TYR B 253 -25.92 20.27 -20.67
CA TYR B 253 -25.88 21.51 -19.91
C TYR B 253 -26.52 21.34 -18.55
N LEU B 254 -27.71 20.74 -18.51
CA LEU B 254 -28.40 20.55 -17.23
C LEU B 254 -27.58 19.67 -16.28
N ALA B 255 -26.88 18.67 -16.83
CA ALA B 255 -26.04 17.81 -15.99
C ALA B 255 -24.85 18.59 -15.42
N GLU B 256 -24.12 19.31 -16.27
CA GLU B 256 -23.01 20.13 -15.78
C GLU B 256 -23.53 21.19 -14.82
N LEU B 257 -24.71 21.73 -15.08
CA LEU B 257 -25.25 22.78 -14.23
C LEU B 257 -25.60 22.24 -12.84
N ALA B 258 -26.28 21.09 -12.78
CA ALA B 258 -26.74 20.56 -11.51
C ALA B 258 -25.57 20.18 -10.60
N LYS B 259 -24.54 19.52 -11.15
CA LYS B 259 -23.46 19.06 -10.30
C LYS B 259 -22.58 20.19 -9.81
N ALA B 260 -22.65 21.35 -10.45
CA ALA B 260 -21.79 22.47 -10.07
C ALA B 260 -22.05 22.96 -8.65
N PHE B 261 -23.21 22.70 -8.08
CA PHE B 261 -23.55 23.23 -6.77
C PHE B 261 -23.33 22.24 -5.63
N GLY B 262 -22.80 21.06 -5.91
CA GLY B 262 -22.49 20.13 -4.83
C GLY B 262 -21.12 20.38 -4.22
N LYS B 263 -21.02 20.17 -2.91
CA LYS B 263 -19.72 20.20 -2.25
C LYS B 263 -18.80 19.09 -2.78
N ASP B 264 -19.38 17.99 -3.27
CA ASP B 264 -18.63 16.83 -3.76
C ASP B 264 -18.61 16.85 -5.28
N SER B 265 -17.43 17.12 -5.85
CA SER B 265 -17.31 17.23 -7.29
C SER B 265 -17.40 15.88 -7.99
N GLU B 266 -17.29 14.77 -7.26
CA GLU B 266 -17.39 13.45 -7.86
C GLU B 266 -18.80 12.88 -7.76
N ARG B 267 -19.70 13.57 -7.06
CA ARG B 267 -21.06 13.06 -6.83
C ARG B 267 -21.78 12.81 -8.15
N PRO B 268 -22.33 11.62 -8.35
CA PRO B 268 -22.92 11.27 -9.65
C PRO B 268 -24.19 12.05 -9.95
N VAL B 269 -24.46 12.15 -11.25
CA VAL B 269 -25.67 12.77 -11.78
C VAL B 269 -26.49 11.70 -12.49
N TRP B 270 -27.79 11.68 -12.22
CA TRP B 270 -28.71 10.77 -12.90
C TRP B 270 -29.61 11.58 -13.84
N LEU B 271 -29.47 11.33 -15.15
CA LEU B 271 -30.44 11.84 -16.12
C LEU B 271 -31.67 10.92 -16.07
N GLN B 272 -32.57 11.23 -15.13
CA GLN B 272 -33.65 10.33 -14.78
C GLN B 272 -34.84 10.42 -15.73
N GLU B 273 -34.93 11.50 -16.50
CA GLU B 273 -35.96 11.69 -17.51
C GLU B 273 -35.39 12.51 -18.63
N VAL B 274 -35.48 12.00 -19.85
CA VAL B 274 -35.27 12.78 -21.06
C VAL B 274 -36.17 12.17 -22.13
N GLY B 275 -36.89 13.02 -22.85
CA GLY B 275 -37.79 12.57 -23.89
C GLY B 275 -37.65 13.43 -25.13
N ALA B 276 -38.35 13.02 -26.17
CA ALA B 276 -38.30 13.73 -27.43
C ALA B 276 -39.66 14.38 -27.72
N PRO B 277 -40.00 15.48 -27.05
CA PRO B 277 -41.39 15.95 -27.07
C PRO B 277 -41.79 16.42 -28.46
N GLU B 278 -42.85 15.81 -29.01
CA GLU B 278 -43.24 16.13 -30.38
C GLU B 278 -44.04 17.43 -30.49
N ASN B 279 -44.28 18.15 -29.39
CA ASN B 279 -44.81 19.49 -29.48
C ASN B 279 -43.77 20.50 -29.92
N VAL B 280 -42.48 20.14 -29.91
CA VAL B 280 -41.41 21.03 -30.36
C VAL B 280 -40.44 20.39 -31.34
N LEU B 281 -40.37 19.06 -31.43
CA LEU B 281 -39.50 18.38 -32.39
C LEU B 281 -40.35 17.68 -33.43
N GLU B 282 -39.84 17.63 -34.66
CA GLU B 282 -40.52 16.91 -35.71
C GLU B 282 -40.45 15.42 -35.40
N THR B 283 -41.53 14.71 -35.73
CA THR B 283 -41.59 13.28 -35.43
C THR B 283 -40.43 12.54 -36.07
N ASP B 284 -40.15 12.84 -37.34
CA ASP B 284 -39.08 12.15 -38.06
C ASP B 284 -37.69 12.46 -37.51
N TYR B 285 -37.55 13.46 -36.64
CA TYR B 285 -36.25 13.85 -36.10
C TYR B 285 -35.95 13.24 -34.74
N THR B 286 -36.94 12.66 -34.07
CA THR B 286 -36.73 12.20 -32.70
C THR B 286 -35.64 11.14 -32.56
N PRO B 287 -35.41 10.23 -33.52
CA PRO B 287 -34.28 9.29 -33.32
C PRO B 287 -32.92 9.96 -33.41
N GLU B 288 -32.75 10.95 -34.30
CA GLU B 288 -31.52 11.73 -34.31
C GLU B 288 -31.36 12.53 -33.02
N PHE B 289 -32.44 13.21 -32.61
CA PHE B 289 -32.40 13.96 -31.36
C PHE B 289 -31.99 13.07 -30.20
N CYS B 290 -32.49 11.83 -30.18
CA CYS B 290 -32.15 10.91 -29.10
C CYS B 290 -30.64 10.60 -29.10
N ARG B 291 -30.11 10.22 -30.27
CA ARG B 291 -28.69 9.91 -30.38
C ARG B 291 -27.83 11.09 -29.95
N LYS B 292 -28.12 12.28 -30.48
CA LYS B 292 -27.28 13.45 -30.21
C LYS B 292 -27.35 13.86 -28.74
N THR B 293 -28.54 13.79 -28.13
CA THR B 293 -28.70 14.15 -26.72
C THR B 293 -27.90 13.21 -25.82
N VAL B 294 -28.04 11.89 -26.03
CA VAL B 294 -27.32 10.94 -25.18
C VAL B 294 -25.82 11.07 -25.39
N GLU B 295 -25.38 11.13 -26.64
CA GLU B 295 -23.96 11.20 -26.92
C GLU B 295 -23.32 12.42 -26.26
N ARG B 296 -24.03 13.55 -26.25
CA ARG B 296 -23.50 14.73 -25.58
C ARG B 296 -23.62 14.62 -24.06
N ALA B 297 -24.70 13.99 -23.58
CA ALA B 297 -24.90 13.83 -22.15
C ALA B 297 -23.77 13.04 -21.53
N MET B 298 -23.30 11.98 -22.22
CA MET B 298 -22.18 11.20 -21.73
C MET B 298 -20.86 11.94 -21.78
N ASP B 299 -20.83 13.15 -22.32
CA ASP B 299 -19.63 13.97 -22.16
C ASP B 299 -19.52 14.57 -20.77
N CYS B 300 -20.44 14.25 -19.86
CA CYS B 300 -20.32 14.63 -18.46
C CYS B 300 -19.83 13.41 -17.68
N ARG B 301 -18.64 13.52 -17.09
CA ARG B 301 -18.02 12.36 -16.48
C ARG B 301 -18.73 11.92 -15.21
N ASN B 302 -19.58 12.78 -14.63
CA ASN B 302 -20.36 12.38 -13.47
C ASN B 302 -21.63 11.63 -13.82
N LEU B 303 -21.98 11.56 -15.11
CA LEU B 303 -23.24 10.95 -15.49
C LEU B 303 -23.25 9.49 -15.06
N TRP B 304 -24.32 9.09 -14.39
CA TRP B 304 -24.45 7.74 -13.87
C TRP B 304 -25.38 6.90 -14.72
N GLY B 305 -26.31 7.52 -15.42
CA GLY B 305 -27.20 6.77 -16.28
C GLY B 305 -28.21 7.68 -16.93
N VAL B 306 -28.96 7.10 -17.86
CA VAL B 306 -29.94 7.79 -18.68
C VAL B 306 -31.19 6.94 -18.69
N THR B 307 -32.30 7.51 -18.26
CA THR B 307 -33.58 6.82 -18.22
C THR B 307 -34.51 7.57 -19.16
N TRP B 308 -34.79 7.00 -20.33
CA TRP B 308 -35.65 7.68 -21.28
C TRP B 308 -37.08 7.79 -20.76
N TRP B 309 -37.74 8.90 -21.11
CA TRP B 309 -39.19 9.01 -20.97
C TRP B 309 -39.80 8.91 -22.37
N CYS B 310 -40.62 7.89 -22.62
CA CYS B 310 -40.97 6.83 -21.68
C CYS B 310 -41.02 5.52 -22.45
N SER B 311 -41.39 4.43 -21.78
CA SER B 311 -41.34 3.12 -22.43
C SER B 311 -42.44 2.96 -23.47
N HIS B 312 -43.68 3.26 -23.10
CA HIS B 312 -44.82 2.99 -23.98
C HIS B 312 -45.68 4.23 -24.17
N ASP B 313 -46.22 4.36 -25.38
CA ASP B 313 -47.14 5.44 -25.71
C ASP B 313 -48.36 5.44 -24.78
N VAL B 314 -48.77 6.63 -24.37
CA VAL B 314 -50.04 6.75 -23.62
C VAL B 314 -51.20 6.37 -24.51
N PRO B 315 -52.09 5.45 -24.10
CA PRO B 315 -53.15 4.96 -24.99
C PRO B 315 -54.03 6.08 -25.52
N ALA B 316 -54.31 6.02 -26.83
CA ALA B 316 -55.03 7.08 -27.51
C ALA B 316 -56.45 7.26 -27.01
N SER B 317 -57.02 6.27 -26.32
CA SER B 317 -58.40 6.41 -25.85
C SER B 317 -58.50 7.41 -24.70
N MET B 318 -57.40 7.68 -24.01
CA MET B 318 -57.41 8.60 -22.87
C MET B 318 -57.23 10.03 -23.36
N GLU B 319 -57.93 10.95 -22.72
CA GLU B 319 -57.92 12.32 -23.19
C GLU B 319 -57.48 13.28 -22.09
N ASP B 320 -57.43 14.56 -22.49
CA ASP B 320 -56.93 15.72 -21.74
C ASP B 320 -55.43 15.69 -21.51
N PHE B 321 -54.72 14.74 -22.10
CA PHE B 321 -53.27 14.84 -22.16
C PHE B 321 -52.89 15.94 -23.14
N PRO B 322 -51.83 16.72 -22.88
CA PRO B 322 -51.14 17.41 -23.97
C PRO B 322 -50.80 16.39 -25.05
N PHE B 323 -51.17 16.70 -26.29
CA PHE B 323 -51.14 15.70 -27.35
C PHE B 323 -49.80 14.99 -27.45
N PHE B 324 -48.70 15.72 -27.27
CA PHE B 324 -47.38 15.12 -27.46
C PHE B 324 -47.13 13.99 -26.46
N GLU B 325 -47.76 14.03 -25.30
CA GLU B 325 -47.48 13.00 -24.31
C GLU B 325 -47.83 11.61 -24.82
N HIS B 326 -48.73 11.51 -25.79
CA HIS B 326 -49.18 10.21 -26.29
C HIS B 326 -48.11 9.48 -27.10
N SER B 327 -47.13 10.18 -27.67
CA SER B 327 -46.15 9.53 -28.53
C SER B 327 -44.74 9.58 -27.95
N LEU B 328 -44.62 9.85 -26.66
CA LEU B 328 -43.31 9.86 -26.00
C LEU B 328 -42.69 8.48 -25.85
N GLY B 329 -43.37 7.40 -26.25
CA GLY B 329 -42.89 6.07 -25.96
C GLY B 329 -41.78 5.61 -26.89
N LEU B 330 -41.01 4.61 -26.42
CA LEU B 330 -40.12 3.86 -27.28
C LEU B 330 -40.86 2.75 -28.03
N PHE B 331 -41.96 2.26 -27.45
CA PHE B 331 -42.89 1.35 -28.09
C PHE B 331 -44.22 2.06 -28.30
N ASP B 332 -44.94 1.65 -29.34
CA ASP B 332 -46.25 2.24 -29.58
C ASP B 332 -47.31 1.55 -28.70
N GLU B 333 -48.57 1.94 -28.89
CA GLU B 333 -49.65 1.40 -28.08
C GLU B 333 -49.84 -0.10 -28.33
N GLN B 334 -49.80 -0.51 -29.60
CA GLN B 334 -49.86 -1.92 -29.98
C GLN B 334 -48.66 -2.72 -29.49
N GLY B 335 -47.63 -2.08 -28.95
CA GLY B 335 -46.45 -2.80 -28.50
C GLY B 335 -45.37 -2.99 -29.55
N GLN B 336 -45.36 -2.21 -30.61
CA GLN B 336 -44.31 -2.31 -31.61
C GLN B 336 -43.20 -1.32 -31.29
N LEU B 337 -41.96 -1.77 -31.46
CA LEU B 337 -40.80 -0.91 -31.27
C LEU B 337 -40.83 0.24 -32.28
N LYS B 338 -40.66 1.47 -31.80
CA LYS B 338 -40.58 2.65 -32.66
C LYS B 338 -39.14 2.93 -33.04
N PRO B 339 -38.91 3.70 -34.13
CA PRO B 339 -37.52 4.04 -34.50
C PRO B 339 -36.71 4.67 -33.38
N ILE B 340 -37.30 5.52 -32.53
CA ILE B 340 -36.53 6.06 -31.42
C ILE B 340 -36.17 4.96 -30.44
N GLY B 341 -37.01 3.93 -30.30
CA GLY B 341 -36.69 2.81 -29.43
C GLY B 341 -35.51 2.00 -29.95
N ARG B 342 -35.47 1.77 -31.26
CA ARG B 342 -34.30 1.13 -31.85
C ARG B 342 -33.05 1.92 -31.53
N THR B 343 -33.11 3.24 -31.69
CA THR B 343 -31.93 4.08 -31.45
C THR B 343 -31.46 3.95 -30.01
N PHE B 344 -32.36 4.10 -29.05
CA PHE B 344 -31.98 4.09 -27.65
C PHE B 344 -31.34 2.76 -27.25
N GLY B 345 -31.87 1.65 -27.77
CA GLY B 345 -31.29 0.35 -27.47
C GLY B 345 -29.89 0.19 -28.02
N GLU B 346 -29.62 0.73 -29.23
CA GLU B 346 -28.27 0.66 -29.75
C GLU B 346 -27.34 1.64 -29.07
N LEU B 347 -27.88 2.75 -28.58
CA LEU B 347 -27.09 3.60 -27.69
C LEU B 347 -26.64 2.81 -26.47
N ALA B 348 -27.55 2.04 -25.88
CA ALA B 348 -27.20 1.26 -24.70
C ALA B 348 -26.16 0.20 -25.04
N ALA B 349 -26.34 -0.50 -26.18
CA ALA B 349 -25.35 -1.47 -26.62
C ALA B 349 -23.98 -0.83 -26.84
N GLN B 350 -23.95 0.33 -27.48
CA GLN B 350 -22.68 0.98 -27.76
C GLN B 350 -21.98 1.42 -26.48
N TYR B 351 -22.74 2.03 -25.55
CA TYR B 351 -22.11 2.92 -24.59
C TYR B 351 -22.11 2.43 -23.15
N ARG B 352 -22.89 1.40 -22.80
CA ARG B 352 -22.99 1.04 -21.39
C ARG B 352 -21.64 0.61 -20.82
N SER B 353 -20.68 0.29 -21.69
CA SER B 353 -19.35 -0.17 -21.29
C SER B 353 -18.27 0.88 -21.54
N ALA B 354 -18.66 2.13 -21.79
CA ALA B 354 -17.68 3.15 -22.09
C ALA B 354 -16.85 3.53 -20.88
N LEU B 355 -15.65 4.04 -21.14
CA LEU B 355 -14.87 4.72 -20.13
C LEU B 355 -15.38 6.15 -19.95
N PRO B 356 -15.21 6.73 -18.77
CA PRO B 356 -15.84 8.03 -18.50
C PRO B 356 -15.19 9.12 -19.34
N ALA B 357 -15.91 10.24 -19.42
CA ALA B 357 -15.50 11.36 -20.25
C ALA B 357 -14.21 11.97 -19.73
N GLN B 358 -13.40 12.49 -20.65
CA GLN B 358 -12.23 13.24 -20.28
C GLN B 358 -12.62 14.41 -19.38
N PRO B 359 -11.76 14.79 -18.43
CA PRO B 359 -12.04 16.00 -17.63
C PRO B 359 -12.09 17.24 -18.52
N LYS B 360 -12.57 18.33 -17.93
CA LYS B 360 -12.83 19.58 -18.62
C LYS B 360 -12.07 20.70 -17.91
N THR B 361 -11.37 21.54 -18.68
CA THR B 361 -10.54 22.58 -18.09
C THR B 361 -11.11 23.97 -18.22
N VAL B 362 -12.16 24.13 -19.01
CA VAL B 362 -12.79 25.42 -19.27
C VAL B 362 -14.10 25.47 -18.49
N ALA B 363 -14.24 26.46 -17.60
CA ALA B 363 -15.41 26.54 -16.73
C ALA B 363 -16.16 27.86 -16.87
N VAL B 364 -17.49 27.76 -16.94
CA VAL B 364 -18.37 28.91 -16.75
C VAL B 364 -18.61 29.07 -15.26
N VAL B 365 -18.52 30.31 -14.76
CA VAL B 365 -18.62 30.58 -13.33
C VAL B 365 -19.99 31.17 -13.02
N ILE B 366 -20.61 30.72 -11.94
CA ILE B 366 -21.92 31.19 -11.49
C ILE B 366 -21.79 31.80 -10.10
N ASP B 367 -22.14 33.08 -9.97
CA ASP B 367 -22.13 33.72 -8.66
C ASP B 367 -23.14 33.05 -7.74
N VAL B 368 -22.78 32.88 -6.45
CA VAL B 368 -23.65 32.24 -5.47
C VAL B 368 -23.62 32.99 -4.14
N ASP B 369 -24.69 32.82 -3.37
CA ASP B 369 -24.81 33.42 -2.04
C ASP B 369 -23.98 32.62 -1.02
N GLU B 370 -24.10 32.97 0.26
CA GLU B 370 -23.26 32.33 1.28
C GLU B 370 -23.49 30.83 1.32
N ALA B 371 -24.75 30.39 1.20
CA ALA B 371 -25.12 28.98 1.29
C ALA B 371 -24.83 28.19 0.02
N GLY B 372 -24.38 28.83 -1.05
CA GLY B 372 -23.99 28.12 -2.26
C GLY B 372 -24.99 28.16 -3.39
N ASN B 373 -26.13 28.86 -3.25
CA ASN B 373 -27.12 28.85 -4.31
C ASN B 373 -26.97 30.06 -5.22
N PRO B 374 -27.42 29.96 -6.48
CA PRO B 374 -27.23 31.08 -7.41
C PRO B 374 -27.92 32.34 -6.92
N VAL B 375 -27.20 33.46 -7.04
CA VAL B 375 -27.80 34.76 -6.78
C VAL B 375 -28.92 35.04 -7.78
N ASN B 376 -28.75 34.60 -9.02
CA ASN B 376 -29.65 34.95 -10.12
C ASN B 376 -29.99 33.66 -10.87
N ARG B 377 -31.06 33.00 -10.45
CA ARG B 377 -31.43 31.74 -11.11
C ARG B 377 -32.06 31.98 -12.48
N SER B 378 -32.62 33.16 -12.70
CA SER B 378 -33.29 33.42 -13.97
CA SER B 378 -33.28 33.40 -13.97
C SER B 378 -32.28 33.43 -15.12
N ALA B 379 -31.03 33.77 -14.85
CA ALA B 379 -30.02 33.79 -15.90
C ALA B 379 -29.60 32.39 -16.31
N LEU B 380 -30.02 31.36 -15.57
CA LEU B 380 -29.60 30.01 -15.88
C LEU B 380 -30.51 29.35 -16.90
N GLY B 381 -31.76 29.80 -17.02
CA GLY B 381 -32.73 29.17 -17.89
C GLY B 381 -32.47 29.38 -19.36
N PRO B 382 -33.26 28.70 -20.21
CA PRO B 382 -33.14 28.86 -21.67
C PRO B 382 -33.17 30.32 -22.14
N GLY B 383 -32.13 30.73 -22.87
CA GLY B 383 -32.00 32.11 -23.29
C GLY B 383 -31.56 33.07 -22.22
N GLY B 384 -31.09 32.54 -21.07
CA GLY B 384 -30.49 33.38 -20.06
C GLY B 384 -29.02 33.59 -20.38
N SER B 385 -28.43 34.56 -19.69
CA SER B 385 -27.06 34.94 -20.03
C SER B 385 -26.09 33.80 -19.76
N VAL B 386 -26.29 33.07 -18.66
CA VAL B 386 -25.42 31.94 -18.33
C VAL B 386 -25.62 30.81 -19.33
N CYS B 387 -26.88 30.44 -19.59
CA CYS B 387 -27.16 29.45 -20.62
C CYS B 387 -26.54 29.83 -21.96
N ASP B 388 -26.77 31.08 -22.40
CA ASP B 388 -26.18 31.58 -23.64
C ASP B 388 -24.66 31.43 -23.62
N LEU B 389 -24.05 31.83 -22.51
CA LEU B 389 -22.59 31.74 -22.37
C LEU B 389 -22.11 30.30 -22.48
N TRP B 390 -22.70 29.39 -21.70
CA TRP B 390 -22.31 27.99 -21.76
C TRP B 390 -22.53 27.42 -23.16
N MET B 391 -23.66 27.75 -23.79
CA MET B 391 -23.95 27.29 -25.15
C MET B 391 -22.92 27.79 -26.15
N LYS B 392 -22.56 29.07 -26.08
CA LYS B 392 -21.58 29.60 -27.03
C LYS B 392 -20.27 28.82 -26.94
N LEU B 393 -19.78 28.57 -25.73
CA LEU B 393 -18.58 27.79 -25.56
C LEU B 393 -18.77 26.35 -26.03
N GLN B 394 -19.88 25.72 -25.63
CA GLN B 394 -20.09 24.33 -26.02
C GLN B 394 -20.17 24.20 -27.54
N VAL B 395 -20.81 25.16 -28.21
CA VAL B 395 -20.95 25.09 -29.66
C VAL B 395 -19.61 25.39 -30.34
N ALA B 396 -18.75 26.17 -29.71
CA ALA B 396 -17.41 26.38 -30.27
C ALA B 396 -16.48 25.20 -30.00
N GLY B 397 -16.95 24.14 -29.33
CA GLY B 397 -16.10 22.99 -29.10
C GLY B 397 -15.16 23.11 -27.92
N GLN B 398 -15.43 24.01 -26.99
CA GLN B 398 -14.59 24.20 -25.82
C GLN B 398 -14.92 23.26 -24.65
N ARG B 399 -15.93 22.41 -24.78
CA ARG B 399 -16.32 21.47 -23.73
C ARG B 399 -16.40 22.09 -22.33
N PRO B 400 -17.21 23.13 -22.14
CA PRO B 400 -17.21 23.80 -20.83
C PRO B 400 -17.87 22.96 -19.72
N THR B 401 -17.33 23.10 -18.51
CA THR B 401 -17.98 22.67 -17.30
C THR B 401 -18.48 23.93 -16.60
N ILE B 402 -18.98 23.78 -15.37
CA ILE B 402 -19.61 24.89 -14.64
C ILE B 402 -19.19 24.79 -13.18
N ILE B 403 -18.83 25.94 -12.59
CA ILE B 403 -18.47 26.00 -11.18
C ILE B 403 -19.14 27.20 -10.54
N THR B 404 -19.22 27.20 -9.21
CA THR B 404 -19.69 28.39 -8.52
C THR B 404 -18.55 29.38 -8.26
N SER B 405 -18.94 30.57 -7.82
CA SER B 405 -17.98 31.61 -7.44
C SER B 405 -17.14 31.19 -6.24
N GLN B 406 -17.64 30.24 -5.45
CA GLN B 406 -16.89 29.82 -4.28
C GLN B 406 -15.75 28.91 -4.65
N VAL B 407 -15.92 28.09 -5.69
CA VAL B 407 -14.79 27.36 -6.23
C VAL B 407 -13.85 28.31 -6.96
N ALA B 408 -14.43 29.23 -7.75
CA ALA B 408 -13.65 30.09 -8.62
C ALA B 408 -12.71 31.01 -7.84
N ALA B 409 -13.11 31.45 -6.65
CA ALA B 409 -12.29 32.35 -5.86
C ALA B 409 -11.29 31.61 -4.98
N ASN B 410 -11.15 30.29 -5.14
CA ASN B 410 -10.27 29.46 -4.33
C ASN B 410 -9.32 28.71 -5.26
N GLN B 411 -8.03 28.99 -5.17
CA GLN B 411 -7.08 28.40 -6.12
C GLN B 411 -6.89 26.92 -5.86
N GLU B 412 -6.85 26.50 -4.60
CA GLU B 412 -6.76 25.08 -4.30
C GLU B 412 -7.96 24.33 -4.84
N ALA B 413 -9.16 24.89 -4.65
CA ALA B 413 -10.36 24.25 -5.15
C ALA B 413 -10.34 24.15 -6.67
N LEU B 414 -9.89 25.22 -7.33
CA LEU B 414 -9.73 25.16 -8.79
C LEU B 414 -8.71 24.11 -9.19
N ALA B 415 -7.58 24.07 -8.46
CA ALA B 415 -6.54 23.09 -8.72
C ALA B 415 -7.06 21.67 -8.51
N GLN B 416 -7.83 21.46 -7.44
CA GLN B 416 -8.39 20.13 -7.20
C GLN B 416 -9.23 19.67 -8.38
N ARG B 417 -9.90 20.60 -9.05
CA ARG B 417 -10.74 20.25 -10.20
C ARG B 417 -9.99 20.32 -11.52
N GLY B 418 -8.71 20.68 -11.50
CA GLY B 418 -7.93 20.78 -12.73
C GLY B 418 -8.54 21.71 -13.76
N ILE B 419 -9.10 22.84 -13.31
CA ILE B 419 -9.67 23.86 -14.18
C ILE B 419 -8.62 24.93 -14.45
N LEU B 420 -8.61 25.43 -15.69
CA LEU B 420 -7.58 26.35 -16.14
C LEU B 420 -8.11 27.68 -16.65
N GLU B 421 -9.33 27.72 -17.20
CA GLU B 421 -9.84 28.91 -17.84
C GLU B 421 -11.26 29.16 -17.35
N LEU B 422 -11.52 30.38 -16.89
CA LEU B 422 -12.81 30.79 -16.35
C LEU B 422 -13.51 31.80 -17.25
N HIS B 423 -14.82 31.66 -17.41
CA HIS B 423 -15.65 32.66 -18.09
C HIS B 423 -16.81 33.05 -17.18
N ALA B 424 -16.90 34.33 -16.87
CA ALA B 424 -17.89 34.87 -15.97
C ALA B 424 -18.99 35.57 -16.77
N ASP B 425 -20.17 35.64 -16.16
CA ASP B 425 -21.33 36.32 -16.74
C ASP B 425 -21.16 37.82 -16.53
N GLU B 426 -20.69 38.54 -17.55
CA GLU B 426 -20.33 39.94 -17.37
C GLU B 426 -21.55 40.82 -17.17
N HIS B 427 -22.58 40.62 -17.98
CA HIS B 427 -23.82 41.41 -17.89
C HIS B 427 -25.00 40.44 -17.91
N PRO B 428 -25.47 40.02 -16.74
CA PRO B 428 -26.53 39.00 -16.70
C PRO B 428 -27.86 39.52 -17.22
N TYR B 429 -28.65 38.59 -17.75
CA TYR B 429 -30.02 38.88 -18.11
C TYR B 429 -30.84 37.60 -17.97
N ALA B 430 -32.15 37.79 -17.82
CA ALA B 430 -33.09 36.71 -17.53
C ALA B 430 -33.37 35.85 -18.76
N ALA B 431 -33.92 34.67 -18.52
CA ALA B 431 -34.06 33.68 -19.58
C ALA B 431 -35.14 34.11 -20.55
N ARG B 432 -34.75 34.50 -21.76
CA ARG B 432 -35.69 35.00 -22.77
C ARG B 432 -36.68 33.95 -23.27
N TYR B 433 -36.35 32.66 -23.14
CA TYR B 433 -37.12 31.62 -23.79
C TYR B 433 -37.91 30.77 -22.80
N TYR B 434 -37.59 30.85 -21.52
CA TYR B 434 -38.03 29.84 -20.58
C TYR B 434 -39.55 29.87 -20.41
N THR B 435 -40.18 28.69 -20.55
CA THR B 435 -41.54 28.47 -20.09
C THR B 435 -41.55 27.30 -19.13
N ALA B 436 -42.24 27.46 -18.00
CA ALA B 436 -42.23 26.47 -16.93
C ALA B 436 -43.32 25.42 -17.09
N VAL B 437 -44.09 25.46 -18.16
CA VAL B 437 -45.13 24.48 -18.37
C VAL B 437 -44.93 23.81 -19.73
N SER B 438 -45.58 22.66 -19.89
CA SER B 438 -45.39 21.78 -21.04
C SER B 438 -46.32 22.07 -22.20
N ASP B 439 -47.40 22.84 -21.97
CA ASP B 439 -48.46 23.06 -22.93
C ASP B 439 -48.98 24.47 -22.71
N PRO B 440 -49.25 25.21 -23.79
CA PRO B 440 -49.77 26.59 -23.61
C PRO B 440 -51.15 26.65 -22.94
N SER B 441 -51.88 25.54 -22.89
CA SER B 441 -53.16 25.47 -22.17
C SER B 441 -53.01 25.63 -20.66
N PHE B 442 -51.79 25.56 -20.13
CA PHE B 442 -51.56 25.81 -18.70
C PHE B 442 -50.93 27.18 -18.46
N GLU B 443 -51.14 28.12 -19.40
CA GLU B 443 -50.60 29.47 -19.37
C GLU B 443 -49.08 29.46 -19.39
N HIS C 20 13.23 -6.00 13.01
CA HIS C 20 14.28 -6.71 13.74
C HIS C 20 15.05 -5.79 14.69
N MET C 21 15.17 -6.22 15.94
CA MET C 21 15.88 -5.48 16.98
C MET C 21 17.09 -6.31 17.42
N LYS C 22 18.26 -5.69 17.47
CA LYS C 22 19.50 -6.41 17.75
C LYS C 22 19.79 -6.44 19.24
N PHE C 23 20.27 -7.59 19.71
CA PHE C 23 20.71 -7.77 21.10
C PHE C 23 22.11 -8.37 21.10
N GLY C 24 23.01 -7.77 21.86
CA GLY C 24 24.38 -8.21 21.89
C GLY C 24 25.07 -7.74 23.15
N VAL C 25 26.38 -7.98 23.20
CA VAL C 25 27.18 -7.62 24.36
C VAL C 25 28.52 -7.06 23.91
N ASN C 26 29.06 -6.19 24.75
CA ASN C 26 30.45 -5.82 24.64
C ASN C 26 31.29 -6.95 25.22
N TYR C 27 32.19 -7.49 24.41
CA TYR C 27 32.88 -8.73 24.76
C TYR C 27 34.11 -8.41 25.60
N THR C 28 34.07 -8.78 26.88
CA THR C 28 35.26 -8.68 27.73
C THR C 28 35.81 -10.08 27.92
N PRO C 29 36.99 -10.40 27.38
CA PRO C 29 37.51 -11.77 27.48
C PRO C 29 37.63 -12.21 28.92
N SER C 30 37.10 -13.40 29.21
CA SER C 30 36.92 -13.77 30.60
C SER C 30 38.24 -14.10 31.26
N HIS C 31 39.19 -14.62 30.48
CA HIS C 31 40.55 -14.86 30.95
C HIS C 31 41.44 -13.75 30.41
N GLY C 32 41.86 -12.86 31.30
CA GLY C 32 42.81 -11.83 30.95
C GLY C 32 42.24 -10.51 30.49
N TRP C 33 40.92 -10.41 30.33
CA TRP C 33 40.34 -9.10 29.97
C TRP C 33 40.95 -8.71 28.63
N PHE C 34 41.09 -7.41 28.36
CA PHE C 34 41.71 -6.98 27.12
C PHE C 34 43.22 -7.16 27.13
N HIS C 35 43.80 -7.53 28.26
CA HIS C 35 45.20 -7.96 28.18
C HIS C 35 45.35 -9.32 27.54
N ALA C 36 44.23 -9.98 27.23
CA ALA C 36 44.28 -11.24 26.50
C ALA C 36 44.96 -11.08 25.15
N TRP C 37 44.95 -9.86 24.60
CA TRP C 37 45.58 -9.63 23.30
C TRP C 37 47.07 -9.92 23.33
N LEU C 38 47.70 -9.84 24.50
CA LEU C 38 49.13 -10.10 24.59
C LEU C 38 49.46 -11.58 24.54
N ASP C 39 48.47 -12.43 24.78
CA ASP C 39 48.67 -13.88 24.86
C ASP C 39 47.30 -14.53 24.74
N PRO C 40 46.72 -14.53 23.54
CA PRO C 40 45.31 -14.96 23.40
C PRO C 40 45.18 -16.45 23.65
N ASP C 41 44.34 -16.81 24.63
CA ASP C 41 43.88 -18.17 24.88
C ASP C 41 42.71 -18.42 23.93
N TRP C 42 43.00 -19.04 22.78
CA TRP C 42 41.97 -19.07 21.73
C TRP C 42 40.86 -20.06 22.07
N ASP C 43 41.17 -21.15 22.77
CA ASP C 43 40.11 -22.04 23.22
C ASP C 43 39.19 -21.34 24.22
N GLY C 44 39.76 -20.50 25.07
CA GLY C 44 38.93 -19.75 26.01
C GLY C 44 38.09 -18.70 25.31
N ILE C 45 38.64 -18.05 24.29
CA ILE C 45 37.85 -17.05 23.56
C ILE C 45 36.73 -17.73 22.78
N ASP C 46 37.03 -18.87 22.16
CA ASP C 46 35.99 -19.63 21.48
C ASP C 46 34.86 -20.00 22.44
N ASN C 47 35.22 -20.42 23.65
CA ASN C 47 34.19 -20.80 24.61
C ASN C 47 33.42 -19.58 25.11
N ASP C 48 34.11 -18.48 25.45
CA ASP C 48 33.43 -17.23 25.77
C ASP C 48 32.35 -16.93 24.73
N LEU C 49 32.75 -16.86 23.46
CA LEU C 49 31.81 -16.46 22.42
C LEU C 49 30.71 -17.49 22.21
N LYS C 50 31.01 -18.77 22.46
CA LYS C 50 29.98 -19.81 22.45
C LYS C 50 28.91 -19.54 23.50
N GLN C 51 29.34 -19.29 24.74
CA GLN C 51 28.36 -19.04 25.80
C GLN C 51 27.51 -17.83 25.47
N ILE C 52 28.13 -16.81 24.87
CA ILE C 52 27.40 -15.60 24.51
C ILE C 52 26.36 -15.89 23.44
N SER C 53 26.75 -16.67 22.43
CA SER C 53 25.83 -17.07 21.38
C SER C 53 24.65 -17.89 21.94
N GLU C 54 24.93 -18.78 22.89
CA GLU C 54 23.89 -19.65 23.43
C GLU C 54 22.92 -18.90 24.33
N LEU C 55 23.29 -17.73 24.84
CA LEU C 55 22.38 -16.87 25.59
C LEU C 55 21.35 -16.18 24.70
N GLY C 56 21.55 -16.18 23.39
CA GLY C 56 20.62 -15.54 22.48
C GLY C 56 21.08 -14.23 21.89
N MET C 57 22.33 -13.82 22.13
CA MET C 57 22.88 -12.62 21.55
C MET C 57 23.14 -12.84 20.06
N ASP C 58 22.98 -11.77 19.28
CA ASP C 58 23.24 -11.83 17.85
C ASP C 58 24.48 -11.06 17.44
N HIS C 59 25.13 -10.34 18.35
CA HIS C 59 26.36 -9.67 17.97
C HIS C 59 27.23 -9.43 19.19
N VAL C 60 28.50 -9.14 18.92
CA VAL C 60 29.46 -8.74 19.93
C VAL C 60 30.19 -7.51 19.42
N ARG C 61 30.73 -6.74 20.36
CA ARG C 61 31.61 -5.61 20.08
C ARG C 61 32.98 -5.95 20.65
N ILE C 62 34.01 -5.81 19.79
CA ILE C 62 35.39 -6.26 20.04
C ILE C 62 36.29 -5.05 20.24
N PHE C 63 37.28 -5.17 21.14
CA PHE C 63 38.15 -4.05 21.50
C PHE C 63 39.64 -4.41 21.42
N PRO C 64 40.26 -4.29 20.25
CA PRO C 64 41.73 -4.31 20.19
C PRO C 64 42.32 -3.09 20.87
N ILE C 65 43.63 -3.19 21.11
CA ILE C 65 44.40 -2.16 21.82
C ILE C 65 45.30 -1.43 20.81
N TRP C 66 45.15 -0.11 20.75
CA TRP C 66 45.82 0.65 19.69
C TRP C 66 47.35 0.57 19.74
N PRO C 67 48.00 0.69 20.90
CA PRO C 67 49.48 0.58 20.90
C PRO C 67 50.01 -0.81 20.59
N TYR C 68 49.16 -1.84 20.60
CA TYR C 68 49.59 -3.14 20.12
C TYR C 68 49.42 -3.27 18.62
N LEU C 69 48.44 -2.56 18.05
CA LEU C 69 48.26 -2.65 16.61
C LEU C 69 49.28 -1.78 15.87
N GLN C 70 49.63 -0.63 16.44
CA GLN C 70 50.40 0.42 15.76
C GLN C 70 51.38 1.00 16.77
N PRO C 71 52.42 0.23 17.14
CA PRO C 71 53.32 0.71 18.20
C PRO C 71 54.27 1.78 17.73
N ASN C 72 54.44 1.92 16.41
CA ASN C 72 55.17 3.01 15.79
C ASN C 72 54.23 3.65 14.78
N ARG C 73 54.37 4.95 14.58
CA ARG C 73 53.45 5.65 13.67
C ARG C 73 53.41 5.00 12.29
N THR C 74 54.52 4.46 11.82
CA THR C 74 54.57 3.89 10.47
C THR C 74 54.92 2.40 10.50
N TRP C 75 54.49 1.69 11.54
CA TRP C 75 54.75 0.26 11.64
C TRP C 75 53.55 -0.40 12.32
N ILE C 76 52.76 -1.12 11.53
CA ILE C 76 51.57 -1.80 12.01
C ILE C 76 51.92 -3.27 12.26
N ASN C 77 51.57 -3.74 13.45
CA ASN C 77 51.75 -5.13 13.88
C ASN C 77 50.76 -6.03 13.15
N LYS C 78 51.21 -6.69 12.08
CA LYS C 78 50.32 -7.53 11.28
C LYS C 78 49.83 -8.74 12.05
N LYS C 79 50.62 -9.22 13.02
CA LYS C 79 50.15 -10.29 13.89
C LYS C 79 48.92 -9.82 14.68
N GLY C 80 49.00 -8.62 15.25
CA GLY C 80 47.89 -8.08 16.01
C GLY C 80 46.65 -7.91 15.15
N VAL C 81 46.82 -7.40 13.93
CA VAL C 81 45.71 -7.29 13.01
C VAL C 81 45.08 -8.66 12.79
N ALA C 82 45.94 -9.67 12.57
CA ALA C 82 45.43 -11.02 12.32
C ALA C 82 44.68 -11.56 13.53
N ASP C 83 45.14 -11.24 14.73
CA ASP C 83 44.45 -11.70 15.93
C ASP C 83 43.05 -11.11 16.00
N VAL C 84 42.88 -9.85 15.60
CA VAL C 84 41.54 -9.27 15.57
C VAL C 84 40.68 -9.98 14.54
N ARG C 85 41.27 -10.32 13.39
CA ARG C 85 40.52 -11.03 12.37
C ARG C 85 40.06 -12.39 12.85
N ARG C 86 40.95 -13.11 13.56
CA ARG C 86 40.60 -14.41 14.10
C ARG C 86 39.46 -14.33 15.10
N MET C 87 39.47 -13.31 15.96
CA MET C 87 38.38 -13.15 16.91
C MET C 87 37.06 -12.92 16.18
N VAL C 88 37.06 -12.06 15.16
CA VAL C 88 35.88 -11.89 14.34
C VAL C 88 35.46 -13.21 13.72
N HIS C 89 36.42 -13.96 13.19
CA HIS C 89 36.09 -15.23 12.54
C HIS C 89 35.48 -16.23 13.53
N ILE C 90 36.04 -16.30 14.75
CA ILE C 90 35.46 -17.17 15.77
C ILE C 90 34.04 -16.74 16.10
N ALA C 91 33.82 -15.42 16.25
CA ALA C 91 32.45 -14.93 16.50
C ALA C 91 31.47 -15.40 15.44
N GLY C 92 31.87 -15.32 14.18
CA GLY C 92 30.99 -15.76 13.10
C GLY C 92 30.77 -17.25 13.08
N GLU C 93 31.75 -18.03 13.55
CA GLU C 93 31.50 -19.46 13.62
C GLU C 93 30.55 -19.83 14.73
N HIS C 94 30.19 -18.89 15.61
CA HIS C 94 29.12 -19.13 16.57
C HIS C 94 27.87 -18.34 16.21
N GLY C 95 27.78 -17.84 14.98
CA GLY C 95 26.59 -17.15 14.55
C GLY C 95 26.45 -15.76 15.11
N LEU C 96 27.55 -15.13 15.48
CA LEU C 96 27.54 -13.76 15.98
C LEU C 96 28.09 -12.80 14.92
N ASP C 97 27.44 -11.65 14.79
CA ASP C 97 28.00 -10.54 14.03
C ASP C 97 29.01 -9.81 14.91
N ALA C 98 30.11 -9.39 14.32
CA ALA C 98 31.19 -8.71 15.03
C ALA C 98 31.25 -7.24 14.63
N TYR C 99 31.38 -6.39 15.64
CA TYR C 99 31.61 -4.96 15.45
C TYR C 99 32.91 -4.61 16.16
N VAL C 100 33.82 -3.99 15.43
CA VAL C 100 35.19 -3.80 15.90
C VAL C 100 35.45 -2.32 16.12
N ASP C 101 35.97 -1.99 17.30
CA ASP C 101 36.37 -0.62 17.64
C ASP C 101 37.89 -0.55 17.61
N VAL C 102 38.43 0.52 17.00
CA VAL C 102 39.85 0.54 16.67
C VAL C 102 40.69 1.28 17.69
N PHE C 103 40.36 2.55 17.98
CA PHE C 103 41.27 3.37 18.80
C PHE C 103 40.92 3.28 20.29
N GLN C 104 41.43 2.23 20.93
CA GLN C 104 41.54 2.16 22.38
C GLN C 104 43.02 2.30 22.73
N GLY C 105 43.41 3.48 23.21
CA GLY C 105 42.47 4.50 23.61
C GLY C 105 41.96 4.20 25.02
N HIS C 106 40.67 4.39 25.24
CA HIS C 106 40.09 4.37 26.58
C HIS C 106 39.27 3.09 26.82
N LEU C 107 39.58 2.39 27.91
CA LEU C 107 38.83 1.23 28.37
C LEU C 107 38.78 1.26 29.89
N SER C 108 37.59 1.49 30.44
CA SER C 108 37.27 1.17 31.85
C SER C 108 38.19 1.92 32.80
N SER C 109 38.44 3.19 32.48
CA SER C 109 39.24 4.16 33.19
C SER C 109 40.72 4.13 32.77
N PHE C 110 41.15 3.19 31.93
CA PHE C 110 42.54 3.17 31.49
C PHE C 110 42.69 3.69 30.07
N ASP C 111 43.75 4.48 29.83
CA ASP C 111 44.10 4.92 28.50
C ASP C 111 45.26 4.10 27.96
N PHE C 112 45.13 3.63 26.73
CA PHE C 112 46.19 2.90 26.02
C PHE C 112 46.67 3.77 24.86
N LEU C 113 47.67 4.59 25.12
CA LEU C 113 48.17 5.44 24.04
C LEU C 113 49.48 4.92 23.49
N PRO C 114 49.65 4.98 22.17
CA PRO C 114 50.96 4.63 21.58
C PRO C 114 52.04 5.60 22.06
N SER C 115 53.27 5.08 22.17
CA SER C 115 54.32 5.93 22.73
C SER C 115 54.72 7.05 21.80
N TRP C 116 54.35 6.98 20.53
CA TRP C 116 54.63 8.06 19.59
C TRP C 116 53.61 9.16 19.67
N LEU C 117 52.73 9.13 20.68
CA LEU C 117 51.84 10.26 20.95
C LEU C 117 51.99 10.80 22.37
N VAL C 118 52.96 10.31 23.15
CA VAL C 118 53.06 10.67 24.55
C VAL C 118 54.46 11.15 24.90
N THR C 119 54.53 11.82 26.05
CA THR C 119 55.71 12.42 26.66
C THR C 119 56.60 13.13 25.63
N TRP C 120 57.80 12.58 25.37
CA TRP C 120 58.73 13.23 24.46
C TRP C 120 58.14 13.39 23.07
N HIS C 121 57.10 12.62 22.74
CA HIS C 121 56.44 12.66 21.44
C HIS C 121 54.99 13.10 21.58
N ALA C 122 54.64 13.74 22.69
CA ALA C 122 53.27 14.16 22.92
C ALA C 122 52.73 14.92 21.73
N GLY C 123 51.66 14.40 21.13
CA GLY C 123 51.01 15.09 20.05
C GLY C 123 49.50 15.10 20.20
N ASN C 124 48.82 15.53 19.14
CA ASN C 124 47.38 15.68 19.16
C ASN C 124 46.81 14.72 18.12
N MET C 125 46.12 13.68 18.58
CA MET C 125 45.61 12.70 17.63
C MET C 125 44.50 13.26 16.77
N PHE C 126 43.93 14.41 17.14
CA PHE C 126 42.83 14.99 16.38
C PHE C 126 43.32 15.97 15.32
N THR C 127 44.39 16.74 15.61
CA THR C 127 44.79 17.85 14.76
C THR C 127 46.18 17.71 14.14
N ASP C 128 46.97 16.72 14.54
CA ASP C 128 48.31 16.55 13.95
C ASP C 128 48.17 15.79 12.63
N ALA C 129 48.64 16.41 11.54
CA ALA C 129 48.44 15.85 10.21
C ALA C 129 48.95 14.41 10.11
N ASP C 130 50.17 14.15 10.61
CA ASP C 130 50.72 12.82 10.42
C ASP C 130 50.17 11.80 11.41
N ALA C 131 49.64 12.23 12.57
CA ALA C 131 48.90 11.28 13.39
C ALA C 131 47.61 10.87 12.71
N VAL C 132 46.92 11.82 12.08
CA VAL C 132 45.67 11.50 11.38
C VAL C 132 45.96 10.59 10.19
N ALA C 133 47.02 10.90 9.43
CA ALA C 133 47.40 10.04 8.32
C ALA C 133 47.73 8.63 8.81
N ALA C 134 48.42 8.52 9.95
CA ALA C 134 48.69 7.20 10.51
C ALA C 134 47.41 6.52 10.99
N GLU C 135 46.51 7.28 11.62
CA GLU C 135 45.22 6.71 12.02
C GLU C 135 44.45 6.23 10.80
N ARG C 136 44.53 6.98 9.69
CA ARG C 136 43.84 6.56 8.49
C ARG C 136 44.42 5.26 7.96
N GLU C 137 45.76 5.13 8.01
CA GLU C 137 46.41 3.92 7.53
C GLU C 137 45.98 2.70 8.34
N LEU C 138 45.83 2.85 9.66
CA LEU C 138 45.39 1.72 10.48
C LEU C 138 43.93 1.37 10.21
N VAL C 139 43.07 2.38 10.03
CA VAL C 139 41.66 2.11 9.72
C VAL C 139 41.56 1.38 8.38
N LYS C 140 42.33 1.84 7.39
CA LYS C 140 42.33 1.17 6.08
C LYS C 140 42.79 -0.26 6.20
N THR C 141 43.92 -0.47 6.88
CA THR C 141 44.45 -1.81 7.10
C THR C 141 43.42 -2.72 7.78
N MET C 142 42.81 -2.24 8.87
CA MET C 142 41.79 -3.03 9.57
C MET C 142 40.62 -3.35 8.66
N THR C 143 40.07 -2.33 8.00
CA THR C 143 38.90 -2.53 7.16
C THR C 143 39.15 -3.58 6.09
N ASP C 144 40.34 -3.54 5.48
CA ASP C 144 40.64 -4.40 4.35
C ASP C 144 40.81 -5.86 4.82
N GLU C 145 41.40 -6.06 5.99
CA GLU C 145 41.53 -7.41 6.50
C GLU C 145 40.19 -7.94 7.01
N LEU C 146 39.48 -7.16 7.83
CA LEU C 146 38.24 -7.66 8.43
C LEU C 146 37.12 -7.82 7.40
N SER C 147 37.17 -7.10 6.28
CA SER C 147 36.17 -7.28 5.22
C SER C 147 36.27 -8.66 4.57
N LYS C 148 37.34 -9.40 4.83
CA LYS C 148 37.43 -10.77 4.36
C LYS C 148 36.60 -11.72 5.21
N GLU C 149 36.07 -11.25 6.34
CA GLU C 149 35.26 -12.08 7.24
C GLU C 149 33.79 -11.71 7.09
N PRO C 150 32.93 -12.68 6.77
CA PRO C 150 31.49 -12.36 6.64
C PRO C 150 30.85 -11.88 7.93
N ALA C 151 31.41 -12.19 9.08
CA ALA C 151 30.81 -11.73 10.32
C ALA C 151 31.14 -10.27 10.64
N PHE C 152 32.09 -9.66 9.94
CA PHE C 152 32.42 -8.26 10.16
C PHE C 152 31.28 -7.39 9.65
N LYS C 153 30.53 -6.76 10.56
CA LYS C 153 29.38 -5.93 10.20
C LYS C 153 29.61 -4.44 10.48
N GLY C 154 30.73 -4.08 11.08
CA GLY C 154 30.91 -2.70 11.47
C GLY C 154 32.22 -2.35 12.12
N LEU C 155 32.72 -1.17 11.76
CA LEU C 155 33.95 -0.58 12.28
C LEU C 155 33.56 0.69 13.02
N THR C 156 33.86 0.75 14.32
CA THR C 156 33.69 1.97 15.11
C THR C 156 35.07 2.57 15.34
N LEU C 157 35.22 3.87 15.08
CA LEU C 157 36.56 4.46 15.13
C LEU C 157 37.25 4.16 16.46
N GLY C 158 36.51 4.21 17.55
CA GLY C 158 37.09 3.97 18.86
C GLY C 158 36.02 4.11 19.92
N ASN C 159 36.35 3.63 21.11
CA ASN C 159 35.42 3.66 22.23
C ASN C 159 35.52 5.01 22.94
N ALA C 160 34.46 5.83 22.83
CA ALA C 160 34.38 7.15 23.48
C ALA C 160 35.60 8.01 23.15
N VAL C 161 35.90 8.14 21.86
CA VAL C 161 37.10 8.87 21.45
C VAL C 161 37.07 10.34 21.88
N ASN C 162 35.90 10.88 22.23
CA ASN C 162 35.85 12.29 22.60
C ASN C 162 36.49 12.55 23.95
N GLN C 163 36.69 11.51 24.76
CA GLN C 163 37.11 11.75 26.14
C GLN C 163 38.53 12.34 26.20
N LEU C 164 39.35 12.09 25.18
CA LEU C 164 40.68 12.70 25.08
C LEU C 164 40.65 14.18 24.66
N SER C 165 39.53 14.70 24.18
CA SER C 165 39.52 15.98 23.49
C SER C 165 39.29 17.18 24.40
N ASP C 166 39.07 16.99 25.69
CA ASP C 166 38.49 18.07 26.49
C ASP C 166 38.69 17.76 27.98
N ARG C 167 38.48 18.78 28.79
CA ARG C 167 38.37 18.56 30.23
C ARG C 167 37.22 17.59 30.51
N PRO C 168 37.30 16.79 31.57
CA PRO C 168 38.31 16.76 32.64
C PRO C 168 39.53 15.86 32.36
N HIS C 169 39.82 15.51 31.11
CA HIS C 169 40.94 14.61 30.87
C HIS C 169 42.23 15.27 31.32
N PRO C 170 43.09 14.57 32.05
CA PRO C 170 44.29 15.20 32.63
C PRO C 170 45.43 15.45 31.67
N THR C 171 45.38 14.94 30.43
CA THR C 171 46.34 15.31 29.39
C THR C 171 45.60 15.47 28.07
N LYS C 172 44.64 16.40 28.03
CA LYS C 172 43.74 16.49 26.89
C LYS C 172 44.48 16.88 25.61
N MET C 173 43.99 16.36 24.48
CA MET C 173 44.37 16.82 23.14
C MET C 173 43.25 17.72 22.63
N SER C 174 43.35 19.01 22.92
CA SER C 174 42.21 19.88 22.68
C SER C 174 41.98 20.10 21.19
N ALA C 175 40.74 20.41 20.85
CA ALA C 175 40.40 20.60 19.45
C ALA C 175 39.13 21.42 19.41
N THR C 176 38.98 22.20 18.33
CA THR C 176 37.72 22.89 18.08
C THR C 176 36.74 21.92 17.44
N ASP C 177 35.47 22.33 17.39
CA ASP C 177 34.47 21.47 16.75
C ASP C 177 34.69 21.38 15.25
N ARG C 178 35.21 22.44 14.62
CA ARG C 178 35.61 22.37 13.22
C ARG C 178 36.75 21.38 13.01
N GLN C 179 37.74 21.39 13.90
CA GLN C 179 38.82 20.40 13.80
C GLN C 179 38.30 18.98 14.01
N ILE C 180 37.29 18.81 14.88
CA ILE C 180 36.70 17.48 15.02
C ILE C 180 35.90 17.11 13.78
N ASP C 181 35.17 18.07 13.21
CA ASP C 181 34.51 17.83 11.92
C ASP C 181 35.51 17.26 10.91
N ALA C 182 36.72 17.84 10.85
CA ALA C 182 37.70 17.43 9.85
C ALA C 182 38.30 16.08 10.19
N TRP C 183 38.50 15.83 11.48
CA TRP C 183 38.98 14.53 11.91
C TRP C 183 38.01 13.42 11.47
N LEU C 184 36.72 13.59 11.78
CA LEU C 184 35.73 12.58 11.41
C LEU C 184 35.65 12.39 9.89
N ASP C 185 35.62 13.50 9.13
CA ASP C 185 35.53 13.42 7.68
C ASP C 185 36.79 12.82 7.04
N ALA C 186 37.92 12.84 7.75
CA ALA C 186 39.15 12.24 7.26
C ALA C 186 39.24 10.76 7.56
N LEU C 187 38.57 10.28 8.61
CA LEU C 187 38.65 8.88 9.01
C LEU C 187 37.47 8.05 8.54
N LEU C 188 36.25 8.55 8.69
CA LEU C 188 35.10 7.71 8.40
C LEU C 188 35.03 7.22 6.95
N PRO C 189 35.33 8.02 5.92
CA PRO C 189 35.33 7.44 4.56
C PRO C 189 36.27 6.25 4.40
N THR C 190 37.36 6.21 5.17
CA THR C 190 38.29 5.08 5.10
C THR C 190 37.70 3.82 5.69
N ALA C 191 36.94 3.94 6.77
CA ALA C 191 36.29 2.76 7.33
C ALA C 191 35.13 2.27 6.47
N ALA C 192 34.70 3.04 5.48
CA ALA C 192 33.53 2.66 4.71
C ALA C 192 33.84 1.44 3.82
N GLY C 193 32.77 0.79 3.38
CA GLY C 193 32.88 -0.38 2.53
C GLY C 193 31.60 -1.18 2.47
N GLU C 194 31.39 -1.88 1.36
CA GLU C 194 30.20 -2.71 1.18
C GLU C 194 30.21 -3.85 2.19
N GLY C 195 29.13 -4.03 2.92
CA GLY C 195 29.00 -5.14 3.82
C GLY C 195 29.14 -4.82 5.29
N HIS C 196 29.49 -3.57 5.63
CA HIS C 196 29.62 -3.19 7.03
C HIS C 196 29.35 -1.71 7.19
N ASN C 197 29.04 -1.32 8.41
CA ASN C 197 28.84 0.07 8.81
C ASN C 197 30.16 0.74 9.19
N ALA C 198 30.18 2.06 9.06
CA ALA C 198 31.22 2.90 9.63
C ALA C 198 30.59 3.80 10.66
N LEU C 199 31.14 3.78 11.89
CA LEU C 199 30.58 4.53 13.00
C LEU C 199 31.69 5.07 13.88
N TYR C 200 31.28 5.84 14.88
CA TYR C 200 32.19 6.24 15.96
C TYR C 200 31.34 6.38 17.22
N SER C 201 32.00 6.52 18.36
CA SER C 201 31.29 6.54 19.63
C SER C 201 31.88 7.62 20.55
N VAL C 202 31.05 8.10 21.46
CA VAL C 202 31.37 9.19 22.36
C VAL C 202 30.72 8.90 23.71
N ASN C 203 31.32 9.43 24.77
CA ASN C 203 30.62 9.45 26.05
C ASN C 203 29.63 10.63 26.05
N ASP C 204 28.84 10.74 27.14
CA ASP C 204 27.70 11.63 27.08
C ASP C 204 28.04 13.11 27.22
N GLY C 205 29.32 13.45 27.48
CA GLY C 205 29.73 14.86 27.41
C GLY C 205 29.43 15.52 26.08
N THR C 206 29.24 14.72 25.02
CA THR C 206 28.84 15.29 23.74
C THR C 206 27.53 16.08 23.85
N TRP C 207 26.60 15.64 24.70
CA TRP C 207 25.30 16.31 24.85
C TRP C 207 25.24 17.21 26.06
N PHE C 208 26.10 16.99 27.05
CA PHE C 208 25.94 17.57 28.37
C PHE C 208 26.99 18.61 28.74
N ILE C 209 28.04 18.77 27.94
CA ILE C 209 29.15 19.66 28.30
C ILE C 209 29.18 20.80 27.28
N ASP C 210 28.93 22.01 27.74
CA ASP C 210 29.02 23.16 26.85
C ASP C 210 30.45 23.36 26.37
N GLY C 211 30.60 23.77 25.11
CA GLY C 211 31.90 23.95 24.52
C GLY C 211 32.63 22.67 24.15
N HIS C 212 32.01 21.51 24.35
CA HIS C 212 32.69 20.26 24.02
C HIS C 212 32.85 20.13 22.51
N PRO C 213 34.02 19.72 22.02
CA PRO C 213 34.26 19.81 20.56
C PRO C 213 33.59 18.70 19.76
N PHE C 214 33.27 17.56 20.39
CA PHE C 214 32.35 16.60 19.81
C PHE C 214 30.93 17.07 20.08
N THR C 215 30.11 17.14 19.05
CA THR C 215 28.81 17.81 19.13
C THR C 215 27.66 16.85 18.85
N PRO C 216 26.45 17.21 19.29
CA PRO C 216 25.26 16.39 18.95
C PRO C 216 24.96 16.33 17.46
N VAL C 217 25.20 17.41 16.72
CA VAL C 217 24.95 17.35 15.29
C VAL C 217 25.90 16.35 14.64
N GLN C 218 27.15 16.29 15.09
CA GLN C 218 28.08 15.32 14.51
C GLN C 218 27.57 13.90 14.75
N SER C 219 27.21 13.59 16.01
CA SER C 219 26.77 12.24 16.35
C SER C 219 25.56 11.83 15.52
N ALA C 220 24.70 12.78 15.17
CA ALA C 220 23.45 12.47 14.51
C ALA C 220 23.53 12.61 13.00
N THR C 221 24.72 12.87 12.46
CA THR C 221 24.91 13.03 11.03
C THR C 221 26.12 12.29 10.47
N LYS C 222 27.21 12.14 11.24
CA LYS C 222 28.42 11.53 10.72
C LYS C 222 28.46 10.06 11.09
N GLY C 223 28.89 9.23 10.14
CA GLY C 223 28.78 7.81 10.30
C GLY C 223 27.38 7.33 9.99
N ASP C 224 27.19 6.02 10.10
CA ASP C 224 25.97 5.41 9.60
C ASP C 224 24.81 5.42 10.60
N MET C 225 25.08 5.56 11.89
CA MET C 225 24.04 5.49 12.91
C MET C 225 24.42 6.41 14.05
N THR C 226 23.40 6.87 14.78
CA THR C 226 23.63 7.65 15.99
C THR C 226 23.92 6.73 17.15
N VAL C 227 25.12 6.84 17.72
CA VAL C 227 25.64 5.89 18.70
C VAL C 227 25.62 6.54 20.07
N ILE C 228 25.04 5.85 21.06
CA ILE C 228 24.98 6.39 22.41
C ILE C 228 25.45 5.36 23.42
N HIS C 229 26.02 5.86 24.53
CA HIS C 229 26.42 5.03 25.67
C HIS C 229 25.70 5.55 26.91
N SER C 230 24.94 4.69 27.56
CA SER C 230 23.99 5.09 28.61
C SER C 230 24.44 4.57 29.97
N TRP C 231 24.94 5.47 30.82
CA TRP C 231 25.52 5.11 32.11
C TRP C 231 24.93 5.99 33.19
N VAL C 232 24.12 5.38 34.07
CA VAL C 232 23.40 6.19 35.05
C VAL C 232 24.27 6.62 36.22
N PHE C 233 25.56 6.25 36.23
CA PHE C 233 26.40 6.82 37.26
C PHE C 233 26.81 8.26 36.95
N ASN C 234 26.31 8.84 35.86
CA ASN C 234 26.62 10.22 35.50
C ASN C 234 25.81 11.24 36.27
N GLY C 235 25.07 10.80 37.28
CA GLY C 235 24.26 11.68 38.08
C GLY C 235 22.78 11.39 37.99
N ILE C 236 22.36 10.63 36.96
CA ILE C 236 20.97 10.18 36.87
C ILE C 236 20.57 9.42 38.12
N ALA C 237 21.29 8.35 38.43
CA ALA C 237 20.93 7.53 39.60
C ALA C 237 21.05 8.33 40.88
N GLN C 238 22.15 9.08 41.03
CA GLN C 238 22.37 9.83 42.25
C GLN C 238 21.28 10.87 42.44
N GLY C 239 20.94 11.59 41.38
CA GLY C 239 20.01 12.69 41.51
C GLY C 239 18.57 12.25 41.65
N TYR C 240 18.07 11.50 40.64
CA TYR C 240 16.67 11.09 40.65
C TYR C 240 16.43 9.93 41.61
N GLY C 241 17.46 9.14 41.90
CA GLY C 241 17.28 8.00 42.77
C GLY C 241 17.44 6.71 42.00
N ALA C 242 18.21 5.78 42.56
CA ALA C 242 18.61 4.57 41.84
C ALA C 242 17.40 3.79 41.33
N THR C 243 16.37 3.62 42.16
CA THR C 243 15.21 2.82 41.79
C THR C 243 14.11 3.62 41.11
N SER C 244 14.34 4.90 40.86
CA SER C 244 13.29 5.79 40.34
C SER C 244 12.94 5.44 38.89
N GLU C 245 11.73 5.82 38.49
CA GLU C 245 11.35 5.65 37.10
C GLU C 245 12.20 6.51 36.19
N GLU C 246 12.65 7.68 36.68
CA GLU C 246 13.50 8.53 35.86
C GLU C 246 14.80 7.81 35.55
N CYS C 247 15.36 7.14 36.56
CA CYS C 247 16.62 6.44 36.36
C CYS C 247 16.48 5.36 35.30
N SER C 248 15.42 4.58 35.35
CA SER C 248 15.32 3.53 34.36
C SER C 248 14.73 4.02 33.05
N SER C 249 14.35 5.30 32.98
CA SER C 249 13.98 5.91 31.71
C SER C 249 15.13 6.66 31.04
N TYR C 250 16.36 6.59 31.61
CA TYR C 250 17.47 7.39 31.10
C TYR C 250 17.95 6.95 29.72
N ALA C 251 18.06 5.64 29.46
CA ALA C 251 18.50 5.22 28.13
C ALA C 251 17.52 5.70 27.06
N LEU C 252 16.22 5.61 27.35
CA LEU C 252 15.19 6.16 26.48
C LEU C 252 15.39 7.65 26.25
N TYR C 253 15.56 8.41 27.33
CA TYR C 253 15.79 9.86 27.20
C TYR C 253 16.98 10.15 26.28
N LEU C 254 18.07 9.41 26.48
CA LEU C 254 19.28 9.64 25.70
C LEU C 254 19.05 9.33 24.21
N ALA C 255 18.28 8.28 23.93
CA ALA C 255 18.01 7.92 22.54
C ALA C 255 17.12 8.96 21.87
N GLU C 256 16.08 9.42 22.55
CA GLU C 256 15.25 10.49 21.98
C GLU C 256 16.06 11.77 21.83
N LEU C 257 16.96 12.06 22.77
CA LEU C 257 17.77 13.26 22.70
C LEU C 257 18.74 13.22 21.52
N ALA C 258 19.53 12.15 21.42
CA ALA C 258 20.55 12.10 20.39
C ALA C 258 19.95 12.16 18.99
N LYS C 259 18.79 11.53 18.80
CA LYS C 259 18.24 11.57 17.44
C LYS C 259 17.56 12.89 17.12
N ALA C 260 17.30 13.73 18.13
CA ALA C 260 16.65 15.01 17.88
C ALA C 260 17.50 15.97 17.04
N PHE C 261 18.80 15.73 16.94
CA PHE C 261 19.69 16.68 16.28
C PHE C 261 20.12 16.26 14.89
N GLY C 262 19.59 15.15 14.36
CA GLY C 262 19.88 14.73 13.00
C GLY C 262 18.80 15.20 12.06
N LYS C 263 19.20 15.64 10.87
CA LYS C 263 18.25 16.02 9.83
C LYS C 263 17.62 14.81 9.14
N ASP C 264 18.05 13.60 9.45
CA ASP C 264 17.30 12.42 9.04
C ASP C 264 16.55 11.89 10.26
N SER C 265 15.23 12.09 10.27
CA SER C 265 14.35 11.63 11.35
C SER C 265 14.26 10.11 11.43
N GLU C 266 14.71 9.38 10.41
CA GLU C 266 14.67 7.92 10.37
C GLU C 266 16.02 7.28 10.67
N ARG C 267 17.04 8.07 10.98
CA ARG C 267 18.38 7.52 11.19
C ARG C 267 18.40 6.65 12.46
N PRO C 268 18.90 5.43 12.38
CA PRO C 268 18.84 4.53 13.54
C PRO C 268 19.66 5.05 14.72
N VAL C 269 19.24 4.65 15.91
CA VAL C 269 19.97 4.90 17.15
C VAL C 269 20.44 3.56 17.69
N TRP C 270 21.74 3.44 17.93
CA TRP C 270 22.34 2.23 18.49
C TRP C 270 22.72 2.53 19.93
N LEU C 271 22.02 1.87 20.86
CA LEU C 271 22.38 1.88 22.27
C LEU C 271 23.57 0.93 22.44
N GLN C 272 24.75 1.46 22.17
CA GLN C 272 25.92 0.61 21.99
C GLN C 272 26.55 0.18 23.32
N GLU C 273 26.32 0.91 24.41
CA GLU C 273 26.70 0.48 25.74
C GLU C 273 25.58 0.84 26.71
N VAL C 274 25.19 -0.12 27.54
CA VAL C 274 24.34 0.15 28.68
C VAL C 274 24.66 -0.91 29.71
N GLY C 275 24.93 -0.48 30.95
CA GLY C 275 25.24 -1.41 32.02
C GLY C 275 24.51 -1.08 33.29
N ALA C 276 24.66 -1.96 34.28
CA ALA C 276 23.99 -1.81 35.57
C ALA C 276 25.01 -1.54 36.67
N PRO C 277 25.53 -0.31 36.77
CA PRO C 277 26.72 -0.09 37.60
C PRO C 277 26.38 -0.17 39.08
N GLU C 278 27.11 -1.02 39.79
CA GLU C 278 26.82 -1.25 41.21
C GLU C 278 27.53 -0.26 42.11
N ASN C 279 28.08 0.81 41.56
CA ASN C 279 28.47 1.90 42.43
C ASN C 279 27.29 2.80 42.76
N VAL C 280 26.20 2.74 41.97
CA VAL C 280 25.02 3.59 42.20
C VAL C 280 23.75 2.76 42.27
N LEU C 281 23.83 1.49 41.91
CA LEU C 281 22.73 0.56 42.08
C LEU C 281 23.15 -0.50 43.08
N GLU C 282 22.18 -1.01 43.83
CA GLU C 282 22.42 -2.20 44.64
C GLU C 282 22.44 -3.45 43.76
N THR C 283 23.32 -4.38 44.12
CA THR C 283 23.55 -5.58 43.33
C THR C 283 22.24 -6.29 42.97
N ASP C 284 21.40 -6.59 43.98
CA ASP C 284 20.17 -7.34 43.77
C ASP C 284 19.15 -6.60 42.90
N TYR C 285 19.31 -5.30 42.69
CA TYR C 285 18.38 -4.58 41.84
C TYR C 285 18.73 -4.64 40.35
N THR C 286 19.95 -5.06 40.01
CA THR C 286 20.42 -4.92 38.63
C THR C 286 19.58 -5.69 37.61
N PRO C 287 19.06 -6.89 37.89
CA PRO C 287 18.15 -7.50 36.90
C PRO C 287 16.91 -6.65 36.62
N GLU C 288 16.26 -6.12 37.66
CA GLU C 288 15.08 -5.30 37.39
C GLU C 288 15.48 -4.01 36.67
N PHE C 289 16.58 -3.37 37.08
CA PHE C 289 17.09 -2.22 36.34
C PHE C 289 17.29 -2.56 34.88
N CYS C 290 17.84 -3.75 34.60
CA CYS C 290 18.08 -4.15 33.22
C CYS C 290 16.77 -4.24 32.44
N ARG C 291 15.79 -4.94 33.01
CA ARG C 291 14.52 -5.12 32.34
C ARG C 291 13.83 -3.79 32.06
N LYS C 292 13.79 -2.91 33.07
CA LYS C 292 13.04 -1.67 32.88
C LYS C 292 13.75 -0.75 31.91
N THR C 293 15.09 -0.65 32.02
CA THR C 293 15.86 0.17 31.11
C THR C 293 15.66 -0.26 29.66
N VAL C 294 15.75 -1.57 29.40
CA VAL C 294 15.59 -2.07 28.03
C VAL C 294 14.16 -1.88 27.53
N GLU C 295 13.17 -2.16 28.37
CA GLU C 295 11.79 -2.05 27.94
C GLU C 295 11.41 -0.59 27.65
N ARG C 296 11.88 0.35 28.48
CA ARG C 296 11.62 1.74 28.18
C ARG C 296 12.40 2.22 26.95
N ALA C 297 13.66 1.79 26.81
CA ALA C 297 14.44 2.21 25.64
C ALA C 297 13.79 1.73 24.33
N MET C 298 13.06 0.63 24.35
CA MET C 298 12.43 0.19 23.12
C MET C 298 11.19 1.00 22.75
N ASP C 299 10.79 1.95 23.59
CA ASP C 299 9.77 2.92 23.20
C ASP C 299 10.30 4.00 22.26
N CYS C 300 11.55 3.90 21.83
CA CYS C 300 12.09 4.78 20.80
C CYS C 300 11.97 4.10 19.45
N ARG C 301 11.29 4.76 18.50
CA ARG C 301 11.05 4.18 17.18
C ARG C 301 12.35 3.89 16.41
N ASN C 302 13.40 4.66 16.65
CA ASN C 302 14.60 4.52 15.84
C ASN C 302 15.60 3.52 16.40
N LEU C 303 15.29 2.91 17.55
CA LEU C 303 16.31 2.13 18.25
C LEU C 303 16.65 0.90 17.43
N TRP C 304 17.92 0.76 17.07
CA TRP C 304 18.36 -0.30 16.18
C TRP C 304 18.78 -1.56 16.94
N GLY C 305 19.28 -1.41 18.15
CA GLY C 305 19.76 -2.54 18.93
C GLY C 305 20.26 -2.06 20.28
N VAL C 306 20.41 -3.03 21.18
CA VAL C 306 20.93 -2.79 22.53
C VAL C 306 22.12 -3.69 22.74
N THR C 307 23.22 -3.14 23.23
CA THR C 307 24.45 -3.90 23.42
C THR C 307 24.90 -3.72 24.86
N TRP C 308 24.76 -4.77 25.67
CA TRP C 308 24.99 -4.63 27.11
C TRP C 308 26.49 -4.57 27.43
N TRP C 309 26.84 -3.77 28.42
CA TRP C 309 28.19 -3.78 28.98
C TRP C 309 28.15 -4.51 30.32
N CYS C 310 28.80 -5.67 30.41
CA CYS C 310 29.58 -6.33 29.39
C CYS C 310 29.35 -7.84 29.57
N SER C 311 29.99 -8.63 28.70
CA SER C 311 29.74 -10.06 28.70
C SER C 311 30.23 -10.71 29.98
N HIS C 312 31.42 -10.36 30.44
CA HIS C 312 32.09 -11.11 31.50
C HIS C 312 32.70 -10.18 32.52
N ASP C 313 32.57 -10.56 33.79
CA ASP C 313 33.20 -9.86 34.90
C ASP C 313 34.69 -9.68 34.65
N VAL C 314 35.22 -8.55 35.09
CA VAL C 314 36.66 -8.35 35.05
C VAL C 314 37.30 -9.21 36.14
N PRO C 315 38.34 -9.98 35.83
CA PRO C 315 38.95 -10.85 36.85
C PRO C 315 39.36 -10.06 38.09
N ALA C 316 39.02 -10.62 39.25
CA ALA C 316 39.26 -9.97 40.53
C ALA C 316 40.74 -9.72 40.79
N SER C 317 41.61 -10.50 40.15
CA SER C 317 43.04 -10.36 40.40
C SER C 317 43.63 -9.10 39.76
N MET C 318 42.88 -8.38 38.95
CA MET C 318 43.34 -7.15 38.31
C MET C 318 42.89 -5.94 39.12
N GLU C 319 43.81 -5.06 39.45
CA GLU C 319 43.50 -3.99 40.38
C GLU C 319 43.53 -2.63 39.68
N ASP C 320 43.16 -1.59 40.44
CA ASP C 320 43.05 -0.19 40.03
C ASP C 320 41.79 0.08 39.20
N PHE C 321 40.97 -0.92 38.89
CA PHE C 321 39.66 -0.61 38.34
C PHE C 321 38.78 0.03 39.42
N PRO C 322 37.95 1.00 39.05
CA PRO C 322 36.80 1.35 39.91
C PRO C 322 36.05 0.08 40.27
N PHE C 323 35.80 -0.11 41.57
CA PHE C 323 35.45 -1.44 42.07
C PHE C 323 34.30 -2.06 41.28
N PHE C 324 33.30 -1.24 40.89
CA PHE C 324 32.11 -1.77 40.24
C PHE C 324 32.38 -2.36 38.86
N GLU C 325 33.47 -1.95 38.20
CA GLU C 325 33.79 -2.51 36.88
C GLU C 325 33.87 -4.03 36.91
N HIS C 326 34.27 -4.59 38.06
CA HIS C 326 34.45 -6.02 38.16
C HIS C 326 33.14 -6.79 37.97
N SER C 327 32.00 -6.22 38.36
CA SER C 327 30.78 -7.01 38.35
C SER C 327 29.79 -6.59 37.27
N LEU C 328 30.26 -5.87 36.25
CA LEU C 328 29.41 -5.47 35.14
C LEU C 328 29.06 -6.59 34.18
N GLY C 329 29.52 -7.81 34.41
CA GLY C 329 29.31 -8.86 33.43
C GLY C 329 27.94 -9.51 33.51
N LEU C 330 27.54 -10.10 32.37
CA LEU C 330 26.40 -11.01 32.36
C LEU C 330 26.81 -12.38 32.86
N PHE C 331 28.08 -12.74 32.69
CA PHE C 331 28.67 -13.96 33.24
C PHE C 331 29.67 -13.60 34.32
N ASP C 332 29.80 -14.46 35.33
CA ASP C 332 30.78 -14.19 36.37
C ASP C 332 32.16 -14.72 35.95
N GLU C 333 33.13 -14.64 36.86
CA GLU C 333 34.50 -15.01 36.52
C GLU C 333 34.65 -16.51 36.30
N GLN C 334 33.82 -17.33 36.95
CA GLN C 334 33.77 -18.76 36.65
C GLN C 334 33.04 -19.05 35.35
N GLY C 335 32.55 -18.02 34.65
CA GLY C 335 31.86 -18.21 33.40
C GLY C 335 30.43 -18.72 33.52
N GLN C 336 29.82 -18.65 34.72
CA GLN C 336 28.42 -18.99 34.90
C GLN C 336 27.53 -17.80 34.63
N LEU C 337 26.35 -18.07 34.07
CA LEU C 337 25.38 -17.01 33.83
C LEU C 337 24.96 -16.37 35.14
N LYS C 338 24.92 -15.03 35.17
CA LYS C 338 24.45 -14.27 36.32
C LYS C 338 22.97 -13.97 36.17
N PRO C 339 22.31 -13.61 37.27
CA PRO C 339 20.88 -13.23 37.15
C PRO C 339 20.63 -12.10 36.15
N ILE C 340 21.50 -11.09 36.07
CA ILE C 340 21.29 -10.07 35.05
C ILE C 340 21.43 -10.68 33.65
N GLY C 341 22.35 -11.63 33.48
CA GLY C 341 22.50 -12.26 32.18
C GLY C 341 21.28 -13.07 31.78
N ARG C 342 20.64 -13.71 32.75
CA ARG C 342 19.41 -14.43 32.47
C ARG C 342 18.33 -13.47 31.99
N THR C 343 18.19 -12.33 32.68
CA THR C 343 17.22 -11.32 32.29
C THR C 343 17.48 -10.80 30.87
N PHE C 344 18.75 -10.57 30.53
CA PHE C 344 19.02 -9.98 29.23
C PHE C 344 18.77 -10.99 28.12
N GLY C 345 19.15 -12.25 28.35
CA GLY C 345 18.76 -13.31 27.44
C GLY C 345 17.26 -13.42 27.28
N GLU C 346 16.51 -13.23 28.35
CA GLU C 346 15.05 -13.28 28.24
C GLU C 346 14.50 -12.05 27.53
N LEU C 347 15.13 -10.87 27.70
CA LEU C 347 14.70 -9.69 26.96
C LEU C 347 14.94 -9.88 25.46
N ALA C 348 16.10 -10.45 25.11
CA ALA C 348 16.40 -10.68 23.70
C ALA C 348 15.38 -11.62 23.07
N ALA C 349 15.11 -12.75 23.72
CA ALA C 349 14.14 -13.71 23.18
C ALA C 349 12.75 -13.11 23.07
N GLN C 350 12.37 -12.20 23.97
CA GLN C 350 11.03 -11.65 23.93
C GLN C 350 10.87 -10.55 22.87
N TYR C 351 11.92 -9.75 22.66
CA TYR C 351 11.78 -8.51 21.91
C TYR C 351 12.52 -8.46 20.57
N ARG C 352 13.25 -9.50 20.19
CA ARG C 352 14.02 -9.36 18.96
C ARG C 352 13.12 -9.39 17.74
N SER C 353 11.91 -9.90 17.89
CA SER C 353 10.91 -9.93 16.82
C SER C 353 9.91 -8.79 16.91
N ALA C 354 9.92 -8.02 17.99
CA ALA C 354 8.92 -6.99 18.23
C ALA C 354 8.90 -5.96 17.10
N LEU C 355 7.74 -5.37 16.89
CA LEU C 355 7.57 -4.30 15.93
C LEU C 355 8.00 -2.95 16.53
N PRO C 356 8.39 -1.99 15.69
CA PRO C 356 8.81 -0.67 16.21
C PRO C 356 7.71 0.04 16.97
N ALA C 357 8.13 0.99 17.82
CA ALA C 357 7.22 1.65 18.75
C ALA C 357 6.32 2.63 18.02
N GLN C 358 5.19 2.96 18.64
CA GLN C 358 4.26 3.91 18.05
C GLN C 358 4.88 5.30 18.00
N PRO C 359 4.48 6.13 17.03
CA PRO C 359 4.95 7.52 17.01
C PRO C 359 4.46 8.28 18.24
N LYS C 360 5.09 9.42 18.48
CA LYS C 360 4.81 10.25 19.64
C LYS C 360 4.27 11.61 19.20
N THR C 361 3.37 12.17 20.01
CA THR C 361 2.69 13.41 19.69
C THR C 361 3.03 14.57 20.63
N VAL C 362 3.78 14.34 21.69
CA VAL C 362 4.16 15.39 22.63
C VAL C 362 5.67 15.57 22.51
N ALA C 363 6.12 16.81 22.32
CA ALA C 363 7.54 17.04 22.08
C ALA C 363 8.09 18.09 23.03
N VAL C 364 9.28 17.82 23.54
CA VAL C 364 10.07 18.83 24.21
C VAL C 364 10.90 19.54 23.14
N VAL C 365 10.93 20.88 23.19
CA VAL C 365 11.61 21.68 22.17
C VAL C 365 12.90 22.21 22.74
N ILE C 366 14.02 21.94 22.06
CA ILE C 366 15.34 22.42 22.44
C ILE C 366 15.80 23.49 21.44
N ASP C 367 16.11 24.69 21.94
CA ASP C 367 16.63 25.76 21.10
C ASP C 367 18.04 25.43 20.58
N VAL C 368 18.24 25.61 19.28
CA VAL C 368 19.52 25.31 18.66
C VAL C 368 20.04 26.56 17.95
N ASP C 369 21.36 26.56 17.69
CA ASP C 369 22.00 27.60 16.90
C ASP C 369 21.78 27.33 15.42
N GLU C 370 22.37 28.16 14.57
CA GLU C 370 22.18 27.98 13.13
C GLU C 370 22.90 26.74 12.60
N ALA C 371 23.93 26.26 13.30
CA ALA C 371 24.53 24.98 12.96
C ALA C 371 23.66 23.78 13.38
N GLY C 372 22.60 24.00 14.16
CA GLY C 372 21.74 22.92 14.60
C GLY C 372 22.06 22.34 15.98
N ASN C 373 23.04 22.90 16.68
CA ASN C 373 23.51 22.39 17.96
C ASN C 373 22.85 23.13 19.11
N PRO C 374 22.74 22.49 20.26
CA PRO C 374 22.03 23.11 21.39
C PRO C 374 22.72 24.39 21.83
N VAL C 375 21.92 25.42 22.05
CA VAL C 375 22.47 26.65 22.62
C VAL C 375 23.04 26.38 24.02
N ASN C 376 22.33 25.56 24.81
CA ASN C 376 22.65 25.33 26.22
C ASN C 376 22.70 23.82 26.42
N ARG C 377 23.88 23.25 26.24
CA ARG C 377 24.04 21.81 26.46
C ARG C 377 23.93 21.43 27.93
N SER C 378 24.39 22.28 28.84
CA SER C 378 24.37 21.91 30.26
CA SER C 378 24.37 21.91 30.25
C SER C 378 22.96 21.63 30.75
N ALA C 379 21.96 22.28 30.17
CA ALA C 379 20.59 22.04 30.59
C ALA C 379 20.05 20.69 30.11
N LEU C 380 20.75 20.01 29.18
CA LEU C 380 20.34 18.68 28.75
C LEU C 380 20.74 17.58 29.75
N GLY C 381 21.76 17.81 30.57
CA GLY C 381 22.28 16.79 31.46
C GLY C 381 21.38 16.46 32.62
N PRO C 382 21.77 15.46 33.40
CA PRO C 382 20.96 15.05 34.57
C PRO C 382 20.70 16.20 35.55
N GLY C 383 19.42 16.42 35.86
CA GLY C 383 19.05 17.53 36.70
C GLY C 383 19.10 18.88 36.01
N GLY C 384 19.27 18.90 34.69
CA GLY C 384 19.15 20.13 33.96
C GLY C 384 17.70 20.40 33.64
N SER C 385 17.43 21.61 33.17
CA SER C 385 16.04 22.01 32.96
C SER C 385 15.39 21.20 31.83
N VAL C 386 16.14 20.76 30.82
CA VAL C 386 15.53 20.00 29.75
C VAL C 386 15.34 18.55 30.18
N CYS C 387 16.33 17.98 30.85
CA CYS C 387 16.16 16.64 31.41
C CYS C 387 14.96 16.59 32.35
N ASP C 388 14.88 17.56 33.28
CA ASP C 388 13.78 17.59 34.24
C ASP C 388 12.44 17.71 33.53
N LEU C 389 12.37 18.53 32.47
CA LEU C 389 11.13 18.67 31.74
C LEU C 389 10.72 17.35 31.09
N TRP C 390 11.66 16.70 30.41
CA TRP C 390 11.32 15.46 29.72
C TRP C 390 10.99 14.35 30.70
N MET C 391 11.75 14.23 31.79
CA MET C 391 11.41 13.22 32.80
C MET C 391 10.01 13.45 33.36
N LYS C 392 9.68 14.72 33.66
CA LYS C 392 8.37 15.02 34.22
C LYS C 392 7.25 14.56 33.30
N LEU C 393 7.36 14.87 32.00
CA LEU C 393 6.34 14.43 31.06
C LEU C 393 6.34 12.92 30.93
N GLN C 394 7.53 12.30 30.88
CA GLN C 394 7.62 10.85 30.74
C GLN C 394 7.00 10.14 31.93
N VAL C 395 7.31 10.60 33.14
CA VAL C 395 6.75 10.03 34.37
C VAL C 395 5.22 10.19 34.38
N ALA C 396 4.73 11.29 33.85
CA ALA C 396 3.29 11.52 33.79
C ALA C 396 2.60 10.70 32.72
N GLY C 397 3.32 9.94 31.90
CA GLY C 397 2.66 9.12 30.92
C GLY C 397 2.51 9.74 29.54
N GLN C 398 3.12 10.87 29.28
CA GLN C 398 2.90 11.61 28.06
C GLN C 398 3.79 11.19 26.89
N ARG C 399 4.62 10.13 27.05
CA ARG C 399 5.50 9.62 26.00
C ARG C 399 6.13 10.75 25.17
N PRO C 400 6.89 11.63 25.81
CA PRO C 400 7.44 12.79 25.06
C PRO C 400 8.60 12.39 24.18
N THR C 401 8.60 12.92 22.96
CA THR C 401 9.79 12.94 22.11
C THR C 401 10.47 14.30 22.22
N ILE C 402 11.56 14.48 21.47
CA ILE C 402 12.36 15.70 21.53
C ILE C 402 12.64 16.19 20.10
N ILE C 403 12.42 17.49 19.86
CA ILE C 403 12.72 18.13 18.57
C ILE C 403 13.48 19.43 18.83
N THR C 404 14.09 19.95 17.77
CA THR C 404 14.77 21.23 17.89
C THR C 404 13.83 22.39 17.55
N SER C 405 14.21 23.59 17.98
CA SER C 405 13.46 24.80 17.64
C SER C 405 13.32 24.98 16.14
N GLN C 406 14.20 24.37 15.33
CA GLN C 406 14.07 24.51 13.89
C GLN C 406 12.87 23.74 13.38
N VAL C 407 12.66 22.54 13.90
CA VAL C 407 11.45 21.79 13.54
C VAL C 407 10.21 22.45 14.14
N ALA C 408 10.31 22.96 15.37
CA ALA C 408 9.19 23.58 16.07
C ALA C 408 8.68 24.83 15.38
N ALA C 409 9.51 25.50 14.57
CA ALA C 409 9.08 26.72 13.90
C ALA C 409 8.34 26.45 12.60
N ASN C 410 8.20 25.20 12.18
CA ASN C 410 7.58 24.84 10.90
C ASN C 410 6.30 24.08 11.19
N GLN C 411 5.16 24.78 11.08
CA GLN C 411 3.86 24.18 11.39
C GLN C 411 3.56 23.00 10.47
N GLU C 412 4.06 23.04 9.23
CA GLU C 412 3.87 21.92 8.31
C GLU C 412 4.65 20.69 8.77
N ALA C 413 5.95 20.86 9.05
CA ALA C 413 6.76 19.74 9.52
C ALA C 413 6.17 19.09 10.75
N LEU C 414 5.66 19.90 11.69
CA LEU C 414 5.04 19.36 12.88
C LEU C 414 3.87 18.44 12.52
N ALA C 415 2.97 18.91 11.67
CA ALA C 415 1.81 18.10 11.30
C ALA C 415 2.24 16.82 10.58
N GLN C 416 3.30 16.90 9.76
CA GLN C 416 3.76 15.71 9.06
C GLN C 416 4.32 14.68 10.03
N ARG C 417 5.04 15.15 11.05
CA ARG C 417 5.50 14.28 12.13
C ARG C 417 4.39 13.93 13.12
N GLY C 418 3.19 14.49 12.93
CA GLY C 418 2.08 14.21 13.82
C GLY C 418 2.27 14.70 15.23
N ILE C 419 2.98 15.81 15.43
CA ILE C 419 3.20 16.37 16.75
C ILE C 419 2.13 17.41 17.04
N LEU C 420 1.42 17.24 18.15
CA LEU C 420 0.26 18.08 18.44
C LEU C 420 0.43 18.95 19.68
N GLU C 421 1.52 18.78 20.42
CA GLU C 421 1.68 19.51 21.68
C GLU C 421 3.17 19.73 21.91
N LEU C 422 3.53 20.97 22.22
CA LEU C 422 4.91 21.40 22.32
C LEU C 422 5.18 21.90 23.73
N HIS C 423 6.33 21.50 24.29
CA HIS C 423 6.77 22.01 25.57
C HIS C 423 8.17 22.61 25.43
N ALA C 424 8.29 23.91 25.69
CA ALA C 424 9.57 24.62 25.64
C ALA C 424 10.18 24.73 27.03
N ASP C 425 11.49 24.91 27.05
CA ASP C 425 12.21 25.12 28.31
C ASP C 425 12.20 26.62 28.58
N GLU C 426 11.25 27.06 29.40
CA GLU C 426 11.03 28.50 29.53
C GLU C 426 12.00 29.18 30.49
N HIS C 427 12.54 28.45 31.47
CA HIS C 427 13.53 29.01 32.41
C HIS C 427 14.67 28.02 32.55
N PRO C 428 15.63 28.05 31.62
CA PRO C 428 16.67 27.02 31.62
C PRO C 428 17.60 27.13 32.82
N TYR C 429 18.09 25.97 33.28
CA TYR C 429 19.14 25.92 34.29
C TYR C 429 20.06 24.75 33.98
N ALA C 430 21.31 24.89 34.42
CA ALA C 430 22.36 23.90 34.18
C ALA C 430 22.10 22.61 34.94
N ALA C 431 22.70 21.52 34.44
CA ALA C 431 22.53 20.21 35.06
C ALA C 431 23.04 20.21 36.50
N ARG C 432 22.12 19.97 37.44
CA ARG C 432 22.46 19.95 38.84
C ARG C 432 23.16 18.67 39.28
N TYR C 433 22.96 17.56 38.58
CA TYR C 433 23.42 16.25 39.05
C TYR C 433 24.65 15.74 38.32
N TYR C 434 24.99 16.34 37.19
CA TYR C 434 25.91 15.74 36.24
C TYR C 434 27.32 15.66 36.78
N THR C 435 27.92 14.47 36.66
CA THR C 435 29.35 14.26 36.83
C THR C 435 29.87 13.52 35.61
N ALA C 436 31.07 13.87 35.16
CA ALA C 436 31.60 13.38 33.89
C ALA C 436 32.54 12.19 34.03
N VAL C 437 32.82 11.74 35.25
CA VAL C 437 33.67 10.57 35.43
C VAL C 437 32.91 9.48 36.16
N SER C 438 33.36 8.23 35.95
CA SER C 438 32.72 7.05 36.53
C SER C 438 33.02 6.87 38.01
N ASP C 439 33.96 7.63 38.57
CA ASP C 439 34.43 7.38 39.92
C ASP C 439 34.90 8.69 40.53
N PRO C 440 34.54 8.97 41.79
CA PRO C 440 35.07 10.17 42.44
C PRO C 440 36.59 10.16 42.60
N SER C 441 37.23 8.99 42.59
CA SER C 441 38.70 8.96 42.64
C SER C 441 39.37 9.47 41.31
N PHE C 442 38.64 10.13 40.40
CA PHE C 442 39.20 10.70 39.18
C PHE C 442 38.95 12.21 39.11
N HIS D 20 10.76 -32.65 11.82
CA HIS D 20 9.82 -31.55 12.00
C HIS D 20 8.37 -32.00 11.76
N MET D 21 8.00 -32.17 10.49
CA MET D 21 6.64 -32.51 10.10
C MET D 21 6.57 -34.02 9.84
N LYS D 22 5.70 -34.71 10.59
CA LYS D 22 5.62 -36.17 10.52
C LYS D 22 4.65 -36.62 9.44
N PHE D 23 5.03 -37.65 8.69
CA PHE D 23 4.19 -38.23 7.65
C PHE D 23 4.12 -39.73 7.85
N GLY D 24 2.90 -40.27 7.97
CA GLY D 24 2.70 -41.70 8.17
C GLY D 24 1.38 -42.17 7.61
N VAL D 25 0.98 -43.41 7.90
CA VAL D 25 -0.26 -43.96 7.38
C VAL D 25 -0.97 -44.74 8.46
N ASN D 26 -2.28 -44.83 8.31
CA ASN D 26 -3.08 -45.77 9.07
C ASN D 26 -2.92 -47.14 8.41
N TYR D 27 -2.40 -48.10 9.16
CA TYR D 27 -1.98 -49.36 8.56
C TYR D 27 -3.15 -50.34 8.53
N THR D 28 -3.66 -50.64 7.32
CA THR D 28 -4.66 -51.67 7.09
C THR D 28 -3.95 -52.88 6.51
N PRO D 29 -3.90 -54.01 7.22
CA PRO D 29 -3.20 -55.19 6.68
C PRO D 29 -3.73 -55.58 5.31
N SER D 30 -2.79 -55.79 4.37
CA SER D 30 -3.21 -55.99 2.98
C SER D 30 -3.85 -57.35 2.77
N HIS D 31 -3.33 -58.36 3.45
CA HIS D 31 -3.98 -59.67 3.47
C HIS D 31 -4.81 -59.74 4.74
N GLY D 32 -6.14 -59.85 4.58
CA GLY D 32 -7.05 -60.06 5.68
C GLY D 32 -7.58 -58.83 6.42
N TRP D 33 -7.09 -57.62 6.14
CA TRP D 33 -7.61 -56.40 6.78
C TRP D 33 -7.42 -56.55 8.29
N PHE D 34 -8.33 -56.02 9.13
CA PHE D 34 -8.16 -56.23 10.58
C PHE D 34 -8.61 -57.61 11.03
N HIS D 35 -9.19 -58.41 10.14
CA HIS D 35 -9.35 -59.82 10.43
C HIS D 35 -8.02 -60.57 10.41
N ALA D 36 -6.95 -59.91 9.97
CA ALA D 36 -5.63 -60.52 10.08
C ALA D 36 -5.29 -60.89 11.52
N TRP D 37 -5.89 -60.22 12.51
CA TRP D 37 -5.58 -60.54 13.90
C TRP D 37 -6.00 -61.97 14.28
N LEU D 38 -6.98 -62.56 13.61
CA LEU D 38 -7.35 -63.94 13.89
C LEU D 38 -6.32 -64.94 13.39
N ASP D 39 -5.45 -64.56 12.46
CA ASP D 39 -4.44 -65.46 11.93
C ASP D 39 -3.35 -64.67 11.24
N PRO D 40 -2.48 -63.98 11.99
CA PRO D 40 -1.61 -63.00 11.35
C PRO D 40 -0.60 -63.70 10.45
N ASP D 41 -0.53 -63.24 9.19
CA ASP D 41 0.48 -63.69 8.24
C ASP D 41 1.69 -62.76 8.45
N TRP D 42 2.62 -63.17 9.31
CA TRP D 42 3.67 -62.26 9.76
C TRP D 42 4.64 -61.90 8.64
N ASP D 43 4.84 -62.76 7.64
CA ASP D 43 5.68 -62.36 6.52
C ASP D 43 4.98 -61.30 5.67
N GLY D 44 3.66 -61.42 5.51
CA GLY D 44 2.93 -60.44 4.74
C GLY D 44 2.85 -59.09 5.45
N ILE D 45 2.66 -59.11 6.77
CA ILE D 45 2.67 -57.87 7.54
C ILE D 45 4.05 -57.23 7.47
N ASP D 46 5.10 -58.05 7.55
CA ASP D 46 6.44 -57.52 7.47
C ASP D 46 6.65 -56.86 6.11
N ASN D 47 6.23 -57.54 5.04
CA ASN D 47 6.33 -56.95 3.73
C ASN D 47 5.51 -55.67 3.62
N ASP D 48 4.28 -55.68 4.15
CA ASP D 48 3.46 -54.48 4.17
C ASP D 48 4.24 -53.30 4.75
N LEU D 49 4.83 -53.50 5.93
CA LEU D 49 5.45 -52.40 6.64
C LEU D 49 6.75 -51.99 5.94
N LYS D 50 7.39 -52.92 5.23
CA LYS D 50 8.57 -52.58 4.44
C LYS D 50 8.19 -51.58 3.35
N GLN D 51 7.09 -51.83 2.62
N GLN D 51 7.12 -51.88 2.58
CA GLN D 51 6.70 -50.93 1.55
CA GLN D 51 6.61 -50.96 1.57
C GLN D 51 6.29 -49.56 2.10
C GLN D 51 6.38 -49.59 2.17
N ILE D 52 5.62 -49.54 3.27
CA ILE D 52 5.27 -48.27 3.89
C ILE D 52 6.53 -47.49 4.24
N SER D 53 7.53 -48.20 4.75
CA SER D 53 8.81 -47.58 5.12
C SER D 53 9.52 -47.04 3.88
N GLU D 54 9.55 -47.82 2.80
CA GLU D 54 10.26 -47.41 1.61
C GLU D 54 9.58 -46.25 0.90
N LEU D 55 8.31 -46.00 1.18
CA LEU D 55 7.63 -44.84 0.61
C LEU D 55 8.08 -43.53 1.26
N GLY D 56 8.87 -43.59 2.34
CA GLY D 56 9.25 -42.40 3.06
C GLY D 56 8.38 -42.07 4.26
N MET D 57 7.44 -42.95 4.63
CA MET D 57 6.67 -42.73 5.84
C MET D 57 7.56 -42.89 7.07
N ASP D 58 7.26 -42.13 8.12
CA ASP D 58 8.01 -42.27 9.36
C ASP D 58 7.21 -42.91 10.50
N HIS D 59 5.91 -43.15 10.33
CA HIS D 59 5.17 -43.78 11.41
C HIS D 59 3.95 -44.51 10.86
N VAL D 60 3.42 -45.42 11.68
CA VAL D 60 2.15 -46.08 11.39
C VAL D 60 1.25 -45.99 12.61
N ARG D 61 -0.05 -45.99 12.35
CA ARG D 61 -1.08 -46.17 13.35
C ARG D 61 -1.68 -47.56 13.15
N ILE D 62 -1.73 -48.36 14.21
CA ILE D 62 -2.24 -49.73 14.12
C ILE D 62 -3.45 -49.90 15.04
N PHE D 63 -4.31 -50.85 14.68
CA PHE D 63 -5.63 -51.02 15.30
C PHE D 63 -5.90 -52.47 15.70
N PRO D 64 -5.60 -52.86 16.93
CA PRO D 64 -6.09 -54.14 17.43
C PRO D 64 -7.60 -54.10 17.59
N ILE D 65 -8.17 -55.29 17.82
CA ILE D 65 -9.62 -55.45 17.95
C ILE D 65 -9.95 -55.72 19.42
N TRP D 66 -10.74 -54.83 20.02
CA TRP D 66 -11.02 -54.93 21.46
C TRP D 66 -11.56 -56.30 21.88
N PRO D 67 -12.63 -56.86 21.29
CA PRO D 67 -13.11 -58.17 21.74
C PRO D 67 -12.10 -59.30 21.57
N TYR D 68 -11.05 -59.13 20.76
CA TYR D 68 -10.00 -60.13 20.74
C TYR D 68 -9.02 -59.94 21.91
N LEU D 69 -8.83 -58.71 22.37
CA LEU D 69 -7.93 -58.48 23.48
C LEU D 69 -8.59 -58.80 24.83
N GLN D 70 -9.88 -58.50 24.96
CA GLN D 70 -10.59 -58.58 26.25
C GLN D 70 -11.96 -59.22 26.04
N PRO D 71 -11.98 -60.52 25.74
CA PRO D 71 -13.27 -61.17 25.43
C PRO D 71 -14.13 -61.44 26.66
N ASN D 72 -13.55 -61.43 27.85
CA ASN D 72 -14.28 -61.44 29.13
C ASN D 72 -13.85 -60.20 29.89
N ARG D 73 -14.76 -59.64 30.68
CA ARG D 73 -14.48 -58.36 31.33
C ARG D 73 -13.22 -58.43 32.18
N THR D 74 -12.93 -59.60 32.74
CA THR D 74 -11.81 -59.79 33.64
C THR D 74 -10.81 -60.82 33.11
N TRP D 75 -10.71 -60.97 31.78
CA TRP D 75 -9.79 -61.95 31.20
C TRP D 75 -9.22 -61.36 29.92
N ILE D 76 -7.93 -61.01 29.96
CA ILE D 76 -7.23 -60.45 28.81
C ILE D 76 -6.48 -61.55 28.06
N ASN D 77 -6.57 -61.52 26.74
CA ASN D 77 -5.96 -62.52 25.88
C ASN D 77 -4.50 -62.18 25.69
N LYS D 78 -3.60 -62.91 26.36
CA LYS D 78 -2.20 -62.48 26.38
C LYS D 78 -1.50 -62.72 25.05
N LYS D 79 -1.96 -63.70 24.27
CA LYS D 79 -1.45 -63.87 22.91
C LYS D 79 -1.83 -62.70 22.03
N GLY D 80 -3.06 -62.18 22.20
CA GLY D 80 -3.48 -61.04 21.41
C GLY D 80 -2.65 -59.81 21.66
N VAL D 81 -2.31 -59.56 22.94
CA VAL D 81 -1.45 -58.43 23.27
C VAL D 81 -0.06 -58.64 22.68
N ALA D 82 0.47 -59.86 22.80
CA ALA D 82 1.80 -60.11 22.24
C ALA D 82 1.82 -59.90 20.74
N ASP D 83 0.71 -60.21 20.06
CA ASP D 83 0.61 -59.99 18.62
C ASP D 83 0.70 -58.51 18.29
N VAL D 84 0.11 -57.66 19.13
CA VAL D 84 0.20 -56.22 18.92
C VAL D 84 1.64 -55.76 19.13
N ARG D 85 2.31 -56.30 20.14
CA ARG D 85 3.70 -55.96 20.37
C ARG D 85 4.57 -56.41 19.21
N ARG D 86 4.26 -57.56 18.63
CA ARG D 86 5.03 -58.04 17.50
C ARG D 86 4.90 -57.08 16.32
N MET D 87 3.68 -56.62 16.04
CA MET D 87 3.49 -55.71 14.93
C MET D 87 4.23 -54.40 15.16
N VAL D 88 4.16 -53.88 16.39
CA VAL D 88 4.95 -52.71 16.75
C VAL D 88 6.44 -52.97 16.50
N HIS D 89 6.90 -54.15 16.92
CA HIS D 89 8.32 -54.51 16.78
C HIS D 89 8.72 -54.59 15.31
N ILE D 90 7.90 -55.26 14.49
CA ILE D 90 8.16 -55.31 13.05
C ILE D 90 8.20 -53.91 12.45
N ALA D 91 7.25 -53.04 12.84
CA ALA D 91 7.30 -51.64 12.39
C ALA D 91 8.64 -51.00 12.73
N GLY D 92 9.10 -51.20 13.96
CA GLY D 92 10.39 -50.64 14.36
C GLY D 92 11.54 -51.20 13.54
N GLU D 93 11.47 -52.50 13.18
CA GLU D 93 12.53 -53.08 12.39
C GLU D 93 12.66 -52.41 11.02
N HIS D 94 11.60 -51.77 10.55
CA HIS D 94 11.68 -51.00 9.32
C HIS D 94 11.76 -49.49 9.57
N GLY D 95 12.15 -49.10 10.79
CA GLY D 95 12.37 -47.70 11.08
C GLY D 95 11.14 -46.85 11.26
N LEU D 96 9.98 -47.48 11.41
CA LEU D 96 8.73 -46.75 11.63
C LEU D 96 8.49 -46.57 13.12
N ASP D 97 8.01 -45.41 13.51
CA ASP D 97 7.40 -45.25 14.82
C ASP D 97 5.98 -45.81 14.80
N ALA D 98 5.50 -46.26 15.95
CA ALA D 98 4.25 -46.98 16.02
C ALA D 98 3.31 -46.30 17.00
N TYR D 99 2.08 -46.04 16.55
CA TYR D 99 0.99 -45.53 17.39
C TYR D 99 -0.12 -46.56 17.40
N VAL D 100 -0.58 -46.93 18.58
CA VAL D 100 -1.54 -48.02 18.77
C VAL D 100 -2.82 -47.47 19.38
N ASP D 101 -3.96 -47.76 18.74
CA ASP D 101 -5.27 -47.45 19.30
C ASP D 101 -5.88 -48.68 19.95
N VAL D 102 -6.53 -48.49 21.11
CA VAL D 102 -6.95 -49.67 21.87
C VAL D 102 -8.37 -50.10 21.53
N PHE D 103 -9.35 -49.22 21.79
CA PHE D 103 -10.77 -49.64 21.82
C PHE D 103 -11.41 -49.54 20.44
N GLN D 104 -11.08 -50.51 19.57
CA GLN D 104 -11.91 -50.80 18.40
C GLN D 104 -12.78 -51.99 18.76
N GLY D 105 -14.07 -51.74 19.03
CA GLY D 105 -14.69 -50.45 18.74
C GLY D 105 -15.06 -50.33 17.27
N HIS D 106 -14.95 -49.12 16.73
CA HIS D 106 -15.46 -48.80 15.40
C HIS D 106 -14.36 -48.77 14.37
N LEU D 107 -14.62 -49.38 13.21
CA LEU D 107 -13.66 -49.45 12.10
C LEU D 107 -14.43 -49.53 10.79
N SER D 108 -14.38 -48.47 9.98
CA SER D 108 -14.88 -48.52 8.60
C SER D 108 -16.31 -49.05 8.54
N SER D 109 -17.14 -48.58 9.49
CA SER D 109 -18.58 -48.76 9.61
C SER D 109 -18.93 -49.97 10.47
N PHE D 110 -17.95 -50.79 10.86
CA PHE D 110 -18.22 -51.96 11.69
C PHE D 110 -17.90 -51.64 13.15
N ASP D 111 -18.76 -52.11 14.06
CA ASP D 111 -18.49 -52.06 15.50
C ASP D 111 -18.09 -53.45 16.00
N PHE D 112 -16.96 -53.52 16.70
CA PHE D 112 -16.46 -54.75 17.31
C PHE D 112 -16.57 -54.57 18.82
N LEU D 113 -17.70 -55.01 19.39
CA LEU D 113 -17.84 -54.83 20.82
C LEU D 113 -17.74 -56.18 21.52
N PRO D 114 -17.14 -56.20 22.71
CA PRO D 114 -17.11 -57.44 23.50
C PRO D 114 -18.51 -57.87 23.89
N SER D 115 -18.66 -59.18 24.13
CA SER D 115 -19.97 -59.72 24.45
C SER D 115 -20.42 -59.34 25.86
N TRP D 116 -19.51 -59.01 26.76
CA TRP D 116 -19.94 -58.59 28.09
C TRP D 116 -20.47 -57.14 28.12
N LEU D 117 -20.66 -56.50 26.95
CA LEU D 117 -21.21 -55.16 26.84
C LEU D 117 -22.40 -55.08 25.88
N VAL D 118 -22.88 -56.22 25.35
CA VAL D 118 -23.99 -56.25 24.41
C VAL D 118 -25.08 -57.23 24.88
N THR D 119 -26.22 -57.15 24.21
CA THR D 119 -27.43 -57.95 24.42
C THR D 119 -27.71 -58.22 25.90
N TRP D 120 -27.70 -59.49 26.32
CA TRP D 120 -28.02 -59.82 27.71
C TRP D 120 -27.09 -59.13 28.70
N HIS D 121 -25.94 -58.65 28.23
CA HIS D 121 -24.98 -57.93 29.07
C HIS D 121 -24.84 -56.47 28.67
N ALA D 122 -25.84 -55.92 27.99
CA ALA D 122 -25.77 -54.55 27.51
C ALA D 122 -25.37 -53.62 28.63
N GLY D 123 -24.30 -52.87 28.41
CA GLY D 123 -23.80 -51.91 29.36
C GLY D 123 -23.35 -50.63 28.70
N ASN D 124 -22.68 -49.78 29.46
CA ASN D 124 -22.24 -48.47 28.99
C ASN D 124 -20.74 -48.37 29.25
N MET D 125 -19.94 -48.32 28.19
CA MET D 125 -18.50 -48.28 28.34
C MET D 125 -17.98 -46.97 28.91
N PHE D 126 -18.80 -45.91 28.95
CA PHE D 126 -18.37 -44.64 29.51
C PHE D 126 -18.80 -44.45 30.97
N THR D 127 -19.94 -45.02 31.40
CA THR D 127 -20.46 -44.73 32.72
C THR D 127 -20.51 -45.92 33.67
N ASP D 128 -20.44 -47.16 33.17
CA ASP D 128 -20.41 -48.32 34.05
C ASP D 128 -19.06 -48.41 34.75
N ALA D 129 -19.06 -48.40 36.08
CA ALA D 129 -17.79 -48.39 36.82
C ALA D 129 -16.96 -49.63 36.49
N ASP D 130 -17.59 -50.81 36.50
CA ASP D 130 -16.83 -52.03 36.26
C ASP D 130 -16.35 -52.15 34.81
N ALA D 131 -17.07 -51.53 33.85
CA ALA D 131 -16.56 -51.45 32.49
C ALA D 131 -15.35 -50.53 32.43
N VAL D 132 -15.46 -49.36 33.07
CA VAL D 132 -14.35 -48.41 33.04
C VAL D 132 -13.12 -49.04 33.68
N ALA D 133 -13.33 -49.84 34.72
CA ALA D 133 -12.21 -50.50 35.40
C ALA D 133 -11.55 -51.54 34.49
N ALA D 134 -12.35 -52.24 33.68
CA ALA D 134 -11.75 -53.20 32.77
C ALA D 134 -11.01 -52.48 31.64
N GLU D 135 -11.52 -51.33 31.20
CA GLU D 135 -10.82 -50.57 30.19
C GLU D 135 -9.47 -50.06 30.72
N ARG D 136 -9.44 -49.58 31.98
CA ARG D 136 -8.18 -49.14 32.56
C ARG D 136 -7.18 -50.30 32.59
N GLU D 137 -7.65 -51.49 32.98
CA GLU D 137 -6.75 -52.65 33.06
C GLU D 137 -6.17 -53.01 31.71
N LEU D 138 -7.00 -53.00 30.66
CA LEU D 138 -6.48 -53.27 29.32
C LEU D 138 -5.48 -52.20 28.89
N VAL D 139 -5.76 -50.92 29.17
CA VAL D 139 -4.83 -49.88 28.76
C VAL D 139 -3.51 -50.01 29.50
N LYS D 140 -3.58 -50.24 30.82
CA LYS D 140 -2.36 -50.44 31.60
C LYS D 140 -1.56 -51.63 31.08
N THR D 141 -2.26 -52.75 30.83
CA THR D 141 -1.62 -53.95 30.29
C THR D 141 -0.95 -53.66 28.94
N MET D 142 -1.68 -53.05 28.01
CA MET D 142 -1.10 -52.72 26.71
C MET D 142 0.12 -51.83 26.88
N THR D 143 -0.04 -50.76 27.65
CA THR D 143 1.02 -49.77 27.77
C THR D 143 2.27 -50.37 28.37
N ASP D 144 2.12 -51.21 29.39
CA ASP D 144 3.29 -51.83 30.02
C ASP D 144 4.02 -52.74 29.04
N GLU D 145 3.28 -53.54 28.28
CA GLU D 145 3.92 -54.39 27.28
C GLU D 145 4.48 -53.57 26.12
N LEU D 146 3.66 -52.70 25.53
CA LEU D 146 4.11 -51.95 24.36
C LEU D 146 5.27 -51.03 24.68
N SER D 147 5.37 -50.53 25.93
CA SER D 147 6.45 -49.62 26.21
C SER D 147 7.81 -50.30 26.21
N LYS D 148 7.85 -51.64 26.19
CA LYS D 148 9.13 -52.33 26.03
C LYS D 148 9.68 -52.22 24.62
N GLU D 149 8.89 -51.71 23.67
CA GLU D 149 9.34 -51.55 22.30
C GLU D 149 9.75 -50.12 22.03
N PRO D 150 10.99 -49.87 21.60
CA PRO D 150 11.41 -48.49 21.33
C PRO D 150 10.59 -47.81 20.24
N ALA D 151 10.03 -48.57 19.31
CA ALA D 151 9.20 -48.00 18.28
C ALA D 151 7.83 -47.54 18.78
N PHE D 152 7.43 -47.90 20.01
CA PHE D 152 6.14 -47.47 20.57
C PHE D 152 6.22 -46.00 20.96
N LYS D 153 5.50 -45.14 20.24
CA LYS D 153 5.54 -43.71 20.52
C LYS D 153 4.22 -43.12 20.96
N GLY D 154 3.13 -43.88 20.94
CA GLY D 154 1.90 -43.30 21.42
C GLY D 154 0.81 -44.31 21.58
N LEU D 155 -0.09 -44.04 22.53
CA LEU D 155 -1.28 -44.84 22.72
C LEU D 155 -2.49 -43.92 22.62
N THR D 156 -3.37 -44.22 21.67
CA THR D 156 -4.64 -43.54 21.51
C THR D 156 -5.74 -44.43 22.09
N LEU D 157 -6.64 -43.86 22.88
CA LEU D 157 -7.68 -44.66 23.54
C LEU D 157 -8.45 -45.52 22.55
N GLY D 158 -8.87 -44.94 21.44
CA GLY D 158 -9.56 -45.71 20.42
C GLY D 158 -9.86 -44.81 19.24
N ASN D 159 -10.27 -45.44 18.15
CA ASN D 159 -10.60 -44.71 16.93
C ASN D 159 -12.00 -44.13 17.02
N ALA D 160 -12.10 -42.80 17.08
CA ALA D 160 -13.41 -42.12 17.11
C ALA D 160 -14.31 -42.73 18.18
N VAL D 161 -13.81 -42.77 19.41
CA VAL D 161 -14.54 -43.39 20.52
C VAL D 161 -15.86 -42.70 20.81
N ASN D 162 -16.02 -41.44 20.38
CA ASN D 162 -17.24 -40.70 20.64
C ASN D 162 -18.43 -41.20 19.84
N GLN D 163 -18.19 -41.94 18.74
CA GLN D 163 -19.30 -42.31 17.87
C GLN D 163 -20.30 -43.23 18.56
N LEU D 164 -19.89 -43.91 19.64
CA LEU D 164 -20.77 -44.77 20.42
C LEU D 164 -21.63 -44.00 21.43
N SER D 165 -21.43 -42.70 21.57
CA SER D 165 -21.94 -41.98 22.73
C SER D 165 -23.21 -41.19 22.46
N ASP D 166 -23.71 -41.20 21.22
CA ASP D 166 -24.77 -40.27 20.83
C ASP D 166 -25.41 -40.75 19.53
N ARG D 167 -26.54 -40.12 19.19
CA ARG D 167 -27.12 -40.25 17.87
C ARG D 167 -26.11 -39.82 16.82
N PRO D 168 -26.13 -40.44 15.63
CA PRO D 168 -27.14 -41.42 15.24
C PRO D 168 -26.72 -42.88 15.45
N HIS D 169 -25.90 -43.16 16.46
CA HIS D 169 -25.53 -44.55 16.69
C HIS D 169 -26.77 -45.34 17.10
N PRO D 170 -27.04 -46.49 16.46
CA PRO D 170 -28.34 -47.17 16.67
C PRO D 170 -28.44 -47.88 18.02
N THR D 171 -27.32 -48.09 18.72
CA THR D 171 -27.34 -48.64 20.08
C THR D 171 -26.43 -47.77 20.95
N LYS D 172 -26.80 -46.51 21.11
CA LYS D 172 -25.95 -45.54 21.78
C LYS D 172 -25.74 -45.89 23.26
N MET D 173 -24.58 -45.50 23.78
CA MET D 173 -24.25 -45.57 25.20
C MET D 173 -24.16 -44.12 25.67
N SER D 174 -25.28 -43.61 26.19
CA SER D 174 -25.42 -42.18 26.46
C SER D 174 -24.51 -41.74 27.61
N ALA D 175 -24.13 -40.47 27.57
CA ALA D 175 -23.30 -39.89 28.61
C ALA D 175 -23.47 -38.38 28.56
N THR D 176 -23.32 -37.74 29.72
CA THR D 176 -23.17 -36.30 29.69
C THR D 176 -21.72 -35.92 29.41
N ASP D 177 -21.52 -34.64 29.07
CA ASP D 177 -20.16 -34.13 28.88
C ASP D 177 -19.35 -34.22 30.16
N ARG D 178 -19.99 -34.08 31.32
CA ARG D 178 -19.27 -34.23 32.58
C ARG D 178 -18.85 -35.68 32.80
N GLN D 179 -19.65 -36.64 32.35
CA GLN D 179 -19.26 -38.05 32.49
C GLN D 179 -18.10 -38.39 31.57
N ILE D 180 -18.10 -37.81 30.36
CA ILE D 180 -16.98 -38.03 29.45
C ILE D 180 -15.71 -37.41 30.03
N ASP D 181 -15.82 -36.23 30.67
CA ASP D 181 -14.67 -35.70 31.39
C ASP D 181 -14.12 -36.74 32.37
N ALA D 182 -15.02 -37.34 33.17
CA ALA D 182 -14.60 -38.35 34.14
C ALA D 182 -13.99 -39.56 33.45
N TRP D 183 -14.59 -39.99 32.35
CA TRP D 183 -14.07 -41.14 31.62
C TRP D 183 -12.65 -40.89 31.10
N LEU D 184 -12.44 -39.75 30.45
CA LEU D 184 -11.11 -39.41 29.95
C LEU D 184 -10.10 -39.28 31.09
N ASP D 185 -10.52 -38.69 32.22
CA ASP D 185 -9.62 -38.62 33.35
C ASP D 185 -9.43 -39.97 34.03
N ALA D 186 -10.25 -40.96 33.73
CA ALA D 186 -10.00 -42.29 34.30
C ALA D 186 -8.98 -43.06 33.47
N LEU D 187 -9.01 -42.91 32.14
CA LEU D 187 -8.21 -43.76 31.26
C LEU D 187 -6.87 -43.14 30.88
N LEU D 188 -6.86 -41.86 30.49
CA LEU D 188 -5.66 -41.26 29.95
C LEU D 188 -4.47 -41.35 30.90
N PRO D 189 -4.62 -41.16 32.22
CA PRO D 189 -3.46 -41.36 33.10
C PRO D 189 -2.82 -42.74 32.97
N THR D 190 -3.61 -43.81 32.96
CA THR D 190 -3.00 -45.13 32.87
C THR D 190 -2.26 -45.32 31.54
N ALA D 191 -2.66 -44.61 30.49
CA ALA D 191 -1.98 -44.67 29.19
C ALA D 191 -0.71 -43.85 29.14
N ALA D 192 -0.47 -42.99 30.12
CA ALA D 192 0.72 -42.15 30.09
C ALA D 192 1.96 -42.97 30.42
N GLY D 193 3.12 -42.39 30.14
CA GLY D 193 4.39 -43.04 30.39
C GLY D 193 5.50 -42.30 29.65
N GLU D 194 6.75 -42.50 30.07
CA GLU D 194 7.86 -41.78 29.46
C GLU D 194 8.16 -42.37 28.08
N GLY D 195 8.44 -41.49 27.11
CA GLY D 195 8.76 -42.01 25.80
C GLY D 195 7.60 -42.32 24.89
N HIS D 196 6.37 -41.96 25.28
CA HIS D 196 5.24 -42.13 24.38
C HIS D 196 4.11 -41.23 24.83
N ASN D 197 3.21 -40.94 23.89
CA ASN D 197 2.09 -40.03 24.08
C ASN D 197 0.85 -40.78 24.55
N ALA D 198 -0.04 -40.03 25.19
CA ALA D 198 -1.37 -40.49 25.56
C ALA D 198 -2.39 -39.58 24.89
N LEU D 199 -3.27 -40.18 24.10
CA LEU D 199 -4.15 -39.46 23.19
C LEU D 199 -5.50 -40.15 23.17
N TYR D 200 -6.48 -39.44 22.63
CA TYR D 200 -7.69 -40.11 22.15
C TYR D 200 -8.08 -39.47 20.84
N SER D 201 -9.10 -40.03 20.19
CA SER D 201 -9.52 -39.51 18.90
C SER D 201 -11.03 -39.58 18.79
N VAL D 202 -11.58 -38.62 18.04
CA VAL D 202 -13.02 -38.49 17.87
C VAL D 202 -13.30 -38.17 16.42
N ASN D 203 -14.54 -38.46 15.99
CA ASN D 203 -14.99 -37.97 14.70
C ASN D 203 -15.50 -36.54 14.85
N ASP D 204 -15.91 -35.92 13.74
CA ASP D 204 -16.12 -34.47 13.72
C ASP D 204 -17.42 -34.04 14.38
N GLY D 205 -18.27 -34.98 14.79
CA GLY D 205 -19.42 -34.59 15.59
C GLY D 205 -19.05 -33.79 16.81
N THR D 206 -17.82 -33.97 17.31
CA THR D 206 -17.35 -33.23 18.48
C THR D 206 -17.45 -31.72 18.25
N TRP D 207 -17.22 -31.28 17.03
CA TRP D 207 -17.28 -29.86 16.73
C TRP D 207 -18.60 -29.45 16.10
N PHE D 208 -19.35 -30.39 15.52
CA PHE D 208 -20.40 -30.04 14.61
C PHE D 208 -21.80 -30.36 15.12
N ILE D 209 -21.92 -31.07 16.24
CA ILE D 209 -23.18 -31.59 16.76
C ILE D 209 -23.47 -30.93 18.10
N ASP D 210 -24.54 -30.15 18.17
CA ASP D 210 -24.89 -29.59 19.47
C ASP D 210 -25.36 -30.68 20.42
N GLY D 211 -25.05 -30.49 21.69
CA GLY D 211 -25.37 -31.49 22.67
C GLY D 211 -24.50 -32.71 22.66
N HIS D 212 -23.50 -32.78 21.79
CA HIS D 212 -22.66 -33.96 21.73
C HIS D 212 -21.78 -34.03 22.96
N PRO D 213 -21.70 -35.19 23.64
CA PRO D 213 -21.04 -35.22 24.95
C PRO D 213 -19.52 -35.17 24.89
N PHE D 214 -18.91 -35.44 23.74
CA PHE D 214 -17.49 -35.14 23.54
C PHE D 214 -17.37 -33.72 23.02
N THR D 215 -16.54 -32.91 23.67
CA THR D 215 -16.54 -31.47 23.45
C THR D 215 -15.22 -30.98 22.87
N PRO D 216 -15.25 -29.85 22.14
CA PRO D 216 -14.00 -29.25 21.65
C PRO D 216 -12.98 -28.93 22.73
N VAL D 217 -13.45 -28.56 23.92
CA VAL D 217 -12.53 -28.22 25.00
C VAL D 217 -11.79 -29.47 25.49
N GLN D 218 -12.50 -30.58 25.62
CA GLN D 218 -11.83 -31.85 25.93
C GLN D 218 -10.76 -32.16 24.89
N SER D 219 -11.14 -32.09 23.61
CA SER D 219 -10.23 -32.48 22.56
C SER D 219 -8.95 -31.65 22.61
N ALA D 220 -9.07 -30.34 22.89
CA ALA D 220 -7.93 -29.46 22.89
C ALA D 220 -7.27 -29.32 24.26
N THR D 221 -7.69 -30.12 25.27
CA THR D 221 -7.06 -30.02 26.59
C THR D 221 -6.66 -31.38 27.19
N LYS D 222 -7.37 -32.46 26.86
CA LYS D 222 -7.08 -33.76 27.47
C LYS D 222 -6.27 -34.62 26.51
N GLY D 223 -5.29 -35.33 27.05
CA GLY D 223 -4.31 -35.98 26.21
C GLY D 223 -3.22 -35.01 25.80
N ASP D 224 -2.22 -35.54 25.07
CA ASP D 224 -1.01 -34.77 24.80
C ASP D 224 -1.12 -33.86 23.58
N MET D 225 -2.05 -34.12 22.66
CA MET D 225 -2.16 -33.34 21.43
C MET D 225 -3.62 -33.30 21.02
N THR D 226 -4.01 -32.21 20.37
CA THR D 226 -5.32 -32.13 19.74
C THR D 226 -5.37 -33.01 18.51
N VAL D 227 -6.31 -33.97 18.49
CA VAL D 227 -6.40 -34.99 17.43
C VAL D 227 -7.65 -34.73 16.60
N ILE D 228 -7.50 -34.76 15.28
CA ILE D 228 -8.62 -34.55 14.36
C ILE D 228 -8.59 -35.59 13.25
N HIS D 229 -9.78 -35.90 12.72
CA HIS D 229 -9.97 -36.72 11.53
C HIS D 229 -10.72 -35.90 10.49
N SER D 230 -10.14 -35.79 9.30
CA SER D 230 -10.66 -34.90 8.26
C SER D 230 -11.25 -35.75 7.14
N TRP D 231 -12.56 -35.70 7.00
CA TRP D 231 -13.28 -36.55 6.04
C TRP D 231 -14.25 -35.65 5.30
N VAL D 232 -13.99 -35.41 4.01
CA VAL D 232 -14.80 -34.48 3.25
C VAL D 232 -16.12 -35.07 2.78
N PHE D 233 -16.41 -36.34 3.09
CA PHE D 233 -17.74 -36.83 2.73
C PHE D 233 -18.81 -36.37 3.72
N ASN D 234 -18.46 -35.51 4.65
CA ASN D 234 -19.38 -35.05 5.68
C ASN D 234 -20.22 -33.86 5.23
N GLY D 235 -20.33 -33.61 3.92
CA GLY D 235 -20.97 -32.41 3.40
C GLY D 235 -20.02 -31.43 2.75
N ILE D 236 -18.74 -31.43 3.13
CA ILE D 236 -17.79 -30.47 2.58
C ILE D 236 -17.74 -30.59 1.07
N ALA D 237 -17.48 -31.81 0.58
CA ALA D 237 -17.36 -32.05 -0.85
C ALA D 237 -18.70 -31.90 -1.55
N GLN D 238 -19.77 -32.46 -0.97
CA GLN D 238 -21.10 -32.37 -1.57
C GLN D 238 -21.54 -30.91 -1.68
N GLY D 239 -21.36 -30.14 -0.63
CA GLY D 239 -21.92 -28.80 -0.62
C GLY D 239 -21.08 -27.77 -1.37
N TYR D 240 -19.80 -27.66 -1.03
CA TYR D 240 -18.93 -26.69 -1.68
C TYR D 240 -18.49 -27.17 -3.06
N GLY D 241 -18.40 -28.48 -3.25
CA GLY D 241 -17.97 -29.01 -4.56
C GLY D 241 -16.69 -29.81 -4.41
N ALA D 242 -16.70 -30.99 -5.02
CA ALA D 242 -15.57 -31.90 -4.93
C ALA D 242 -14.23 -31.21 -5.19
N THR D 243 -14.13 -30.50 -6.31
CA THR D 243 -12.87 -29.91 -6.75
C THR D 243 -12.68 -28.49 -6.25
N SER D 244 -13.58 -28.00 -5.42
CA SER D 244 -13.54 -26.61 -4.98
C SER D 244 -12.34 -26.36 -4.06
N GLU D 245 -11.99 -25.08 -3.94
CA GLU D 245 -10.94 -24.72 -3.00
C GLU D 245 -11.37 -24.93 -1.55
N GLU D 246 -12.66 -24.72 -1.25
CA GLU D 246 -13.12 -24.95 0.11
C GLU D 246 -12.92 -26.42 0.51
N CYS D 247 -13.21 -27.33 -0.42
CA CYS D 247 -13.06 -28.74 -0.09
C CYS D 247 -11.61 -29.10 0.18
N SER D 248 -10.66 -28.58 -0.62
CA SER D 248 -9.26 -28.90 -0.32
C SER D 248 -8.70 -28.09 0.84
N SER D 249 -9.42 -27.08 1.33
CA SER D 249 -8.98 -26.33 2.49
C SER D 249 -9.56 -26.84 3.80
N TYR D 250 -10.32 -27.95 3.76
CA TYR D 250 -11.11 -28.34 4.92
C TYR D 250 -10.24 -28.86 6.06
N ALA D 251 -9.19 -29.60 5.74
CA ALA D 251 -8.32 -30.08 6.81
C ALA D 251 -7.63 -28.91 7.51
N LEU D 252 -7.34 -27.84 6.78
CA LEU D 252 -6.82 -26.65 7.43
C LEU D 252 -7.87 -26.07 8.37
N TYR D 253 -9.10 -25.91 7.89
CA TYR D 253 -10.20 -25.42 8.71
C TYR D 253 -10.32 -26.21 10.00
N LEU D 254 -10.44 -27.53 9.88
CA LEU D 254 -10.61 -28.37 11.05
C LEU D 254 -9.44 -28.20 12.02
N ALA D 255 -8.22 -28.11 11.47
CA ALA D 255 -7.05 -27.91 12.33
C ALA D 255 -7.09 -26.54 13.01
N GLU D 256 -7.43 -25.48 12.27
CA GLU D 256 -7.59 -24.17 12.91
C GLU D 256 -8.75 -24.19 13.88
N LEU D 257 -9.84 -24.88 13.54
CA LEU D 257 -11.00 -24.92 14.43
C LEU D 257 -10.64 -25.62 15.73
N ALA D 258 -10.03 -26.80 15.64
CA ALA D 258 -9.81 -27.62 16.82
C ALA D 258 -8.86 -26.96 17.81
N LYS D 259 -7.80 -26.30 17.33
CA LYS D 259 -6.86 -25.68 18.25
C LYS D 259 -7.40 -24.41 18.89
N ALA D 260 -8.49 -23.83 18.37
CA ALA D 260 -9.00 -22.58 18.95
C ALA D 260 -9.58 -22.77 20.34
N PHE D 261 -9.87 -24.00 20.78
CA PHE D 261 -10.55 -24.19 22.06
C PHE D 261 -9.62 -24.58 23.20
N GLY D 262 -8.30 -24.61 22.98
CA GLY D 262 -7.37 -24.91 24.05
C GLY D 262 -6.87 -23.66 24.76
N LYS D 263 -6.56 -23.82 26.05
CA LYS D 263 -5.89 -22.73 26.77
C LYS D 263 -4.48 -22.50 26.21
N ASP D 264 -3.84 -23.58 25.80
CA ASP D 264 -2.49 -23.54 25.22
C ASP D 264 -2.60 -23.26 23.73
N SER D 265 -2.25 -22.04 23.31
CA SER D 265 -2.29 -21.70 21.89
C SER D 265 -1.21 -22.42 21.09
N GLU D 266 -0.18 -22.95 21.75
CA GLU D 266 0.90 -23.68 21.10
C GLU D 266 0.70 -25.20 21.09
N ARG D 267 -0.45 -25.70 21.55
CA ARG D 267 -0.66 -27.14 21.66
C ARG D 267 -0.74 -27.76 20.28
N PRO D 268 0.00 -28.85 20.03
CA PRO D 268 0.04 -29.43 18.66
C PRO D 268 -1.28 -30.02 18.22
N VAL D 269 -1.47 -30.03 16.90
CA VAL D 269 -2.61 -30.65 16.25
C VAL D 269 -2.08 -31.81 15.40
N TRP D 270 -2.62 -33.00 15.61
CA TRP D 270 -2.28 -34.15 14.78
C TRP D 270 -3.43 -34.42 13.81
N LEU D 271 -3.15 -34.30 12.52
CA LEU D 271 -4.08 -34.74 11.49
C LEU D 271 -3.98 -36.26 11.41
N GLN D 272 -4.67 -36.92 12.34
CA GLN D 272 -4.47 -38.34 12.54
C GLN D 272 -5.12 -39.18 11.44
N GLU D 273 -6.13 -38.65 10.77
CA GLU D 273 -6.74 -39.32 9.64
C GLU D 273 -7.11 -38.28 8.59
N VAL D 274 -6.82 -38.60 7.33
CA VAL D 274 -7.37 -37.85 6.22
C VAL D 274 -7.27 -38.77 5.00
N GLY D 275 -8.36 -38.89 4.24
CA GLY D 275 -8.38 -39.72 3.06
C GLY D 275 -9.00 -38.98 1.89
N ALA D 276 -9.00 -39.66 0.75
CA ALA D 276 -9.51 -39.12 -0.50
C ALA D 276 -10.69 -39.99 -0.92
N PRO D 277 -11.86 -39.82 -0.31
CA PRO D 277 -12.95 -40.80 -0.48
C PRO D 277 -13.62 -40.68 -1.85
N GLU D 278 -13.69 -41.81 -2.55
CA GLU D 278 -14.19 -41.83 -3.91
C GLU D 278 -15.72 -41.98 -4.00
N ASN D 279 -16.44 -41.83 -2.89
CA ASN D 279 -17.89 -41.59 -3.00
C ASN D 279 -18.22 -40.13 -3.29
N VAL D 280 -17.33 -39.21 -2.96
CA VAL D 280 -17.54 -37.79 -3.25
C VAL D 280 -16.46 -37.20 -4.16
N LEU D 281 -15.30 -37.86 -4.32
CA LEU D 281 -14.26 -37.40 -5.21
C LEU D 281 -14.10 -38.39 -6.35
N GLU D 282 -13.77 -37.89 -7.55
CA GLU D 282 -13.55 -38.81 -8.66
C GLU D 282 -12.16 -39.40 -8.57
N THR D 283 -12.01 -40.65 -9.04
CA THR D 283 -10.78 -41.40 -8.79
C THR D 283 -9.55 -40.66 -9.30
N ASP D 284 -9.60 -40.16 -10.53
CA ASP D 284 -8.46 -39.47 -11.15
C ASP D 284 -8.03 -38.21 -10.38
N TYR D 285 -8.93 -37.65 -9.59
CA TYR D 285 -8.64 -36.43 -8.87
C TYR D 285 -7.98 -36.66 -7.52
N THR D 286 -8.00 -37.89 -7.00
CA THR D 286 -7.55 -38.08 -5.63
C THR D 286 -6.08 -37.68 -5.40
N PRO D 287 -5.15 -37.81 -6.37
CA PRO D 287 -3.78 -37.32 -6.12
C PRO D 287 -3.73 -35.81 -5.97
N GLU D 288 -4.37 -35.08 -6.88
CA GLU D 288 -4.41 -33.62 -6.73
C GLU D 288 -5.13 -33.19 -5.45
N PHE D 289 -6.24 -33.86 -5.08
CA PHE D 289 -6.87 -33.60 -3.80
C PHE D 289 -5.90 -33.82 -2.66
N CYS D 290 -5.13 -34.91 -2.72
CA CYS D 290 -4.13 -35.18 -1.69
C CYS D 290 -3.09 -34.05 -1.62
N ARG D 291 -2.49 -33.70 -2.76
CA ARG D 291 -1.47 -32.65 -2.75
C ARG D 291 -2.03 -31.36 -2.18
N LYS D 292 -3.21 -30.95 -2.65
CA LYS D 292 -3.75 -29.66 -2.23
C LYS D 292 -4.21 -29.67 -0.78
N THR D 293 -4.79 -30.79 -0.33
CA THR D 293 -5.22 -30.89 1.06
C THR D 293 -4.03 -30.79 2.01
N VAL D 294 -2.96 -31.52 1.71
CA VAL D 294 -1.81 -31.54 2.61
C VAL D 294 -1.06 -30.22 2.57
N GLU D 295 -0.95 -29.60 1.40
CA GLU D 295 -0.23 -28.32 1.31
C GLU D 295 -0.96 -27.23 2.10
N ARG D 296 -2.28 -27.18 2.00
CA ARG D 296 -3.01 -26.18 2.74
C ARG D 296 -3.00 -26.47 4.24
N ALA D 297 -3.16 -27.74 4.62
CA ALA D 297 -3.12 -28.10 6.04
C ALA D 297 -1.83 -27.64 6.72
N MET D 298 -0.70 -27.69 6.02
CA MET D 298 0.57 -27.23 6.60
C MET D 298 0.66 -25.71 6.80
N ASP D 299 -0.31 -24.94 6.34
CA ASP D 299 -0.40 -23.52 6.67
C ASP D 299 -0.90 -23.27 8.10
N CYS D 300 -1.26 -24.32 8.83
CA CYS D 300 -1.48 -24.25 10.28
C CYS D 300 -0.17 -24.58 10.99
N ARG D 301 0.43 -23.58 11.64
CA ARG D 301 1.73 -23.76 12.26
C ARG D 301 1.72 -24.78 13.40
N ASN D 302 0.55 -25.12 13.94
CA ASN D 302 0.46 -26.11 15.01
C ASN D 302 0.43 -27.54 14.49
N LEU D 303 0.39 -27.74 13.17
CA LEU D 303 0.31 -29.08 12.61
C LEU D 303 1.57 -29.87 12.92
N TRP D 304 1.40 -31.04 13.49
CA TRP D 304 2.50 -31.88 13.91
C TRP D 304 2.75 -33.01 12.94
N GLY D 305 1.69 -33.56 12.37
CA GLY D 305 1.83 -34.65 11.42
C GLY D 305 0.58 -34.86 10.62
N VAL D 306 0.73 -35.58 9.53
CA VAL D 306 -0.37 -36.00 8.68
C VAL D 306 -0.30 -37.51 8.56
N THR D 307 -1.37 -38.19 8.91
CA THR D 307 -1.42 -39.66 8.86
C THR D 307 -2.55 -40.05 7.91
N TRP D 308 -2.17 -40.56 6.74
CA TRP D 308 -3.12 -40.74 5.67
C TRP D 308 -3.95 -42.02 5.88
N TRP D 309 -5.24 -41.96 5.54
CA TRP D 309 -6.12 -43.14 5.57
C TRP D 309 -6.32 -43.60 4.12
N CYS D 310 -5.73 -44.73 3.73
CA CYS D 310 -5.01 -45.68 4.57
C CYS D 310 -3.91 -46.36 3.76
N SER D 311 -3.18 -47.29 4.38
CA SER D 311 -2.02 -47.87 3.72
C SER D 311 -2.43 -48.72 2.51
N HIS D 312 -3.34 -49.67 2.72
CA HIS D 312 -3.69 -50.67 1.71
C HIS D 312 -5.20 -50.76 1.49
N ASP D 313 -5.57 -50.93 0.22
CA ASP D 313 -6.96 -51.13 -0.16
C ASP D 313 -7.56 -52.30 0.63
N VAL D 314 -8.85 -52.20 0.93
CA VAL D 314 -9.55 -53.29 1.61
C VAL D 314 -9.83 -54.41 0.62
N PRO D 315 -9.52 -55.65 0.96
CA PRO D 315 -9.67 -56.75 0.00
C PRO D 315 -11.06 -56.80 -0.61
N ALA D 316 -11.10 -56.91 -1.94
CA ALA D 316 -12.35 -56.89 -2.69
C ALA D 316 -13.27 -58.06 -2.31
N SER D 317 -12.71 -59.16 -1.80
CA SER D 317 -13.52 -60.30 -1.39
C SER D 317 -14.32 -60.05 -0.11
N MET D 318 -14.08 -58.95 0.60
CA MET D 318 -14.79 -58.64 1.84
C MET D 318 -15.93 -57.69 1.53
N GLU D 319 -17.11 -57.96 2.07
CA GLU D 319 -18.29 -57.26 1.63
C GLU D 319 -18.91 -56.51 2.79
N ASP D 320 -19.98 -55.77 2.47
CA ASP D 320 -20.72 -54.85 3.35
C ASP D 320 -19.97 -53.58 3.73
N PHE D 321 -18.76 -53.36 3.21
CA PHE D 321 -18.17 -52.02 3.30
C PHE D 321 -18.94 -51.06 2.41
N PRO D 322 -19.13 -49.80 2.83
CA PRO D 322 -19.36 -48.75 1.82
C PRO D 322 -18.28 -48.88 0.75
N PHE D 323 -18.71 -48.80 -0.52
CA PHE D 323 -17.85 -49.24 -1.60
C PHE D 323 -16.52 -48.48 -1.64
N PHE D 324 -16.50 -47.20 -1.28
CA PHE D 324 -15.28 -46.41 -1.39
C PHE D 324 -14.21 -46.87 -0.42
N GLU D 325 -14.58 -47.60 0.65
CA GLU D 325 -13.58 -48.04 1.62
C GLU D 325 -12.55 -48.94 0.96
N HIS D 326 -12.94 -49.59 -0.14
CA HIS D 326 -12.04 -50.54 -0.77
C HIS D 326 -10.89 -49.84 -1.48
N SER D 327 -11.03 -48.57 -1.80
CA SER D 327 -9.99 -47.90 -2.60
C SER D 327 -9.36 -46.73 -1.85
N LEU D 328 -9.43 -46.72 -0.52
CA LEU D 328 -8.78 -45.66 0.24
C LEU D 328 -7.29 -45.90 0.45
N GLY D 329 -6.74 -46.99 -0.07
CA GLY D 329 -5.34 -47.28 0.18
C GLY D 329 -4.40 -46.40 -0.64
N LEU D 330 -3.19 -46.22 -0.09
CA LEU D 330 -2.07 -45.75 -0.91
C LEU D 330 -1.53 -46.86 -1.81
N PHE D 331 -1.71 -48.11 -1.42
CA PHE D 331 -1.33 -49.27 -2.23
C PHE D 331 -2.59 -50.04 -2.58
N ASP D 332 -2.56 -50.69 -3.75
CA ASP D 332 -3.72 -51.43 -4.20
C ASP D 332 -3.70 -52.84 -3.61
N GLU D 333 -4.63 -53.70 -4.05
CA GLU D 333 -4.75 -55.00 -3.42
C GLU D 333 -3.59 -55.92 -3.82
N GLN D 334 -3.02 -55.75 -5.00
CA GLN D 334 -1.78 -56.46 -5.31
C GLN D 334 -0.57 -55.92 -4.57
N GLY D 335 -0.72 -54.92 -3.68
CA GLY D 335 0.40 -54.33 -2.98
C GLY D 335 1.17 -53.31 -3.79
N GLN D 336 0.70 -52.97 -4.98
CA GLN D 336 1.38 -52.01 -5.84
C GLN D 336 1.06 -50.59 -5.40
N LEU D 337 2.07 -49.72 -5.45
CA LEU D 337 1.87 -48.32 -5.13
C LEU D 337 0.94 -47.66 -6.16
N LYS D 338 -0.07 -46.92 -5.66
CA LYS D 338 -1.04 -46.18 -6.47
C LYS D 338 -0.56 -44.76 -6.72
N PRO D 339 -1.14 -44.07 -7.71
CA PRO D 339 -0.77 -42.66 -7.95
C PRO D 339 -0.89 -41.75 -6.74
N ILE D 340 -1.94 -41.91 -5.93
CA ILE D 340 -2.04 -41.10 -4.71
C ILE D 340 -0.93 -41.47 -3.73
N GLY D 341 -0.51 -42.74 -3.72
CA GLY D 341 0.61 -43.13 -2.89
C GLY D 341 1.93 -42.53 -3.35
N ARG D 342 2.14 -42.45 -4.67
CA ARG D 342 3.27 -41.69 -5.18
C ARG D 342 3.22 -40.24 -4.72
N THR D 343 2.03 -39.63 -4.77
CA THR D 343 1.89 -38.23 -4.38
C THR D 343 2.24 -38.03 -2.91
N PHE D 344 1.70 -38.89 -2.05
CA PHE D 344 1.92 -38.73 -0.62
C PHE D 344 3.39 -38.93 -0.27
N GLY D 345 4.04 -39.94 -0.86
CA GLY D 345 5.48 -40.08 -0.67
C GLY D 345 6.27 -38.86 -1.15
N GLU D 346 5.89 -38.29 -2.29
CA GLU D 346 6.56 -37.08 -2.75
C GLU D 346 6.31 -35.93 -1.77
N LEU D 347 5.09 -35.84 -1.24
CA LEU D 347 4.78 -34.80 -0.25
C LEU D 347 5.66 -34.94 0.98
N ALA D 348 5.78 -36.16 1.51
CA ALA D 348 6.62 -36.39 2.67
C ALA D 348 8.06 -35.93 2.41
N ALA D 349 8.60 -36.26 1.23
CA ALA D 349 9.98 -35.88 0.93
C ALA D 349 10.16 -34.38 0.80
N GLN D 350 9.17 -33.69 0.24
CA GLN D 350 9.30 -32.25 0.07
C GLN D 350 9.22 -31.52 1.41
N TYR D 351 8.29 -31.91 2.27
CA TYR D 351 7.87 -31.07 3.37
C TYR D 351 8.24 -31.58 4.75
N ARG D 352 8.86 -32.76 4.86
CA ARG D 352 9.15 -33.27 6.20
C ARG D 352 10.22 -32.45 6.91
N SER D 353 11.05 -31.73 6.15
CA SER D 353 12.05 -30.84 6.70
C SER D 353 11.61 -29.39 6.79
N ALA D 354 10.42 -29.06 6.28
CA ALA D 354 10.03 -27.67 6.13
C ALA D 354 9.81 -26.99 7.48
N LEU D 355 9.97 -25.66 7.49
CA LEU D 355 9.74 -24.87 8.69
C LEU D 355 8.24 -24.63 8.89
N PRO D 356 7.82 -24.32 10.12
CA PRO D 356 6.40 -24.12 10.37
C PRO D 356 5.86 -22.86 9.69
N ALA D 357 4.54 -22.84 9.53
CA ALA D 357 3.86 -21.78 8.81
C ALA D 357 3.99 -20.45 9.54
N GLN D 358 3.87 -19.37 8.77
CA GLN D 358 3.85 -18.02 9.33
C GLN D 358 2.63 -17.88 10.25
N PRO D 359 2.72 -17.05 11.28
CA PRO D 359 1.54 -16.77 12.10
C PRO D 359 0.49 -16.01 11.29
N LYS D 360 -0.71 -15.94 11.84
CA LYS D 360 -1.87 -15.36 11.15
C LYS D 360 -2.47 -14.23 11.98
N THR D 361 -2.84 -13.15 11.30
CA THR D 361 -3.30 -11.94 11.95
C THR D 361 -4.79 -11.68 11.77
N VAL D 362 -5.47 -12.47 10.95
CA VAL D 362 -6.92 -12.38 10.79
C VAL D 362 -7.55 -13.56 11.51
N ALA D 363 -8.52 -13.29 12.39
CA ALA D 363 -9.15 -14.35 13.17
C ALA D 363 -10.67 -14.31 13.07
N VAL D 364 -11.27 -15.49 12.94
CA VAL D 364 -12.72 -15.65 13.08
C VAL D 364 -13.03 -15.96 14.54
N VAL D 365 -13.99 -15.22 15.11
CA VAL D 365 -14.35 -15.33 16.53
C VAL D 365 -15.56 -16.25 16.70
N ILE D 366 -15.48 -17.19 17.64
CA ILE D 366 -16.57 -18.11 17.96
C ILE D 366 -17.01 -17.89 19.40
N ASP D 367 -18.29 -17.64 19.60
CA ASP D 367 -18.81 -17.43 20.96
C ASP D 367 -18.84 -18.74 21.75
N VAL D 368 -18.42 -18.67 23.01
CA VAL D 368 -18.27 -19.85 23.84
C VAL D 368 -18.87 -19.54 25.22
N ASP D 369 -19.28 -20.62 25.90
CA ASP D 369 -19.78 -20.56 27.27
C ASP D 369 -18.62 -20.41 28.26
N GLU D 370 -18.97 -20.31 29.54
CA GLU D 370 -17.95 -20.13 30.58
C GLU D 370 -16.87 -21.20 30.50
N ALA D 371 -17.24 -22.44 30.17
CA ALA D 371 -16.26 -23.52 30.13
C ALA D 371 -15.38 -23.48 28.89
N GLY D 372 -15.70 -22.64 27.90
CA GLY D 372 -14.89 -22.50 26.72
C GLY D 372 -15.42 -23.23 25.50
N ASN D 373 -16.56 -23.88 25.60
CA ASN D 373 -17.11 -24.64 24.51
C ASN D 373 -18.01 -23.78 23.64
N PRO D 374 -18.12 -24.09 22.34
CA PRO D 374 -18.94 -23.26 21.44
C PRO D 374 -20.41 -23.23 21.86
N VAL D 375 -21.03 -22.06 21.73
CA VAL D 375 -22.45 -21.95 22.04
C VAL D 375 -23.30 -22.60 20.95
N ASN D 376 -22.88 -22.50 19.69
CA ASN D 376 -23.65 -23.01 18.56
C ASN D 376 -22.72 -23.88 17.73
N ARG D 377 -22.62 -25.17 18.09
CA ARG D 377 -21.70 -26.05 17.37
C ARG D 377 -22.18 -26.32 15.96
N SER D 378 -23.50 -26.24 15.74
CA SER D 378 -24.05 -26.55 14.42
CA SER D 378 -24.01 -26.56 14.41
C SER D 378 -23.54 -25.57 13.37
N ALA D 379 -23.33 -24.30 13.75
CA ALA D 379 -22.77 -23.31 12.84
C ALA D 379 -21.34 -23.61 12.42
N LEU D 380 -20.66 -24.56 13.08
CA LEU D 380 -19.27 -24.86 12.76
C LEU D 380 -19.11 -25.87 11.63
N GLY D 381 -20.13 -26.68 11.35
CA GLY D 381 -20.02 -27.72 10.33
C GLY D 381 -20.11 -27.17 8.92
N PRO D 382 -20.02 -28.08 7.94
CA PRO D 382 -20.04 -27.69 6.52
C PRO D 382 -21.32 -26.96 6.15
N GLY D 383 -21.17 -25.75 5.61
CA GLY D 383 -22.32 -24.96 5.25
C GLY D 383 -22.96 -24.22 6.40
N GLY D 384 -22.33 -24.23 7.58
CA GLY D 384 -22.72 -23.35 8.66
C GLY D 384 -22.08 -22.00 8.52
N SER D 385 -22.59 -21.04 9.32
CA SER D 385 -22.16 -19.67 9.15
C SER D 385 -20.68 -19.49 9.47
N VAL D 386 -20.19 -20.17 10.52
CA VAL D 386 -18.79 -20.02 10.88
C VAL D 386 -17.90 -20.65 9.81
N CYS D 387 -18.24 -21.86 9.38
CA CYS D 387 -17.51 -22.49 8.29
C CYS D 387 -17.54 -21.62 7.04
N ASP D 388 -18.73 -21.12 6.69
CA ASP D 388 -18.85 -20.27 5.50
C ASP D 388 -17.98 -19.03 5.63
N LEU D 389 -18.01 -18.39 6.81
CA LEU D 389 -17.21 -17.19 7.04
C LEU D 389 -15.72 -17.49 6.92
N TRP D 390 -15.24 -18.53 7.61
CA TRP D 390 -13.84 -18.91 7.50
C TRP D 390 -13.46 -19.21 6.05
N MET D 391 -14.28 -20.03 5.36
CA MET D 391 -13.98 -20.38 3.98
C MET D 391 -13.89 -19.15 3.09
N LYS D 392 -14.84 -18.22 3.26
CA LYS D 392 -14.85 -17.00 2.45
C LYS D 392 -13.55 -16.21 2.63
N LEU D 393 -13.16 -15.97 3.89
CA LEU D 393 -11.89 -15.30 4.15
C LEU D 393 -10.72 -16.08 3.57
N GLN D 394 -10.68 -17.40 3.80
CA GLN D 394 -9.57 -18.21 3.31
C GLN D 394 -9.46 -18.17 1.79
N VAL D 395 -10.60 -18.29 1.10
CA VAL D 395 -10.63 -18.23 -0.36
C VAL D 395 -10.14 -16.87 -0.86
N ALA D 396 -10.38 -15.81 -0.09
CA ALA D 396 -9.98 -14.46 -0.52
C ALA D 396 -8.53 -14.13 -0.20
N GLY D 397 -7.79 -15.05 0.41
CA GLY D 397 -6.38 -14.85 0.62
C GLY D 397 -6.00 -14.34 2.00
N GLN D 398 -6.93 -14.33 2.94
CA GLN D 398 -6.75 -13.65 4.21
C GLN D 398 -6.11 -14.52 5.29
N ARG D 399 -5.83 -15.79 5.01
CA ARG D 399 -5.23 -16.73 5.95
C ARG D 399 -5.87 -16.61 7.34
N PRO D 400 -7.18 -16.75 7.47
CA PRO D 400 -7.81 -16.61 8.79
C PRO D 400 -7.43 -17.73 9.73
N THR D 401 -7.19 -17.37 10.99
CA THR D 401 -7.18 -18.31 12.10
C THR D 401 -8.52 -18.19 12.83
N ILE D 402 -8.65 -18.90 13.95
CA ILE D 402 -9.92 -18.99 14.66
C ILE D 402 -9.63 -18.86 16.14
N ILE D 403 -10.37 -17.98 16.83
CA ILE D 403 -10.24 -17.79 18.27
C ILE D 403 -11.64 -17.81 18.87
N THR D 404 -11.69 -17.90 20.19
CA THR D 404 -12.97 -17.88 20.90
C THR D 404 -13.30 -16.47 21.37
N SER D 405 -14.57 -16.26 21.72
CA SER D 405 -15.00 -14.99 22.31
C SER D 405 -14.23 -14.63 23.55
N GLN D 406 -13.66 -15.61 24.26
CA GLN D 406 -12.92 -15.30 25.47
C GLN D 406 -11.59 -14.62 25.16
N VAL D 407 -10.87 -15.14 24.15
CA VAL D 407 -9.63 -14.49 23.75
C VAL D 407 -9.91 -13.14 23.12
N ALA D 408 -10.99 -13.05 22.34
CA ALA D 408 -11.34 -11.82 21.64
C ALA D 408 -11.72 -10.68 22.58
N ALA D 409 -12.14 -10.98 23.80
CA ALA D 409 -12.49 -9.96 24.78
C ALA D 409 -11.30 -9.54 25.64
N ASN D 410 -10.09 -9.99 25.29
CA ASN D 410 -8.89 -9.75 26.07
C ASN D 410 -7.82 -9.24 25.11
N GLN D 411 -7.56 -7.93 25.12
CA GLN D 411 -6.63 -7.39 24.12
C GLN D 411 -5.18 -7.72 24.47
N GLU D 412 -4.87 -7.98 25.74
CA GLU D 412 -3.57 -8.57 26.08
C GLU D 412 -3.41 -9.94 25.44
N ALA D 413 -4.40 -10.83 25.63
CA ALA D 413 -4.34 -12.15 25.01
C ALA D 413 -4.43 -12.07 23.49
N LEU D 414 -4.98 -10.99 22.94
CA LEU D 414 -4.98 -10.81 21.49
C LEU D 414 -3.59 -10.46 20.99
N ALA D 415 -2.97 -9.43 21.57
CA ALA D 415 -1.64 -9.02 21.14
C ALA D 415 -0.60 -10.09 21.44
N GLN D 416 -0.88 -10.97 22.40
CA GLN D 416 0.00 -12.12 22.65
C GLN D 416 0.05 -13.04 21.45
N ARG D 417 -1.05 -13.17 20.72
CA ARG D 417 -1.15 -14.00 19.54
C ARG D 417 -0.94 -13.23 18.24
N GLY D 418 -0.63 -11.94 18.34
CA GLY D 418 -0.39 -11.13 17.15
C GLY D 418 -1.58 -10.90 16.25
N ILE D 419 -2.81 -11.12 16.74
CA ILE D 419 -3.99 -10.96 15.92
C ILE D 419 -4.35 -9.47 15.79
N LEU D 420 -4.73 -9.06 14.59
CA LEU D 420 -4.99 -7.66 14.27
C LEU D 420 -6.42 -7.39 13.83
N GLU D 421 -7.09 -8.36 13.22
CA GLU D 421 -8.40 -8.19 12.64
C GLU D 421 -9.32 -9.29 13.13
N LEU D 422 -10.54 -8.93 13.50
CA LEU D 422 -11.52 -9.88 14.02
C LEU D 422 -12.76 -9.88 13.14
N HIS D 423 -13.28 -11.07 12.87
CA HIS D 423 -14.55 -11.22 12.18
C HIS D 423 -15.46 -12.08 13.04
N ALA D 424 -16.63 -11.55 13.35
CA ALA D 424 -17.60 -12.27 14.14
C ALA D 424 -18.70 -12.77 13.22
N ASP D 425 -19.34 -13.86 13.65
CA ASP D 425 -20.51 -14.41 12.98
C ASP D 425 -21.71 -13.57 13.38
N GLU D 426 -22.09 -12.61 12.55
CA GLU D 426 -23.12 -11.67 12.99
C GLU D 426 -24.53 -12.25 12.86
N HIS D 427 -24.75 -13.16 11.91
CA HIS D 427 -26.04 -13.80 11.70
C HIS D 427 -25.81 -15.30 11.56
N PRO D 428 -25.84 -16.04 12.66
CA PRO D 428 -25.47 -17.46 12.59
C PRO D 428 -26.59 -18.29 12.01
N TYR D 429 -26.21 -19.40 11.39
CA TYR D 429 -27.17 -20.37 10.88
C TYR D 429 -26.51 -21.75 10.89
N ALA D 430 -27.34 -22.79 11.07
CA ALA D 430 -26.84 -24.14 11.20
C ALA D 430 -26.27 -24.65 9.87
N ALA D 431 -25.45 -25.69 9.96
CA ALA D 431 -24.72 -26.18 8.78
C ALA D 431 -25.68 -26.79 7.76
N ARG D 432 -25.66 -26.26 6.55
CA ARG D 432 -26.61 -26.70 5.55
C ARG D 432 -26.21 -28.01 4.90
N TYR D 433 -24.93 -28.39 4.99
CA TYR D 433 -24.38 -29.49 4.23
C TYR D 433 -24.10 -30.72 5.06
N TYR D 434 -24.05 -30.58 6.38
CA TYR D 434 -23.41 -31.59 7.23
C TYR D 434 -24.19 -32.88 7.28
N THR D 435 -23.47 -33.99 7.16
CA THR D 435 -23.98 -35.31 7.49
C THR D 435 -22.98 -36.05 8.37
N ALA D 436 -23.49 -36.76 9.37
CA ALA D 436 -22.62 -37.43 10.34
C ALA D 436 -22.30 -38.88 9.99
N VAL D 437 -22.70 -39.36 8.81
CA VAL D 437 -22.38 -40.73 8.42
C VAL D 437 -21.63 -40.75 7.09
N SER D 438 -20.86 -41.83 6.90
CA SER D 438 -20.00 -41.97 5.73
C SER D 438 -20.75 -42.39 4.48
N ASP D 439 -21.84 -43.14 4.63
CA ASP D 439 -22.65 -43.59 3.50
C ASP D 439 -24.12 -43.35 3.79
N PRO D 440 -24.92 -43.00 2.77
CA PRO D 440 -26.36 -42.83 3.01
C PRO D 440 -27.07 -44.10 3.50
N SER D 441 -26.54 -45.28 3.18
CA SER D 441 -27.14 -46.55 3.61
C SER D 441 -27.24 -46.68 5.13
N PHE D 442 -26.68 -45.74 5.90
CA PHE D 442 -26.77 -45.76 7.36
C PHE D 442 -27.72 -44.69 7.88
#